data_4PJ3
#
_entry.id   4PJ3
#
_cell.length_a   94.986
_cell.length_b   140.444
_cell.length_c   144.761
_cell.angle_alpha   90.00
_cell.angle_beta   90.00
_cell.angle_gamma   90.00
#
_symmetry.space_group_name_H-M   'P 21 21 21'
#
loop_
_entity.id
_entity.type
_entity.pdbx_description
1 polymer 'Intron-binding protein aquarius'
2 non-polymer 'PHOSPHOAMINOPHOSPHONIC ACID-ADENYLATE ESTER'
3 non-polymer 'MAGNESIUM ION'
4 water water
#
_entity_poly.entity_id   1
_entity_poly.type   'polypeptide(L)'
_entity_poly.pdbx_seq_one_letter_code
;NAEFVTQLACKYWAPHIKKKSPFDIKVIEDIYEKEIVKSRFAIRKI(MSE)LLEFSQYLENYLW(MSE)NYSPEVSSKAY
L(MSE)SICC(MSE)VNEKFRENVPAWEIFKKKPDHFPFFFKHILKAALAETDGEFSLHEQTVLLLFLDHCFNSLEVDLI
RSQVQQLISLP(MSE)W(MSE)GLQLARLELELKKTPKLRKFWNLIKKNDEK(MSE)DPEAREQAYQERRFLSQLIQKFI
SVLKSVPLSEPVT(MSE)DKVHYCERFIEL(MSE)IDLEALLPTRRWFNTILDDSHLLVHCYLSNLVRREEDGHLFSQLL
D(MSE)LKFYTGFEINDQTGNALTENE(MSE)TTIHYDRITSLQRAAFAHFPELYDFALSNVAEVDTRESLVKFFGPLSS
NTLHQVASYLCLLPTLPKNEDTTFDKEFLLELLVSRHERRISQIQQLNQ(MSE)PLYPTEKIIWDENIVPTEYYSGEGCL
ALPKLNLQFLTLHDYLLRNFNLFRLESTYEIRQDIEDSVSR(MSE)KPWQSEYGGVVFGGWAR(MSE)AQPIVAFTVVEV
AKPNIGENWPTRVRADVTINLNVRDHIKDEWEGLRKHDVCFLITVRPTKPYGTKFDRRRPFIEQVGLVYVRGCEIQG
(MSE)LDDKGRVIEDGPEPRPNLRGESRTFRVFLDPNQYQQD(MSE)TNTIQNGAEDVYETFNII(MSE)RRKPKENNFK
AVLETIRNL(MSE)NTDCVVPDWLHDIILGYGDPSSAHYSK(MSE)PNQIATLDFNDTFLSIEHLKASFPGHNVKVTVED
PALQIPPFRITFPVRSGKGKKRKDADVEDEDTEEAKTLIVEPHVIPNRGPYPYNQPKRNTIQFTHTQIEAIRAG(MSE)Q
PGLT(MSE)VVGPPGTGKTDVAVQIISNIYHNFPEQRTLIVTHSNQALNQLFEKI(MSE)ALDIDERHLLRLGHGEEELE
TEKDFSRYGRVNYVLARRIELLEEVKRLQKSLGVPGDASYTCETAGYFFLYQV(MSE)SRWEEYISKVKNKGSTLPDVTE
VSTFFPFHEYFANAPQPIFKGRSYEED(MSE)EIAEGCFRHIKKIFTQLEEFRASELLRSGLDRSKYLLVKEAKIIA
(MSE)TCTHAALKRHDLVKLGFKYDNIL(MSE)EEAAQILEIETFIPLLLQNPQDGFSRLKRWI(MSE)IGDHHQLPPVI
KN(MSE)AFQKYSN(MSE)EQSLFTRFVRVGVPTVDLDAQGRARASLCNLYNWRYKNLGNLPHVQLLPEFSTANAGLLYD
FQLINVEDFQGVGESEPNPYFYQNLGEAEYVVALF(MSE)Y(MSE)CLLGYPADKISILTTYNGQKHLIRDIINRRCGNN
PLIGRPNKVTTVDRFQGQQNDYILLSLVRTRAVGHLRDVRRLVVA(MSE)SRARLGLYIFARVSLFQNCFELTPAFSQLT
ARPLHLHIIPTEPFPTTRKNGERPSHEVQIIKN(MSE)PQ(MSE)ANFVYN(MSE)Y(MSE)HLIQTTHHYHQTLLQLPP
A(MSE)VEEGEEVQNQETELETEEEA(MSE)TVQADIIPSPTDTSCRQETPAFQTDTTPSETGATSTPEAIPALSETTPT
VVGAVSAPAEANTPQDATSAPEETKHHHHHHHH
;
_entity_poly.pdbx_strand_id   A
#
# COMPACT_ATOMS: atom_id res chain seq x y z
N ASN A 1 16.19 -9.86 36.49
CA ASN A 1 15.97 -11.31 36.48
C ASN A 1 15.92 -11.86 35.05
N ALA A 2 16.72 -11.27 34.16
CA ALA A 2 16.81 -11.74 32.79
C ALA A 2 17.39 -13.16 32.77
N GLU A 3 18.28 -13.41 33.72
CA GLU A 3 18.86 -14.74 33.90
C GLU A 3 17.85 -15.71 34.48
N PHE A 4 16.82 -15.18 35.13
CA PHE A 4 15.78 -16.00 35.75
C PHE A 4 14.81 -16.53 34.70
N VAL A 5 14.21 -15.62 33.93
CA VAL A 5 13.27 -16.00 32.88
C VAL A 5 13.94 -16.88 31.82
N THR A 6 15.20 -16.60 31.51
CA THR A 6 15.94 -17.36 30.51
C THR A 6 16.29 -18.76 31.02
N GLN A 7 16.71 -18.86 32.28
CA GLN A 7 17.01 -20.16 32.88
C GLN A 7 15.76 -21.03 32.94
N LEU A 8 14.63 -20.42 33.26
CA LEU A 8 13.35 -21.11 33.27
C LEU A 8 13.02 -21.61 31.87
N ALA A 9 13.21 -20.74 30.88
CA ALA A 9 12.97 -21.09 29.49
C ALA A 9 13.79 -22.31 29.10
N CYS A 10 15.09 -22.26 29.43
CA CYS A 10 16.00 -23.36 29.13
C CYS A 10 15.55 -24.66 29.78
N LYS A 11 15.05 -24.57 31.00
CA LYS A 11 14.64 -25.75 31.75
C LYS A 11 13.31 -26.33 31.30
N TYR A 12 12.35 -25.45 30.98
CA TYR A 12 10.97 -25.91 30.77
C TYR A 12 10.42 -25.82 29.35
N TRP A 13 10.89 -24.90 28.51
CA TRP A 13 10.22 -24.71 27.23
C TRP A 13 11.03 -24.19 26.04
N ALA A 14 12.27 -23.73 26.27
CA ALA A 14 13.07 -23.13 25.19
C ALA A 14 13.24 -24.07 23.99
N PRO A 15 13.31 -23.49 22.78
CA PRO A 15 13.55 -24.30 21.58
C PRO A 15 15.01 -24.76 21.49
N HIS A 16 15.26 -25.79 20.69
CA HIS A 16 16.60 -26.34 20.49
C HIS A 16 17.20 -26.82 21.80
N ILE A 17 16.35 -27.35 22.67
CA ILE A 17 16.79 -28.05 23.87
C ILE A 17 16.07 -29.40 23.92
N LYS A 18 16.82 -30.46 23.65
CA LYS A 18 16.28 -31.80 23.45
C LYS A 18 15.28 -32.24 24.50
N LYS A 19 15.68 -32.15 25.77
CA LYS A 19 14.86 -32.62 26.86
C LYS A 19 14.57 -31.53 27.89
N LYS A 20 13.29 -31.38 28.23
CA LYS A 20 12.86 -30.35 29.17
C LYS A 20 12.21 -30.97 30.39
N SER A 21 12.19 -30.24 31.49
CA SER A 21 11.46 -30.65 32.68
C SER A 21 9.96 -30.66 32.36
N PRO A 22 9.19 -31.51 33.04
CA PRO A 22 7.76 -31.60 32.72
C PRO A 22 7.01 -30.33 33.14
N PHE A 23 5.81 -30.14 32.61
CA PHE A 23 5.01 -28.97 32.92
C PHE A 23 4.78 -28.82 34.43
N ASP A 24 4.93 -27.59 34.90
CA ASP A 24 4.73 -27.24 36.30
C ASP A 24 3.95 -25.94 36.39
N ILE A 25 2.76 -26.00 36.97
CA ILE A 25 1.87 -24.85 37.04
C ILE A 25 2.49 -23.68 37.81
N LYS A 26 3.37 -23.99 38.75
CA LYS A 26 3.96 -22.96 39.60
C LYS A 26 4.88 -22.02 38.81
N VAL A 27 5.43 -22.52 37.70
CA VAL A 27 6.25 -21.68 36.83
C VAL A 27 5.41 -20.52 36.27
N ILE A 28 4.21 -20.85 35.81
CA ILE A 28 3.27 -19.85 35.31
C ILE A 28 2.89 -18.86 36.41
N GLU A 29 2.57 -19.38 37.58
CA GLU A 29 2.20 -18.55 38.73
C GLU A 29 3.34 -17.64 39.17
N ASP A 30 4.56 -18.18 39.21
CA ASP A 30 5.72 -17.41 39.66
C ASP A 30 6.13 -16.35 38.65
N ILE A 31 6.13 -16.70 37.38
CA ILE A 31 6.50 -15.76 36.33
C ILE A 31 5.52 -14.60 36.26
N TYR A 32 4.23 -14.89 36.40
CA TYR A 32 3.24 -13.83 36.30
C TYR A 32 3.31 -12.86 37.47
N GLU A 33 3.44 -13.38 38.68
CA GLU A 33 3.42 -12.53 39.87
C GLU A 33 4.74 -11.78 40.06
N LYS A 34 5.85 -12.48 39.85
CA LYS A 34 7.15 -11.94 40.20
C LYS A 34 7.88 -11.27 39.03
N GLU A 35 7.58 -11.69 37.81
CA GLU A 35 8.23 -11.09 36.65
C GLU A 35 7.34 -10.07 35.95
N ILE A 36 6.09 -10.46 35.67
CA ILE A 36 5.20 -9.58 34.90
C ILE A 36 4.54 -8.52 35.78
N VAL A 37 3.79 -8.95 36.79
CA VAL A 37 3.07 -8.00 37.65
C VAL A 37 4.01 -7.10 38.44
N LYS A 38 5.05 -7.67 39.03
CA LYS A 38 5.94 -6.91 39.91
C LYS A 38 6.77 -5.89 39.14
N SER A 39 7.06 -6.16 37.87
CA SER A 39 7.82 -5.22 37.05
C SER A 39 6.89 -4.19 36.42
N ARG A 40 5.63 -4.18 36.88
CA ARG A 40 4.60 -3.33 36.31
C ARG A 40 4.43 -3.56 34.82
N PHE A 41 4.32 -4.83 34.45
CA PHE A 41 4.13 -5.25 33.06
C PHE A 41 5.17 -4.62 32.15
N ALA A 42 6.42 -4.71 32.56
CA ALA A 42 7.54 -4.17 31.80
C ALA A 42 7.63 -4.83 30.43
N ILE A 43 7.73 -4.00 29.40
CA ILE A 43 7.68 -4.49 28.03
C ILE A 43 8.84 -5.43 27.73
N ARG A 44 10.02 -5.14 28.27
CA ARG A 44 11.20 -5.95 28.00
C ARG A 44 11.07 -7.36 28.56
N LYS A 45 10.43 -7.48 29.72
CA LYS A 45 10.15 -8.78 30.32
C LYS A 45 9.20 -9.59 29.44
N ILE A 46 8.13 -8.94 29.00
CA ILE A 46 7.11 -9.58 28.17
C ILE A 46 7.68 -9.99 26.82
N LEU A 48 10.88 -10.79 26.21
CA LEU A 48 11.76 -11.94 26.45
C LEU A 48 10.97 -13.23 26.53
N LEU A 49 9.86 -13.18 27.25
CA LEU A 49 8.97 -14.33 27.38
C LEU A 49 8.39 -14.73 26.02
N GLU A 50 7.88 -13.73 25.29
CA GLU A 50 7.27 -13.99 23.99
C GLU A 50 8.28 -14.55 23.00
N PHE A 51 9.47 -13.95 22.95
CA PHE A 51 10.49 -14.38 22.01
C PHE A 51 11.01 -15.78 22.35
N SER A 52 10.96 -16.13 23.64
CA SER A 52 11.44 -17.44 24.08
C SER A 52 10.43 -18.53 23.78
N GLN A 53 9.30 -18.13 23.18
CA GLN A 53 8.22 -19.04 22.74
C GLN A 53 7.42 -19.62 23.93
N TYR A 54 7.22 -18.79 24.94
CA TYR A 54 6.46 -19.12 26.15
C TYR A 54 5.04 -19.56 25.83
N LEU A 55 4.38 -18.86 24.92
CA LEU A 55 3.00 -19.19 24.55
C LEU A 55 2.90 -20.52 23.84
N GLU A 56 3.77 -20.73 22.85
CA GLU A 56 3.73 -21.92 22.02
C GLU A 56 4.20 -23.17 22.76
N ASN A 57 5.20 -23.03 23.61
CA ASN A 57 5.89 -24.18 24.18
C ASN A 57 5.55 -24.50 25.63
N TYR A 58 4.94 -23.55 26.33
CA TYR A 58 4.60 -23.79 27.73
C TYR A 58 3.13 -23.51 28.03
N LEU A 59 2.69 -22.29 27.75
CA LEU A 59 1.36 -21.84 28.15
C LEU A 59 0.22 -22.65 27.52
N TRP A 60 0.05 -22.55 26.21
CA TRP A 60 -1.20 -23.05 25.63
C TRP A 60 -1.30 -24.56 25.54
N ASN A 62 -0.18 -26.70 27.42
CA ASN A 62 -0.43 -27.25 28.75
C ASN A 62 -1.68 -26.68 29.41
N TYR A 63 -2.48 -25.93 28.64
CA TYR A 63 -3.67 -25.32 29.21
C TYR A 63 -4.85 -26.28 29.20
N SER A 64 -5.58 -26.30 30.30
CA SER A 64 -6.80 -27.09 30.43
C SER A 64 -7.70 -26.41 31.45
N PRO A 65 -9.00 -26.76 31.47
CA PRO A 65 -9.90 -26.19 32.48
C PRO A 65 -9.44 -26.44 33.92
N GLU A 66 -8.81 -27.58 34.16
CA GLU A 66 -8.44 -27.98 35.51
C GLU A 66 -7.28 -27.17 36.06
N VAL A 67 -6.48 -26.58 35.19
CA VAL A 67 -5.29 -25.84 35.61
C VAL A 67 -5.44 -24.34 35.39
N SER A 68 -6.52 -23.95 34.74
CA SER A 68 -6.76 -22.54 34.44
C SER A 68 -6.81 -21.70 35.70
N SER A 69 -6.10 -20.59 35.69
CA SER A 69 -6.11 -19.66 36.81
C SER A 69 -6.05 -18.23 36.27
N LYS A 70 -6.10 -17.25 37.17
CA LYS A 70 -5.95 -15.86 36.77
C LYS A 70 -4.61 -15.65 36.05
N ALA A 71 -3.53 -16.07 36.71
CA ALA A 71 -2.19 -15.96 36.15
C ALA A 71 -2.08 -16.62 34.78
N TYR A 72 -2.76 -17.74 34.61
CA TYR A 72 -2.74 -18.48 33.35
C TYR A 72 -3.46 -17.70 32.24
N LEU A 73 -4.65 -17.19 32.55
CA LEU A 73 -5.44 -16.42 31.60
C LEU A 73 -4.69 -15.15 31.17
N SER A 75 -1.48 -14.43 31.40
CA SER A 75 -0.23 -14.72 30.70
C SER A 75 -0.45 -15.00 29.23
N ILE A 76 -1.51 -15.73 28.92
CA ILE A 76 -1.85 -16.02 27.53
C ILE A 76 -2.18 -14.73 26.78
N CYS A 77 -2.96 -13.86 27.42
CA CYS A 77 -3.36 -12.59 26.82
C CYS A 77 -2.18 -11.63 26.64
N CYS A 78 -1.25 -11.64 27.59
CA CYS A 78 -0.05 -10.81 27.48
C CYS A 78 0.78 -11.23 26.26
N VAL A 80 -0.28 -12.97 23.55
CA VAL A 80 -1.02 -12.68 22.32
C VAL A 80 -0.93 -11.18 21.97
N ASN A 81 -1.12 -10.33 22.98
CA ASN A 81 -1.05 -8.88 22.80
C ASN A 81 0.34 -8.47 22.31
N GLU A 82 1.37 -9.09 22.88
CA GLU A 82 2.74 -8.77 22.51
C GLU A 82 3.05 -9.18 21.08
N LYS A 83 2.49 -10.30 20.65
CA LYS A 83 2.66 -10.76 19.28
C LYS A 83 2.06 -9.75 18.29
N PHE A 84 0.95 -9.15 18.67
CA PHE A 84 0.33 -8.10 17.86
C PHE A 84 1.22 -6.86 17.84
N ARG A 85 1.77 -6.53 19.00
CA ARG A 85 2.65 -5.37 19.11
C ARG A 85 3.88 -5.55 18.23
N GLU A 86 4.30 -6.80 18.05
CA GLU A 86 5.50 -7.12 17.28
C GLU A 86 5.19 -7.53 15.84
N ASN A 87 3.91 -7.54 15.49
CA ASN A 87 3.44 -7.93 14.15
C ASN A 87 3.96 -9.29 13.71
N VAL A 88 3.79 -10.29 14.56
CA VAL A 88 4.05 -11.68 14.22
C VAL A 88 2.74 -12.45 14.41
N PRO A 89 2.57 -13.59 13.71
CA PRO A 89 1.33 -14.38 13.83
C PRO A 89 0.95 -14.68 15.27
N ALA A 90 -0.28 -14.37 15.65
CA ALA A 90 -0.67 -14.40 17.05
C ALA A 90 -1.50 -15.63 17.44
N TRP A 91 -2.07 -16.31 16.46
CA TRP A 91 -3.10 -17.32 16.76
C TRP A 91 -2.75 -18.77 16.43
N GLU A 92 -1.54 -19.03 15.94
CA GLU A 92 -1.21 -20.34 15.39
C GLU A 92 -1.31 -21.50 16.39
N ILE A 93 -0.90 -21.28 17.63
CA ILE A 93 -0.92 -22.37 18.61
C ILE A 93 -2.35 -22.74 19.00
N PHE A 94 -3.26 -21.75 18.97
CA PHE A 94 -4.65 -22.00 19.28
C PHE A 94 -5.29 -22.80 18.15
N LYS A 95 -4.90 -22.48 16.92
CA LYS A 95 -5.37 -23.19 15.75
C LYS A 95 -4.87 -24.63 15.74
N LYS A 96 -3.68 -24.85 16.33
CA LYS A 96 -3.10 -26.18 16.39
C LYS A 96 -3.84 -27.07 17.38
N LYS A 97 -4.14 -26.53 18.56
CA LYS A 97 -4.89 -27.27 19.56
C LYS A 97 -6.09 -26.46 20.07
N PRO A 98 -7.19 -26.47 19.29
CA PRO A 98 -8.37 -25.61 19.51
C PRO A 98 -9.30 -26.07 20.64
N ASP A 99 -9.05 -27.26 21.19
CA ASP A 99 -9.99 -27.92 22.10
C ASP A 99 -10.44 -27.08 23.29
N HIS A 100 -9.49 -26.44 23.98
CA HIS A 100 -9.80 -25.73 25.22
C HIS A 100 -9.98 -24.22 25.03
N PHE A 101 -9.96 -23.76 23.79
CA PHE A 101 -10.14 -22.33 23.52
C PHE A 101 -11.53 -21.78 23.89
N PRO A 102 -12.62 -22.56 23.65
CA PRO A 102 -13.92 -22.01 24.07
C PRO A 102 -14.01 -21.77 25.58
N PHE A 103 -13.47 -22.70 26.37
CA PHE A 103 -13.45 -22.54 27.82
C PHE A 103 -12.61 -21.32 28.19
N PHE A 104 -11.44 -21.21 27.59
CA PHE A 104 -10.54 -20.09 27.83
C PHE A 104 -11.20 -18.76 27.49
N PHE A 105 -11.85 -18.71 26.34
CA PHE A 105 -12.47 -17.48 25.85
C PHE A 105 -13.58 -17.00 26.79
N LYS A 106 -14.44 -17.93 27.21
CA LYS A 106 -15.54 -17.61 28.11
C LYS A 106 -15.03 -17.02 29.41
N HIS A 107 -13.89 -17.50 29.88
CA HIS A 107 -13.35 -17.03 31.15
C HIS A 107 -12.58 -15.72 31.00
N ILE A 108 -12.18 -15.39 29.77
CA ILE A 108 -11.66 -14.07 29.49
C ILE A 108 -12.80 -13.07 29.62
N LEU A 109 -13.97 -13.47 29.14
CA LEU A 109 -15.16 -12.63 29.24
C LEU A 109 -15.54 -12.36 30.68
N LYS A 110 -15.55 -13.42 31.51
CA LYS A 110 -15.84 -13.29 32.93
C LYS A 110 -14.86 -12.34 33.61
N ALA A 111 -13.59 -12.51 33.28
CA ALA A 111 -12.53 -11.69 33.86
C ALA A 111 -12.67 -10.23 33.47
N ALA A 112 -13.08 -9.99 32.23
CA ALA A 112 -13.23 -8.62 31.71
C ALA A 112 -14.36 -7.89 32.42
N LEU A 113 -15.37 -8.64 32.85
CA LEU A 113 -16.52 -8.06 33.52
C LEU A 113 -16.39 -8.06 35.04
N ALA A 114 -15.31 -8.67 35.54
CA ALA A 114 -15.08 -8.76 36.97
C ALA A 114 -15.16 -7.39 37.63
N GLU A 115 -15.64 -7.36 38.86
CA GLU A 115 -15.84 -6.12 39.60
C GLU A 115 -14.58 -5.27 39.60
N THR A 116 -14.74 -3.98 39.32
CA THR A 116 -13.62 -3.05 39.26
C THR A 116 -12.83 -3.05 40.56
N ASP A 117 -11.51 -3.15 40.44
CA ASP A 117 -10.58 -3.20 41.57
C ASP A 117 -10.73 -4.48 42.40
N GLY A 118 -11.45 -5.46 41.86
CA GLY A 118 -11.64 -6.72 42.56
C GLY A 118 -10.47 -7.67 42.37
N GLU A 119 -10.75 -8.88 41.91
CA GLU A 119 -9.71 -9.88 41.65
C GLU A 119 -8.72 -9.38 40.61
N PHE A 120 -9.24 -8.71 39.58
CA PHE A 120 -8.40 -8.17 38.53
C PHE A 120 -8.21 -6.67 38.68
N SER A 121 -6.96 -6.22 38.57
CA SER A 121 -6.68 -4.79 38.61
C SER A 121 -7.16 -4.14 37.33
N LEU A 122 -7.28 -2.82 37.35
CA LEU A 122 -7.79 -2.08 36.19
C LEU A 122 -6.84 -2.22 35.00
N HIS A 123 -5.53 -2.28 35.28
CA HIS A 123 -4.56 -2.50 34.21
C HIS A 123 -4.76 -3.87 33.58
N GLU A 124 -4.96 -4.87 34.43
CA GLU A 124 -5.16 -6.24 33.98
C GLU A 124 -6.40 -6.33 33.10
N GLN A 125 -7.41 -5.54 33.44
CA GLN A 125 -8.65 -5.52 32.67
C GLN A 125 -8.51 -4.66 31.41
N THR A 126 -7.50 -3.80 31.39
CA THR A 126 -7.16 -3.04 30.18
C THR A 126 -6.50 -3.99 29.19
N VAL A 127 -5.59 -4.82 29.71
CA VAL A 127 -4.95 -5.86 28.92
C VAL A 127 -5.99 -6.78 28.29
N LEU A 128 -7.04 -7.08 29.05
CA LEU A 128 -8.13 -7.92 28.55
C LEU A 128 -8.96 -7.20 27.49
N LEU A 129 -9.17 -5.89 27.68
CA LEU A 129 -9.85 -5.07 26.68
C LEU A 129 -9.10 -5.16 25.35
N LEU A 130 -7.80 -4.89 25.40
CA LEU A 130 -6.95 -4.95 24.21
C LEU A 130 -6.98 -6.34 23.57
N PHE A 131 -6.91 -7.38 24.39
CA PHE A 131 -6.95 -8.74 23.88
C PHE A 131 -8.26 -9.00 23.14
N LEU A 132 -9.36 -8.59 23.75
CA LEU A 132 -10.67 -8.77 23.13
C LEU A 132 -10.79 -7.92 21.86
N ASP A 133 -10.13 -6.76 21.85
CA ASP A 133 -10.09 -5.93 20.65
C ASP A 133 -9.43 -6.70 19.51
N HIS A 134 -8.32 -7.37 19.82
CA HIS A 134 -7.64 -8.20 18.83
C HIS A 134 -8.53 -9.33 18.32
N CYS A 135 -9.33 -9.90 19.21
CA CYS A 135 -10.26 -10.96 18.83
C CYS A 135 -11.32 -10.47 17.84
N PHE A 136 -11.98 -9.38 18.19
CA PHE A 136 -13.00 -8.80 17.32
C PHE A 136 -12.39 -8.37 15.99
N ASN A 137 -11.12 -7.96 16.02
CA ASN A 137 -10.40 -7.59 14.81
C ASN A 137 -9.87 -8.81 14.05
N SER A 138 -10.20 -10.01 14.51
CA SER A 138 -9.64 -11.23 13.92
C SER A 138 -10.70 -12.29 13.59
N LEU A 139 -11.87 -11.86 13.15
CA LEU A 139 -12.97 -12.78 12.90
C LEU A 139 -12.73 -13.68 11.67
N GLU A 140 -11.64 -13.43 10.95
CA GLU A 140 -11.27 -14.27 9.82
C GLU A 140 -10.77 -15.63 10.30
N VAL A 141 -10.34 -15.68 11.56
CA VAL A 141 -9.93 -16.93 12.18
C VAL A 141 -11.16 -17.67 12.69
N ASP A 142 -11.45 -18.82 12.08
CA ASP A 142 -12.66 -19.59 12.39
C ASP A 142 -12.79 -19.88 13.88
N LEU A 143 -11.68 -20.23 14.50
CA LEU A 143 -11.66 -20.56 15.93
C LEU A 143 -12.12 -19.38 16.79
N ILE A 144 -11.73 -18.17 16.39
CA ILE A 144 -12.13 -16.97 17.12
C ILE A 144 -13.56 -16.59 16.79
N ARG A 145 -13.90 -16.63 15.50
CA ARG A 145 -15.22 -16.27 15.04
C ARG A 145 -16.31 -17.11 15.69
N SER A 146 -16.06 -18.40 15.84
CA SER A 146 -17.05 -19.31 16.41
C SER A 146 -17.33 -19.00 17.88
N GLN A 147 -16.44 -18.25 18.53
CA GLN A 147 -16.67 -17.84 19.91
C GLN A 147 -17.34 -16.46 19.97
N VAL A 148 -17.01 -15.60 19.02
CA VAL A 148 -17.44 -14.21 19.04
C VAL A 148 -18.85 -14.03 18.48
N GLN A 149 -19.26 -14.95 17.60
CA GLN A 149 -20.59 -14.92 16.98
C GLN A 149 -21.72 -14.62 17.95
N GLN A 150 -21.71 -15.34 19.08
CA GLN A 150 -22.77 -15.23 20.07
C GLN A 150 -22.77 -13.89 20.81
N LEU A 151 -21.67 -13.15 20.72
CA LEU A 151 -21.55 -11.88 21.40
C LEU A 151 -22.12 -10.73 20.58
N ILE A 152 -22.29 -10.95 19.28
CA ILE A 152 -22.58 -9.86 18.36
C ILE A 152 -23.72 -10.12 17.38
N SER A 153 -24.42 -11.24 17.55
CA SER A 153 -25.54 -11.55 16.68
C SER A 153 -26.84 -10.93 17.19
N LEU A 154 -27.92 -11.09 16.43
CA LEU A 154 -29.24 -10.58 16.81
C LEU A 154 -29.67 -10.88 18.27
N PRO A 155 -29.41 -12.10 18.79
CA PRO A 155 -29.79 -12.34 20.18
C PRO A 155 -29.18 -11.39 21.22
N TRP A 157 -29.54 -8.48 21.35
CA TRP A 157 -30.54 -7.44 21.56
C TRP A 157 -31.40 -7.65 22.79
N GLY A 159 -30.17 -7.44 25.45
CA GLY A 159 -29.53 -6.47 26.31
C GLY A 159 -30.15 -5.09 26.16
N LEU A 160 -31.02 -4.93 25.17
CA LEU A 160 -31.72 -3.67 24.94
C LEU A 160 -32.79 -3.43 26.00
N GLN A 161 -33.07 -2.16 26.28
CA GLN A 161 -34.27 -1.81 27.02
C GLN A 161 -35.47 -2.40 26.28
N LEU A 162 -36.43 -2.93 27.04
CA LEU A 162 -37.55 -3.66 26.46
C LEU A 162 -38.34 -2.81 25.46
N ALA A 163 -38.51 -1.52 25.77
CA ALA A 163 -39.24 -0.62 24.89
C ALA A 163 -38.48 -0.37 23.58
N ARG A 164 -37.16 -0.30 23.67
CA ARG A 164 -36.33 -0.06 22.48
C ARG A 164 -36.35 -1.28 21.56
N LEU A 165 -36.34 -2.47 22.15
CA LEU A 165 -36.42 -3.70 21.38
C LEU A 165 -37.71 -3.74 20.56
N GLU A 166 -38.82 -3.44 21.22
CA GLU A 166 -40.12 -3.44 20.55
C GLU A 166 -40.18 -2.37 19.46
N LEU A 167 -39.58 -1.22 19.73
CA LEU A 167 -39.49 -0.15 18.75
C LEU A 167 -38.78 -0.62 17.48
N GLU A 168 -37.68 -1.35 17.66
CA GLU A 168 -36.91 -1.84 16.53
C GLU A 168 -37.66 -2.91 15.75
N LEU A 169 -38.36 -3.78 16.46
CA LEU A 169 -39.12 -4.85 15.81
C LEU A 169 -40.32 -4.29 15.05
N LYS A 170 -40.86 -3.17 15.53
CA LYS A 170 -41.93 -2.47 14.83
C LYS A 170 -41.36 -1.74 13.61
N LYS A 171 -40.13 -1.22 13.76
CA LYS A 171 -39.47 -0.50 12.69
C LYS A 171 -39.11 -1.43 11.52
N THR A 172 -38.71 -2.66 11.86
CA THR A 172 -38.36 -3.66 10.86
C THR A 172 -39.14 -4.95 11.11
N PRO A 173 -40.44 -4.95 10.76
CA PRO A 173 -41.37 -6.05 11.08
C PRO A 173 -40.87 -7.44 10.69
N LYS A 174 -40.05 -7.53 9.64
CA LYS A 174 -39.52 -8.81 9.21
C LYS A 174 -38.53 -9.39 10.22
N LEU A 175 -38.06 -8.56 11.14
CA LEU A 175 -37.14 -9.02 12.18
C LEU A 175 -37.80 -9.90 13.23
N ARG A 176 -39.09 -9.72 13.43
CA ARG A 176 -39.76 -10.36 14.56
C ARG A 176 -39.79 -11.88 14.45
N LYS A 177 -39.96 -12.39 13.23
CA LYS A 177 -40.00 -13.84 13.03
C LYS A 177 -38.66 -14.46 13.38
N PHE A 178 -37.57 -13.77 13.04
CA PHE A 178 -36.23 -14.24 13.38
C PHE A 178 -36.03 -14.14 14.89
N TRP A 179 -36.62 -13.12 15.49
CA TRP A 179 -36.57 -12.97 16.94
C TRP A 179 -37.31 -14.10 17.63
N ASN A 180 -38.51 -14.40 17.13
CA ASN A 180 -39.31 -15.51 17.65
C ASN A 180 -38.58 -16.83 17.52
N LEU A 181 -37.99 -17.06 16.36
CA LEU A 181 -37.25 -18.29 16.09
C LEU A 181 -36.11 -18.49 17.10
N ILE A 182 -35.44 -17.40 17.46
CA ILE A 182 -34.40 -17.44 18.47
C ILE A 182 -34.98 -17.88 19.82
N LYS A 183 -36.11 -17.29 20.20
CA LYS A 183 -36.75 -17.59 21.47
C LYS A 183 -37.18 -19.05 21.53
N LYS A 184 -37.61 -19.59 20.39
CA LYS A 184 -38.02 -20.99 20.29
C LYS A 184 -36.84 -21.93 20.47
N ASN A 185 -35.80 -21.72 19.66
CA ASN A 185 -34.56 -22.51 19.75
C ASN A 185 -33.95 -22.45 21.14
N ASP A 186 -34.19 -21.35 21.85
CA ASP A 186 -33.71 -21.19 23.21
C ASP A 186 -34.38 -22.20 24.16
N GLU A 187 -35.61 -22.59 23.83
CA GLU A 187 -36.35 -23.56 24.63
C GLU A 187 -35.67 -24.92 24.62
N LYS A 188 -35.09 -25.28 23.48
CA LYS A 188 -34.44 -26.56 23.29
C LYS A 188 -33.13 -26.70 24.06
N ASP A 190 -30.61 -26.83 27.38
CA ASP A 190 -30.53 -27.23 28.79
C ASP A 190 -30.19 -25.97 29.60
N PRO A 191 -30.58 -25.94 30.89
CA PRO A 191 -30.46 -24.74 31.74
C PRO A 191 -29.08 -24.07 31.80
N GLU A 192 -27.98 -24.82 31.74
CA GLU A 192 -26.67 -24.19 31.84
C GLU A 192 -26.26 -23.59 30.49
N ALA A 193 -26.61 -24.25 29.40
CA ALA A 193 -26.30 -23.75 28.06
C ALA A 193 -27.12 -22.50 27.78
N ARG A 194 -28.31 -22.45 28.36
CA ARG A 194 -29.17 -21.27 28.24
C ARG A 194 -28.57 -20.11 29.02
N GLU A 195 -28.09 -20.38 30.22
CA GLU A 195 -27.49 -19.36 31.06
C GLU A 195 -26.20 -18.84 30.45
N GLN A 196 -25.44 -19.73 29.81
CA GLN A 196 -24.21 -19.32 29.16
C GLN A 196 -24.51 -18.47 27.94
N ALA A 197 -25.56 -18.84 27.21
CA ALA A 197 -25.97 -18.11 26.02
C ALA A 197 -26.41 -16.70 26.38
N TYR A 198 -27.18 -16.57 27.46
CA TYR A 198 -27.68 -15.27 27.90
C TYR A 198 -26.55 -14.37 28.37
N GLN A 199 -25.55 -14.95 29.02
CA GLN A 199 -24.39 -14.20 29.50
C GLN A 199 -23.55 -13.67 28.33
N GLU A 200 -23.41 -14.47 27.29
CA GLU A 200 -22.68 -14.06 26.11
C GLU A 200 -23.43 -12.97 25.36
N ARG A 201 -24.75 -13.13 25.25
CA ARG A 201 -25.60 -12.15 24.59
C ARG A 201 -25.58 -10.80 25.29
N ARG A 202 -25.33 -10.80 26.60
CA ARG A 202 -25.36 -9.56 27.38
C ARG A 202 -23.97 -8.97 27.63
N PHE A 203 -22.92 -9.64 27.15
CA PHE A 203 -21.56 -9.25 27.49
C PHE A 203 -21.21 -7.81 27.14
N LEU A 204 -21.42 -7.44 25.87
CA LEU A 204 -21.03 -6.11 25.40
C LEU A 204 -21.83 -5.00 26.09
N SER A 205 -23.12 -5.24 26.30
CA SER A 205 -23.96 -4.25 26.97
C SER A 205 -23.57 -4.10 28.42
N GLN A 206 -23.18 -5.21 29.04
CA GLN A 206 -22.72 -5.18 30.43
C GLN A 206 -21.31 -4.56 30.53
N LEU A 207 -20.49 -4.81 29.52
CA LEU A 207 -19.15 -4.21 29.46
C LEU A 207 -19.26 -2.70 29.39
N ILE A 208 -20.25 -2.21 28.66
CA ILE A 208 -20.49 -0.78 28.53
C ILE A 208 -20.82 -0.17 29.89
N GLN A 209 -21.63 -0.86 30.68
CA GLN A 209 -21.99 -0.40 32.02
C GLN A 209 -20.78 -0.33 32.93
N LYS A 210 -19.90 -1.32 32.82
CA LYS A 210 -18.65 -1.31 33.58
C LYS A 210 -17.80 -0.11 33.20
N PHE A 211 -17.71 0.17 31.90
CA PHE A 211 -16.96 1.33 31.43
C PHE A 211 -17.53 2.63 31.98
N ILE A 212 -18.84 2.79 31.88
CA ILE A 212 -19.51 4.00 32.31
C ILE A 212 -19.24 4.30 33.78
N SER A 213 -19.20 3.26 34.61
CA SER A 213 -18.92 3.45 36.03
C SER A 213 -17.45 3.74 36.28
N VAL A 214 -16.56 3.16 35.48
CA VAL A 214 -15.14 3.50 35.56
C VAL A 214 -14.95 4.96 35.16
N LEU A 215 -15.54 5.34 34.04
CA LEU A 215 -15.47 6.71 33.53
C LEU A 215 -15.95 7.72 34.55
N LYS A 216 -17.06 7.43 35.21
CA LYS A 216 -17.63 8.34 36.20
C LYS A 216 -16.76 8.51 37.44
N SER A 217 -15.86 7.55 37.67
CA SER A 217 -14.99 7.58 38.82
C SER A 217 -13.80 8.51 38.62
N VAL A 218 -13.65 9.04 37.41
CA VAL A 218 -12.62 10.02 37.13
C VAL A 218 -13.02 11.40 37.63
N PRO A 219 -12.21 11.98 38.53
CA PRO A 219 -12.48 13.31 39.09
C PRO A 219 -12.26 14.42 38.08
N LEU A 220 -12.86 15.58 38.30
CA LEU A 220 -12.72 16.69 37.35
C LEU A 220 -11.33 17.32 37.42
N SER A 221 -10.85 17.62 38.62
CA SER A 221 -9.58 18.32 38.77
C SER A 221 -8.59 17.59 39.67
N GLU A 222 -9.10 16.84 40.65
CA GLU A 222 -8.25 16.09 41.56
C GLU A 222 -7.41 15.06 40.79
N PRO A 223 -6.25 14.68 41.35
CA PRO A 223 -5.39 13.69 40.69
C PRO A 223 -6.13 12.40 40.35
N VAL A 224 -5.83 11.83 39.19
CA VAL A 224 -6.45 10.58 38.77
C VAL A 224 -5.37 9.56 38.42
N THR A 225 -5.62 8.30 38.75
CA THR A 225 -4.69 7.23 38.40
C THR A 225 -4.73 7.00 36.90
N ASP A 227 -4.27 4.43 35.25
CA ASP A 227 -4.90 3.16 34.89
C ASP A 227 -6.37 3.34 34.49
N LYS A 228 -7.03 4.31 35.13
CA LYS A 228 -8.42 4.63 34.77
C LYS A 228 -8.48 5.28 33.39
N VAL A 229 -7.56 6.21 33.15
CA VAL A 229 -7.49 6.91 31.87
C VAL A 229 -7.27 5.92 30.72
N HIS A 230 -6.29 5.05 30.89
CA HIS A 230 -5.93 4.09 29.86
C HIS A 230 -7.02 3.04 29.62
N TYR A 231 -7.74 2.69 30.67
CA TYR A 231 -8.86 1.77 30.52
C TYR A 231 -9.92 2.40 29.63
N CYS A 232 -10.23 3.67 29.90
CA CYS A 232 -11.22 4.39 29.14
C CYS A 232 -10.79 4.55 27.69
N GLU A 233 -9.51 4.78 27.48
CA GLU A 233 -8.95 4.94 26.13
C GLU A 233 -9.11 3.66 25.33
N ARG A 234 -8.62 2.55 25.89
CA ARG A 234 -8.72 1.25 25.22
C ARG A 234 -10.17 0.85 24.99
N PHE A 235 -11.06 1.30 25.85
CA PHE A 235 -12.48 0.96 25.70
C PHE A 235 -13.06 1.64 24.46
N ILE A 236 -12.74 2.91 24.27
CA ILE A 236 -13.23 3.64 23.11
C ILE A 236 -12.62 3.06 21.83
N GLU A 237 -11.35 2.63 21.93
CA GLU A 237 -10.71 1.95 20.81
C GLU A 237 -11.51 0.71 20.42
N LEU A 238 -11.97 -0.04 21.41
CA LEU A 238 -12.80 -1.22 21.16
C LEU A 238 -14.13 -0.84 20.51
N ILE A 240 -14.82 1.81 18.69
CA ILE A 240 -14.57 2.22 17.32
C ILE A 240 -14.46 1.03 16.38
N ASP A 241 -13.64 0.05 16.74
CA ASP A 241 -13.42 -1.11 15.90
C ASP A 241 -14.69 -1.94 15.70
N LEU A 242 -15.45 -2.13 16.78
CA LEU A 242 -16.74 -2.80 16.69
C LEU A 242 -17.69 -2.06 15.73
N GLU A 243 -17.66 -0.73 15.81
CA GLU A 243 -18.56 0.11 15.03
C GLU A 243 -18.13 0.28 13.58
N ALA A 244 -16.84 0.05 13.31
CA ALA A 244 -16.29 0.30 11.97
C ALA A 244 -16.25 -0.98 11.13
N LEU A 245 -16.73 -2.08 11.70
CA LEU A 245 -16.79 -3.36 11.00
C LEU A 245 -18.24 -3.82 10.94
N LEU A 246 -18.76 -4.05 9.74
CA LEU A 246 -20.19 -4.32 9.57
C LEU A 246 -20.71 -5.54 10.37
N PRO A 247 -20.02 -6.70 10.28
CA PRO A 247 -20.53 -7.83 11.08
C PRO A 247 -20.63 -7.55 12.59
N THR A 248 -19.73 -6.75 13.15
CA THR A 248 -19.84 -6.42 14.57
C THR A 248 -20.75 -5.21 14.80
N ARG A 249 -20.89 -4.37 13.78
CA ARG A 249 -21.71 -3.17 13.90
C ARG A 249 -23.21 -3.49 13.78
N ARG A 250 -23.53 -4.45 12.92
CA ARG A 250 -24.91 -4.72 12.48
C ARG A 250 -25.97 -4.67 13.57
N TRP A 251 -25.70 -5.32 14.70
CA TRP A 251 -26.65 -5.33 15.81
C TRP A 251 -26.16 -4.50 16.99
N PHE A 252 -24.84 -4.39 17.13
CA PHE A 252 -24.26 -3.69 18.27
C PHE A 252 -24.48 -2.18 18.22
N ASN A 253 -24.57 -1.61 17.02
CA ASN A 253 -24.81 -0.17 16.88
C ASN A 253 -26.04 0.29 17.63
N THR A 254 -27.12 -0.50 17.55
CA THR A 254 -28.35 -0.21 18.28
C THR A 254 -28.11 -0.30 19.78
N ILE A 255 -27.39 -1.34 20.19
CA ILE A 255 -27.03 -1.55 21.59
C ILE A 255 -26.25 -0.36 22.15
N LEU A 256 -25.27 0.11 21.39
CA LEU A 256 -24.44 1.23 21.80
C LEU A 256 -25.28 2.51 21.96
N ASP A 257 -26.23 2.69 21.04
CA ASP A 257 -27.12 3.83 21.08
C ASP A 257 -28.05 3.76 22.29
N ASP A 258 -28.57 2.57 22.56
CA ASP A 258 -29.49 2.36 23.68
C ASP A 258 -28.82 2.67 25.02
N SER A 259 -27.51 2.50 25.08
CA SER A 259 -26.77 2.73 26.32
C SER A 259 -26.46 4.20 26.55
N HIS A 260 -26.62 5.01 25.51
CA HIS A 260 -26.29 6.44 25.56
C HIS A 260 -24.84 6.72 25.94
N LEU A 261 -23.95 5.78 25.62
CA LEU A 261 -22.53 5.91 25.98
C LEU A 261 -21.91 7.20 25.50
N LEU A 262 -22.21 7.59 24.27
CA LEU A 262 -21.58 8.74 23.65
C LEU A 262 -21.92 10.04 24.38
N VAL A 263 -23.16 10.15 24.86
CA VAL A 263 -23.59 11.32 25.61
C VAL A 263 -22.91 11.35 26.98
N HIS A 264 -22.81 10.17 27.61
CA HIS A 264 -22.07 10.04 28.86
C HIS A 264 -20.63 10.52 28.69
N CYS A 265 -20.01 10.12 27.59
CA CYS A 265 -18.61 10.43 27.34
C CYS A 265 -18.33 11.91 27.09
N TYR A 266 -19.25 12.59 26.41
CA TYR A 266 -19.04 13.99 26.06
C TYR A 266 -19.33 14.93 27.24
N LEU A 267 -20.03 14.42 28.24
CA LEU A 267 -20.32 15.19 29.44
C LEU A 267 -19.36 14.82 30.58
N SER A 268 -18.48 13.88 30.31
CA SER A 268 -17.63 13.29 31.35
C SER A 268 -16.55 14.24 31.84
N ASN A 269 -16.13 14.07 33.08
CA ASN A 269 -15.01 14.83 33.62
C ASN A 269 -13.73 14.59 32.83
N LEU A 270 -13.58 13.38 32.30
CA LEU A 270 -12.36 12.98 31.61
C LEU A 270 -12.08 13.82 30.36
N VAL A 271 -13.10 14.01 29.51
CA VAL A 271 -12.91 14.83 28.31
C VAL A 271 -12.64 16.28 28.68
N ARG A 272 -13.09 16.69 29.85
CA ARG A 272 -12.91 18.06 30.31
C ARG A 272 -11.49 18.32 30.82
N ARG A 273 -10.74 17.25 31.08
CA ARG A 273 -9.33 17.38 31.48
C ARG A 273 -8.46 17.57 30.25
N GLU A 274 -7.98 18.80 30.05
CA GLU A 274 -7.29 19.19 28.81
C GLU A 274 -6.05 18.36 28.49
N GLU A 275 -5.34 17.89 29.51
CA GLU A 275 -4.14 17.08 29.29
C GLU A 275 -4.42 15.59 29.41
N ASP A 276 -4.99 15.18 30.53
CA ASP A 276 -5.27 13.77 30.81
C ASP A 276 -6.23 13.15 29.79
N GLY A 277 -7.26 13.89 29.41
CA GLY A 277 -8.31 13.35 28.57
C GLY A 277 -8.19 13.67 27.09
N HIS A 278 -7.05 14.22 26.69
CA HIS A 278 -6.86 14.65 25.30
C HIS A 278 -6.96 13.49 24.32
N LEU A 279 -6.23 12.41 24.58
CA LEU A 279 -6.32 11.22 23.73
C LEU A 279 -7.72 10.64 23.75
N PHE A 280 -8.33 10.59 24.93
CA PHE A 280 -9.69 10.10 25.10
C PHE A 280 -10.66 10.91 24.24
N SER A 281 -10.44 12.22 24.18
CA SER A 281 -11.27 13.11 23.39
C SER A 281 -11.16 12.83 21.89
N GLN A 282 -9.93 12.60 21.44
CA GLN A 282 -9.69 12.35 20.02
C GLN A 282 -10.24 11.00 19.60
N LEU A 283 -10.12 10.01 20.47
CA LEU A 283 -10.75 8.71 20.25
C LEU A 283 -12.26 8.86 20.23
N LEU A 284 -12.77 9.73 21.09
CA LEU A 284 -14.20 9.99 21.17
C LEU A 284 -14.74 10.56 19.87
N ASP A 285 -14.01 11.50 19.27
CA ASP A 285 -14.40 12.10 17.99
C ASP A 285 -14.47 11.04 16.89
N LEU A 287 -15.15 7.81 17.40
CA LEU A 287 -16.32 6.99 17.71
C LEU A 287 -17.60 7.69 17.25
N LYS A 288 -17.67 8.99 17.50
CA LYS A 288 -18.81 9.80 17.07
C LYS A 288 -19.01 9.74 15.57
N PHE A 289 -17.90 9.74 14.82
CA PHE A 289 -17.96 9.62 13.38
C PHE A 289 -18.64 8.32 12.97
N TYR A 290 -18.39 7.25 13.72
CA TYR A 290 -18.91 5.94 13.34
C TYR A 290 -20.30 5.65 13.90
N THR A 291 -20.63 6.17 15.08
CA THR A 291 -21.97 6.00 15.62
C THR A 291 -22.99 6.72 14.75
N GLY A 292 -22.55 7.75 14.04
CA GLY A 292 -23.42 8.48 13.13
C GLY A 292 -23.10 8.22 11.67
N PHE A 293 -22.36 7.14 11.40
CA PHE A 293 -21.91 6.85 10.04
C PHE A 293 -23.07 6.61 9.08
N GLU A 294 -22.88 7.05 7.84
CA GLU A 294 -23.96 7.04 6.85
C GLU A 294 -24.05 5.68 6.17
N ILE A 295 -24.58 4.70 6.90
CA ILE A 295 -24.79 3.37 6.37
C ILE A 295 -26.07 2.76 6.96
N ASN A 296 -26.78 1.99 6.15
CA ASN A 296 -27.88 1.18 6.64
C ASN A 296 -27.32 -0.07 7.31
N ASP A 297 -27.60 -0.23 8.60
CA ASP A 297 -27.05 -1.35 9.37
C ASP A 297 -27.44 -2.72 8.83
N GLN A 298 -28.65 -2.81 8.27
CA GLN A 298 -29.17 -4.12 7.85
C GLN A 298 -28.81 -4.48 6.42
N THR A 299 -28.88 -3.51 5.51
CA THR A 299 -28.56 -3.79 4.12
C THR A 299 -27.06 -3.68 3.86
N GLY A 300 -26.38 -2.88 4.68
CA GLY A 300 -24.95 -2.67 4.54
C GLY A 300 -24.63 -1.63 3.47
N ASN A 301 -25.68 -1.03 2.91
CA ASN A 301 -25.51 -0.01 1.87
C ASN A 301 -25.32 1.38 2.45
N ALA A 302 -24.56 2.22 1.74
CA ALA A 302 -24.41 3.61 2.11
C ALA A 302 -25.75 4.33 2.01
N LEU A 303 -25.99 5.26 2.92
CA LEU A 303 -27.23 6.02 2.90
C LEU A 303 -27.11 7.20 1.95
N THR A 304 -28.16 7.43 1.17
CA THR A 304 -28.20 8.59 0.28
C THR A 304 -28.47 9.86 1.10
N GLU A 305 -28.41 11.01 0.43
CA GLU A 305 -28.70 12.26 1.12
C GLU A 305 -30.18 12.33 1.49
N ASN A 306 -31.01 11.80 0.63
CA ASN A 306 -32.45 11.76 0.87
C ASN A 306 -32.79 10.88 2.07
N GLU A 307 -32.12 9.74 2.17
CA GLU A 307 -32.36 8.81 3.26
C GLU A 307 -31.94 9.41 4.61
N THR A 309 -31.85 12.64 5.30
CA THR A 309 -32.81 13.69 5.59
C THR A 309 -34.10 13.10 6.15
N THR A 310 -34.54 12.00 5.55
CA THR A 310 -35.74 11.30 5.99
C THR A 310 -35.59 10.80 7.43
N ILE A 311 -34.44 10.21 7.73
CA ILE A 311 -34.15 9.72 9.07
C ILE A 311 -34.26 10.86 10.08
N HIS A 312 -33.64 11.99 9.75
CA HIS A 312 -33.66 13.16 10.61
C HIS A 312 -35.08 13.74 10.73
N TYR A 313 -35.81 13.76 9.63
CA TYR A 313 -37.16 14.30 9.63
C TYR A 313 -38.11 13.40 10.41
N ASP A 314 -37.93 12.09 10.30
CA ASP A 314 -38.76 11.14 11.03
C ASP A 314 -38.57 11.25 12.53
N ARG A 315 -37.34 11.53 12.95
CA ARG A 315 -37.05 11.71 14.37
C ARG A 315 -37.76 12.92 14.96
N ILE A 316 -37.64 14.05 14.27
CA ILE A 316 -38.32 15.27 14.68
C ILE A 316 -39.83 15.03 14.72
N THR A 317 -40.34 14.39 13.67
CA THR A 317 -41.76 14.10 13.55
C THR A 317 -42.31 13.31 14.74
N SER A 318 -41.57 12.29 15.17
CA SER A 318 -42.03 11.46 16.29
C SER A 318 -41.87 12.20 17.62
N LEU A 319 -40.91 13.12 17.68
CA LEU A 319 -40.74 13.95 18.86
C LEU A 319 -41.89 14.95 18.97
N GLN A 320 -42.35 15.45 17.83
CA GLN A 320 -43.45 16.40 17.79
C GLN A 320 -44.77 15.72 18.11
N ARG A 321 -44.92 14.46 17.69
CA ARG A 321 -46.09 13.66 18.03
C ARG A 321 -46.22 13.51 19.55
N ALA A 322 -45.11 13.16 20.19
CA ALA A 322 -45.07 13.01 21.63
C ALA A 322 -45.26 14.35 22.33
N ALA A 323 -44.69 15.40 21.74
CA ALA A 323 -44.82 16.74 22.29
C ALA A 323 -46.27 17.17 22.30
N PHE A 324 -46.94 17.04 21.16
CA PHE A 324 -48.33 17.47 21.01
C PHE A 324 -49.27 16.75 21.97
N ALA A 325 -49.10 15.44 22.10
CA ALA A 325 -50.05 14.62 22.83
C ALA A 325 -49.90 14.71 24.35
N HIS A 326 -48.70 14.98 24.83
CA HIS A 326 -48.42 14.81 26.26
C HIS A 326 -47.76 15.99 26.96
N PHE A 327 -47.35 17.02 26.22
CA PHE A 327 -46.64 18.13 26.84
C PHE A 327 -47.12 19.49 26.33
N PRO A 328 -48.06 20.12 27.09
CA PRO A 328 -48.58 21.45 26.79
C PRO A 328 -47.48 22.51 26.65
N GLU A 329 -46.40 22.38 27.42
CA GLU A 329 -45.29 23.31 27.37
CA GLU A 329 -45.31 23.33 27.36
C GLU A 329 -44.62 23.33 26.00
N LEU A 330 -44.75 22.23 25.27
CA LEU A 330 -44.10 22.08 23.96
C LEU A 330 -45.08 22.17 22.80
N TYR A 331 -46.24 22.78 23.04
CA TYR A 331 -47.27 22.91 22.02
C TYR A 331 -46.76 23.64 20.78
N ASP A 332 -46.11 24.76 20.99
CA ASP A 332 -45.58 25.57 19.88
C ASP A 332 -44.52 24.82 19.09
N PHE A 333 -43.64 24.11 19.80
CA PHE A 333 -42.61 23.31 19.17
C PHE A 333 -43.22 22.25 18.26
N ALA A 334 -44.27 21.60 18.75
CA ALA A 334 -44.89 20.47 18.06
C ALA A 334 -45.55 20.90 16.76
N LEU A 335 -46.01 22.14 16.70
CA LEU A 335 -46.74 22.62 15.54
C LEU A 335 -45.83 23.31 14.51
N SER A 336 -44.59 23.56 14.89
CA SER A 336 -43.66 24.28 14.03
C SER A 336 -43.09 23.40 12.92
N ASN A 337 -42.70 24.03 11.82
CA ASN A 337 -42.01 23.33 10.73
C ASN A 337 -40.66 22.81 11.21
N VAL A 338 -40.22 21.69 10.65
CA VAL A 338 -39.01 21.00 11.09
C VAL A 338 -37.78 21.91 11.14
N ALA A 339 -37.58 22.68 10.08
CA ALA A 339 -36.41 23.56 9.97
C ALA A 339 -36.36 24.61 11.09
N GLU A 340 -37.52 24.95 11.63
CA GLU A 340 -37.59 25.96 12.67
C GLU A 340 -37.27 25.42 14.06
N VAL A 341 -37.21 24.10 14.20
CA VAL A 341 -36.99 23.49 15.52
C VAL A 341 -35.79 22.53 15.59
N ASP A 342 -35.17 22.22 14.46
CA ASP A 342 -34.22 21.11 14.44
C ASP A 342 -32.76 21.52 14.58
N THR A 343 -32.48 22.80 14.76
CA THR A 343 -31.11 23.20 15.05
C THR A 343 -30.85 23.02 16.54
N ARG A 344 -29.58 22.81 16.88
CA ARG A 344 -29.14 22.72 18.27
C ARG A 344 -29.65 23.90 19.08
N GLU A 345 -29.53 25.09 18.50
CA GLU A 345 -29.97 26.33 19.12
C GLU A 345 -31.47 26.31 19.43
N SER A 346 -32.27 25.91 18.45
CA SER A 346 -33.72 25.84 18.62
C SER A 346 -34.12 24.79 19.66
N LEU A 347 -33.42 23.65 19.63
CA LEU A 347 -33.73 22.56 20.54
C LEU A 347 -33.43 22.93 21.98
N VAL A 348 -32.32 23.64 22.20
CA VAL A 348 -31.98 24.13 23.52
C VAL A 348 -33.01 25.16 23.96
N LYS A 349 -33.47 25.98 23.03
CA LYS A 349 -34.49 26.98 23.31
C LYS A 349 -35.79 26.34 23.77
N PHE A 350 -36.14 25.21 23.17
CA PHE A 350 -37.43 24.57 23.44
C PHE A 350 -37.40 23.61 24.64
N PHE A 351 -36.29 22.92 24.83
CA PHE A 351 -36.22 21.88 25.86
C PHE A 351 -35.37 22.29 27.06
N GLY A 352 -34.50 23.27 26.86
CA GLY A 352 -33.68 23.81 27.94
C GLY A 352 -34.42 24.31 29.17
N PRO A 353 -35.52 25.06 28.98
CA PRO A 353 -36.26 25.55 30.16
C PRO A 353 -37.01 24.47 30.94
N LEU A 354 -37.24 23.32 30.33
CA LEU A 354 -38.03 22.26 30.96
C LEU A 354 -37.30 21.63 32.15
N SER A 355 -38.06 21.06 33.07
CA SER A 355 -37.48 20.42 34.25
C SER A 355 -36.85 19.09 33.88
N SER A 356 -36.01 18.56 34.78
CA SER A 356 -35.39 17.25 34.59
C SER A 356 -36.46 16.17 34.41
N ASN A 357 -37.48 16.21 35.26
CA ASN A 357 -38.55 15.24 35.21
C ASN A 357 -39.28 15.21 33.86
N THR A 358 -39.53 16.40 33.32
CA THR A 358 -40.23 16.51 32.04
C THR A 358 -39.39 15.97 30.89
N LEU A 359 -38.10 16.28 30.90
CA LEU A 359 -37.18 15.79 29.88
C LEU A 359 -37.06 14.27 29.93
N HIS A 360 -36.97 13.73 31.14
CA HIS A 360 -36.96 12.27 31.33
C HIS A 360 -38.22 11.66 30.73
N GLN A 361 -39.36 12.29 30.99
CA GLN A 361 -40.63 11.82 30.46
C GLN A 361 -40.67 11.86 28.95
N VAL A 362 -40.16 12.94 28.36
CA VAL A 362 -40.06 13.05 26.91
C VAL A 362 -39.24 11.90 26.34
N ALA A 363 -38.06 11.68 26.93
CA ALA A 363 -37.16 10.62 26.50
C ALA A 363 -37.83 9.25 26.60
N SER A 364 -38.66 9.06 27.63
CA SER A 364 -39.33 7.79 27.83
C SER A 364 -40.34 7.50 26.73
N TYR A 365 -40.97 8.54 26.21
CA TYR A 365 -41.93 8.39 25.12
C TYR A 365 -41.25 8.05 23.80
N LEU A 366 -39.94 8.29 23.73
CA LEU A 366 -39.15 7.95 22.56
C LEU A 366 -38.42 6.61 22.76
N CYS A 367 -38.76 5.94 23.86
CA CYS A 367 -38.15 4.65 24.23
C CYS A 367 -36.65 4.78 24.47
N LEU A 368 -36.24 5.93 25.01
CA LEU A 368 -34.83 6.18 25.28
C LEU A 368 -34.48 5.90 26.73
N LEU A 369 -35.48 6.03 27.60
CA LEU A 369 -35.31 5.79 29.03
C LEU A 369 -36.57 5.13 29.58
N PRO A 370 -36.44 4.40 30.70
CA PRO A 370 -37.65 3.84 31.31
C PRO A 370 -38.60 4.92 31.81
N THR A 371 -39.88 4.60 31.88
CA THR A 371 -40.89 5.52 32.40
C THR A 371 -40.51 6.06 33.77
N LEU A 372 -40.74 7.35 33.97
CA LEU A 372 -40.61 7.93 35.30
C LEU A 372 -41.94 7.74 36.02
N PRO A 373 -41.95 6.88 37.06
CA PRO A 373 -43.17 6.61 37.82
C PRO A 373 -43.78 7.89 38.38
N LYS A 374 -45.09 7.95 38.48
CA LYS A 374 -45.81 9.12 38.97
C LYS A 374 -45.24 9.60 40.31
N ASN A 375 -45.00 10.91 40.38
CA ASN A 375 -44.51 11.58 41.59
C ASN A 375 -43.07 11.23 41.98
N GLU A 376 -42.34 10.58 41.07
CA GLU A 376 -40.93 10.31 41.31
C GLU A 376 -40.06 11.34 40.62
N ASP A 377 -38.90 11.61 41.21
CA ASP A 377 -37.90 12.45 40.57
C ASP A 377 -36.90 11.59 39.81
N THR A 378 -36.43 12.09 38.68
CA THR A 378 -35.46 11.35 37.88
C THR A 378 -34.11 11.32 38.58
N THR A 379 -33.33 10.27 38.31
CA THR A 379 -32.02 10.13 38.90
C THR A 379 -30.92 10.66 37.97
N PHE A 380 -31.34 11.08 36.77
CA PHE A 380 -30.39 11.58 35.77
C PHE A 380 -30.21 13.09 35.89
N ASP A 381 -29.00 13.55 35.56
CA ASP A 381 -28.72 14.99 35.54
C ASP A 381 -29.50 15.67 34.42
N LYS A 382 -29.85 16.93 34.62
CA LYS A 382 -30.59 17.66 33.60
C LYS A 382 -29.74 17.86 32.35
N GLU A 383 -28.43 18.04 32.55
CA GLU A 383 -27.56 18.25 31.39
C GLU A 383 -27.44 16.98 30.57
N PHE A 384 -27.54 15.82 31.21
CA PHE A 384 -27.55 14.55 30.50
C PHE A 384 -28.82 14.43 29.69
N LEU A 385 -29.95 14.65 30.36
CA LEU A 385 -31.26 14.54 29.73
C LEU A 385 -31.39 15.48 28.55
N LEU A 386 -30.91 16.72 28.72
CA LEU A 386 -30.97 17.72 27.66
C LEU A 386 -30.09 17.34 26.49
N GLU A 387 -28.84 16.98 26.78
CA GLU A 387 -27.90 16.62 25.71
C GLU A 387 -28.34 15.35 24.99
N LEU A 388 -29.00 14.45 25.71
CA LEU A 388 -29.55 13.24 25.11
C LEU A 388 -30.55 13.60 24.02
N LEU A 389 -31.52 14.45 24.37
CA LEU A 389 -32.57 14.84 23.43
C LEU A 389 -32.05 15.75 22.32
N VAL A 390 -31.16 16.68 22.67
CA VAL A 390 -30.63 17.62 21.70
C VAL A 390 -29.74 16.95 20.66
N SER A 391 -28.75 16.18 21.12
CA SER A 391 -27.82 15.51 20.21
C SER A 391 -28.52 14.54 19.28
N ARG A 392 -29.59 13.93 19.77
CA ARG A 392 -30.32 12.96 18.97
C ARG A 392 -31.10 13.61 17.83
N HIS A 393 -31.50 14.86 17.99
CA HIS A 393 -32.43 15.48 17.05
C HIS A 393 -31.86 16.64 16.25
N GLU A 394 -30.70 17.16 16.63
CA GLU A 394 -30.13 18.32 15.95
C GLU A 394 -29.72 17.99 14.52
N ARG A 395 -29.69 19.02 13.68
CA ARG A 395 -29.17 18.89 12.31
C ARG A 395 -27.76 18.37 12.34
N ARG A 396 -27.44 17.48 11.40
CA ARG A 396 -26.07 17.01 11.23
C ARG A 396 -25.58 17.39 9.85
N ILE A 397 -24.32 17.78 9.74
CA ILE A 397 -23.70 17.95 8.44
C ILE A 397 -23.24 16.58 7.96
N SER A 398 -23.26 16.37 6.66
CA SER A 398 -22.90 15.07 6.11
C SER A 398 -21.40 14.79 6.22
N GLN A 399 -21.01 13.55 5.94
CA GLN A 399 -19.61 13.15 5.95
C GLN A 399 -18.82 13.89 4.88
N ILE A 400 -19.45 14.14 3.74
CA ILE A 400 -18.82 14.85 2.63
C ILE A 400 -18.54 16.31 2.98
N GLN A 401 -19.52 16.99 3.58
CA GLN A 401 -19.35 18.38 3.99
C GLN A 401 -18.26 18.50 5.04
N GLN A 402 -18.19 17.51 5.91
CA GLN A 402 -17.17 17.43 6.94
C GLN A 402 -15.78 17.35 6.31
N LEU A 403 -15.65 16.46 5.32
CA LEU A 403 -14.40 16.28 4.59
C LEU A 403 -13.99 17.53 3.84
N ASN A 404 -14.96 18.18 3.19
CA ASN A 404 -14.68 19.33 2.34
C ASN A 404 -14.28 20.59 3.13
N GLN A 405 -14.39 20.52 4.46
CA GLN A 405 -13.99 21.63 5.29
C GLN A 405 -12.63 21.41 5.95
N PRO A 407 -8.70 21.41 6.12
CA PRO A 407 -7.49 21.94 5.50
C PRO A 407 -6.59 20.80 5.05
N LEU A 408 -5.82 20.99 3.99
CA LEU A 408 -4.95 19.94 3.49
C LEU A 408 -3.55 20.04 4.05
N TYR A 409 -3.28 21.09 4.83
CA TYR A 409 -1.98 21.24 5.48
C TYR A 409 -2.12 21.10 6.99
N PRO A 410 -1.11 20.51 7.63
CA PRO A 410 -1.10 20.45 9.10
C PRO A 410 -0.66 21.79 9.70
N THR A 411 -1.25 22.17 10.83
CA THR A 411 -0.83 23.36 11.56
C THR A 411 0.04 22.98 12.75
N GLU A 412 0.46 23.97 13.52
CA GLU A 412 1.27 23.72 14.71
C GLU A 412 0.48 22.99 15.80
N LYS A 413 -0.84 22.94 15.65
CA LYS A 413 -1.70 22.24 16.60
C LYS A 413 -1.77 20.73 16.30
N ILE A 414 -1.22 20.34 15.16
CA ILE A 414 -1.29 18.95 14.71
C ILE A 414 0.10 18.30 14.66
N ILE A 415 1.07 19.06 14.16
CA ILE A 415 2.39 18.55 13.83
C ILE A 415 3.13 17.92 15.03
N TRP A 416 2.89 18.45 16.22
CA TRP A 416 3.60 17.96 17.41
C TRP A 416 2.70 17.17 18.37
N ASP A 417 1.48 16.88 17.93
CA ASP A 417 0.55 16.06 18.72
C ASP A 417 0.84 14.58 18.44
N GLU A 418 1.44 13.90 19.42
CA GLU A 418 1.92 12.54 19.19
C GLU A 418 0.83 11.48 19.38
N ASN A 419 -0.39 11.93 19.67
CA ASN A 419 -1.54 11.02 19.68
C ASN A 419 -1.95 10.67 18.25
N ILE A 420 -1.71 11.61 17.34
CA ILE A 420 -2.10 11.44 15.94
C ILE A 420 -0.89 11.49 15.02
N VAL A 421 0.21 12.07 15.53
CA VAL A 421 1.47 12.07 14.81
C VAL A 421 2.57 11.51 15.72
N PRO A 422 2.57 10.19 15.93
CA PRO A 422 3.55 9.55 16.83
C PRO A 422 4.97 9.64 16.31
N THR A 423 5.94 9.63 17.20
CA THR A 423 7.34 9.59 16.81
C THR A 423 7.67 8.14 16.44
N GLU A 424 8.90 7.91 15.98
CA GLU A 424 9.35 6.56 15.69
C GLU A 424 9.63 5.79 16.99
N TYR A 425 9.57 6.50 18.11
CA TYR A 425 9.78 5.89 19.42
C TYR A 425 8.55 5.17 19.96
N TYR A 426 7.45 5.22 19.21
CA TYR A 426 6.19 4.63 19.64
C TYR A 426 6.34 3.13 19.91
N SER A 427 6.11 2.74 21.16
CA SER A 427 6.32 1.36 21.60
C SER A 427 5.16 0.45 21.21
N GLY A 428 3.95 1.00 21.21
CA GLY A 428 2.76 0.22 20.93
C GLY A 428 2.01 -0.13 22.19
N GLU A 429 2.42 0.47 23.30
CA GLU A 429 1.81 0.18 24.60
C GLU A 429 0.52 0.95 24.80
N GLY A 430 0.51 2.21 24.39
CA GLY A 430 -0.71 3.00 24.39
C GLY A 430 -1.34 2.93 23.01
N CYS A 431 -2.56 3.41 22.89
CA CYS A 431 -3.20 3.46 21.57
C CYS A 431 -3.13 4.86 20.97
N LEU A 432 -3.43 4.96 19.69
CA LEU A 432 -3.37 6.24 18.98
C LEU A 432 -4.73 6.52 18.36
N ALA A 433 -5.02 7.80 18.10
CA ALA A 433 -6.26 8.18 17.43
C ALA A 433 -6.09 8.09 15.93
N LEU A 434 -5.93 6.85 15.44
CA LEU A 434 -5.65 6.60 14.03
C LEU A 434 -6.59 5.56 13.44
N PRO A 435 -6.88 5.67 12.14
CA PRO A 435 -7.62 4.63 11.43
C PRO A 435 -6.79 3.36 11.31
N LYS A 436 -7.45 2.22 11.13
CA LYS A 436 -6.74 0.95 10.96
C LYS A 436 -7.09 0.29 9.64
N LEU A 437 -6.08 -0.31 9.02
CA LEU A 437 -6.29 -1.09 7.81
C LEU A 437 -6.23 -2.57 8.13
N ASN A 438 -7.29 -3.30 7.81
CA ASN A 438 -7.28 -4.75 7.98
C ASN A 438 -7.85 -5.45 6.75
N LEU A 439 -9.13 -5.81 6.81
CA LEU A 439 -9.76 -6.54 5.71
C LEU A 439 -10.94 -5.81 5.09
N GLN A 440 -11.81 -5.25 5.94
CA GLN A 440 -13.07 -4.69 5.47
C GLN A 440 -13.23 -3.21 5.77
N PHE A 441 -14.10 -2.57 4.99
CA PHE A 441 -14.50 -1.18 5.20
C PHE A 441 -16.02 -1.08 5.03
N LEU A 442 -16.64 -0.14 5.73
CA LEU A 442 -18.10 0.01 5.70
C LEU A 442 -18.60 0.38 4.31
N THR A 443 -18.11 1.51 3.80
CA THR A 443 -18.47 2.01 2.48
C THR A 443 -17.24 2.56 1.80
N LEU A 444 -17.38 3.01 0.56
CA LEU A 444 -16.26 3.61 -0.15
C LEU A 444 -15.76 4.86 0.56
N HIS A 445 -16.67 5.60 1.18
CA HIS A 445 -16.28 6.80 1.92
C HIS A 445 -15.42 6.45 3.12
N ASP A 446 -15.81 5.40 3.84
CA ASP A 446 -15.02 4.90 4.96
C ASP A 446 -13.62 4.51 4.49
N TYR A 447 -13.58 3.70 3.43
CA TYR A 447 -12.33 3.23 2.84
C TYR A 447 -11.43 4.38 2.40
N LEU A 448 -11.99 5.35 1.69
CA LEU A 448 -11.21 6.47 1.19
C LEU A 448 -10.76 7.40 2.32
N LEU A 449 -11.60 7.57 3.33
CA LEU A 449 -11.27 8.48 4.42
C LEU A 449 -10.18 7.93 5.33
N ARG A 450 -10.20 6.62 5.58
CA ARG A 450 -9.16 5.99 6.39
C ARG A 450 -7.79 6.19 5.74
N ASN A 451 -7.73 5.98 4.42
CA ASN A 451 -6.51 6.19 3.67
C ASN A 451 -6.12 7.66 3.60
N PHE A 452 -7.11 8.54 3.50
CA PHE A 452 -6.90 9.98 3.48
C PHE A 452 -6.20 10.41 4.77
N ASN A 453 -6.79 10.05 5.91
CA ASN A 453 -6.26 10.42 7.21
C ASN A 453 -4.89 9.81 7.53
N LEU A 454 -4.70 8.54 7.16
CA LEU A 454 -3.43 7.88 7.42
C LEU A 454 -2.31 8.51 6.60
N PHE A 455 -2.62 8.81 5.34
CA PHE A 455 -1.67 9.49 4.46
C PHE A 455 -1.38 10.90 4.99
N ARG A 456 -2.44 11.58 5.42
CA ARG A 456 -2.33 12.93 5.95
C ARG A 456 -1.44 13.00 7.18
N LEU A 457 -1.71 12.12 8.14
CA LEU A 457 -1.01 12.15 9.42
C LEU A 457 0.41 11.60 9.33
N GLU A 458 0.62 10.59 8.49
CA GLU A 458 1.96 10.03 8.32
C GLU A 458 2.89 11.03 7.63
N SER A 459 2.34 11.77 6.67
CA SER A 459 3.13 12.78 5.96
C SER A 459 3.49 13.93 6.88
N THR A 460 2.63 14.18 7.87
CA THR A 460 2.86 15.24 8.84
C THR A 460 4.11 14.97 9.69
N TYR A 461 4.43 13.70 9.90
CA TYR A 461 5.61 13.35 10.68
C TYR A 461 6.90 13.80 9.99
N GLU A 462 6.99 13.56 8.68
CA GLU A 462 8.16 13.94 7.91
C GLU A 462 8.28 15.46 7.87
N ILE A 463 7.12 16.12 7.90
CA ILE A 463 7.07 17.57 7.92
C ILE A 463 7.61 18.11 9.24
N ARG A 464 7.27 17.44 10.34
CA ARG A 464 7.83 17.80 11.65
C ARG A 464 9.34 17.75 11.62
N GLN A 465 9.89 16.65 11.12
CA GLN A 465 11.33 16.46 11.04
CA GLN A 465 11.33 16.46 11.01
C GLN A 465 12.00 17.55 10.19
N ASP A 466 11.40 17.86 9.04
CA ASP A 466 11.93 18.89 8.16
C ASP A 466 11.92 20.27 8.84
N ILE A 467 10.84 20.57 9.55
CA ILE A 467 10.70 21.86 10.22
C ILE A 467 11.71 21.98 11.36
N GLU A 468 11.81 20.94 12.19
CA GLU A 468 12.69 20.99 13.35
C GLU A 468 14.15 21.13 12.93
N ASP A 469 14.54 20.47 11.85
CA ASP A 469 15.93 20.53 11.41
C ASP A 469 16.29 21.87 10.80
N SER A 470 15.50 22.34 9.85
CA SER A 470 15.84 23.56 9.12
C SER A 470 15.72 24.80 9.99
N VAL A 471 14.70 24.84 10.85
CA VAL A 471 14.49 25.99 11.73
C VAL A 471 15.54 26.03 12.85
N SER A 472 15.91 24.85 13.37
CA SER A 472 16.97 24.79 14.38
C SER A 472 18.28 25.31 13.82
N ARG A 473 18.62 24.89 12.61
CA ARG A 473 19.84 25.33 11.94
C ARG A 473 19.89 26.85 11.79
N LYS A 475 18.92 28.93 13.94
CA LYS A 475 19.20 29.47 15.26
C LYS A 475 18.45 30.77 15.56
N PRO A 476 17.12 30.68 15.71
CA PRO A 476 16.36 31.90 16.02
C PRO A 476 16.66 32.43 17.42
N TRP A 477 17.14 33.66 17.51
CA TRP A 477 17.46 34.27 18.79
C TRP A 477 16.70 35.57 18.96
N GLN A 478 16.50 35.96 20.21
CA GLN A 478 15.92 37.27 20.53
C GLN A 478 16.91 38.38 20.19
N SER A 479 16.40 39.47 19.65
CA SER A 479 17.18 40.71 19.54
C SER A 479 16.36 41.82 20.19
N GLU A 480 16.72 43.07 19.93
CA GLU A 480 16.01 44.18 20.55
C GLU A 480 15.41 45.12 19.50
N TYR A 481 14.24 45.68 19.79
CA TYR A 481 13.47 45.31 20.97
C TYR A 481 12.43 44.25 20.63
N GLY A 482 12.65 43.04 21.11
CA GLY A 482 11.67 41.97 20.95
C GLY A 482 11.58 41.40 19.55
N GLY A 483 12.66 41.54 18.78
CA GLY A 483 12.68 41.02 17.42
C GLY A 483 13.51 39.75 17.30
N VAL A 484 13.45 39.11 16.14
CA VAL A 484 14.19 37.87 15.90
C VAL A 484 15.44 38.12 15.05
N VAL A 485 16.54 37.48 15.44
CA VAL A 485 17.75 37.46 14.64
C VAL A 485 18.17 36.01 14.46
N PHE A 486 18.57 35.65 13.24
CA PHE A 486 18.94 34.27 12.95
C PHE A 486 20.44 34.08 12.97
N GLY A 487 20.90 33.26 13.91
CA GLY A 487 22.33 33.04 14.12
C GLY A 487 22.95 32.05 13.16
N GLY A 488 22.11 31.34 12.42
CA GLY A 488 22.61 30.37 11.46
C GLY A 488 21.86 30.45 10.15
N TRP A 489 22.25 29.61 9.20
CA TRP A 489 21.56 29.54 7.92
C TRP A 489 21.17 28.10 7.60
N ALA A 490 20.17 27.95 6.76
CA ALA A 490 19.68 26.62 6.40
C ALA A 490 19.47 26.53 4.89
N ARG A 491 19.78 25.36 4.33
CA ARG A 491 19.57 25.13 2.92
C ARG A 491 18.09 25.20 2.56
N ALA A 493 15.42 26.43 4.35
CA ALA A 493 14.56 27.47 4.92
C ALA A 493 15.22 28.84 4.91
N GLN A 494 14.41 29.87 4.61
CA GLN A 494 14.89 31.23 4.49
C GLN A 494 14.05 32.20 5.32
N PRO A 495 14.67 33.28 5.82
CA PRO A 495 13.87 34.32 6.47
C PRO A 495 12.93 34.97 5.46
N ILE A 496 11.69 35.23 5.87
CA ILE A 496 10.75 35.96 5.03
C ILE A 496 11.02 37.46 5.13
N VAL A 497 11.21 38.09 3.98
CA VAL A 497 11.50 39.53 3.93
C VAL A 497 10.20 40.32 3.86
N ALA A 498 9.21 39.76 3.16
CA ALA A 498 7.88 40.36 3.10
C ALA A 498 6.82 39.30 2.83
N PHE A 499 5.61 39.53 3.34
CA PHE A 499 4.49 38.63 3.11
C PHE A 499 3.20 39.43 3.07
N THR A 500 2.41 39.22 2.02
CA THR A 500 1.16 39.95 1.87
C THR A 500 0.11 39.08 1.19
N VAL A 501 -1.05 38.94 1.83
CA VAL A 501 -2.20 38.32 1.19
C VAL A 501 -2.69 39.25 0.08
N VAL A 502 -2.71 38.76 -1.15
CA VAL A 502 -3.06 39.61 -2.28
C VAL A 502 -4.40 39.27 -2.92
N GLU A 503 -4.98 38.12 -2.58
CA GLU A 503 -6.32 37.79 -3.05
C GLU A 503 -7.11 36.90 -2.12
N VAL A 504 -8.33 37.34 -1.80
CA VAL A 504 -9.30 36.52 -1.08
C VAL A 504 -10.59 36.47 -1.91
N ALA A 505 -10.75 35.41 -2.69
CA ALA A 505 -11.85 35.34 -3.64
C ALA A 505 -13.17 34.94 -2.98
N LYS A 506 -14.28 35.28 -3.62
CA LYS A 506 -15.61 34.96 -3.11
C LYS A 506 -15.84 33.44 -3.09
N PRO A 507 -16.62 32.96 -2.11
CA PRO A 507 -16.94 31.54 -2.04
C PRO A 507 -17.86 31.08 -3.16
N ASN A 508 -17.73 29.83 -3.59
CA ASN A 508 -18.73 29.23 -4.46
C ASN A 508 -20.04 29.17 -3.70
N ILE A 509 -21.16 29.11 -4.44
CA ILE A 509 -22.47 29.06 -3.82
C ILE A 509 -22.59 27.85 -2.90
N GLY A 510 -22.95 28.10 -1.64
CA GLY A 510 -23.10 27.05 -0.66
C GLY A 510 -21.93 26.99 0.31
N GLU A 511 -20.74 26.80 -0.23
CA GLU A 511 -19.52 26.70 0.57
C GLU A 511 -19.23 28.01 1.31
N ASN A 512 -18.68 27.90 2.52
CA ASN A 512 -18.46 29.08 3.37
C ASN A 512 -17.00 29.52 3.41
N TRP A 513 -16.20 28.98 2.51
CA TRP A 513 -14.79 29.35 2.43
C TRP A 513 -14.48 30.00 1.08
N PRO A 514 -13.53 30.95 1.06
CA PRO A 514 -13.08 31.55 -0.21
C PRO A 514 -12.66 30.48 -1.21
N THR A 515 -12.92 30.67 -2.49
CA THR A 515 -12.59 29.65 -3.48
C THR A 515 -11.09 29.62 -3.72
N ARG A 516 -10.41 30.69 -3.32
CA ARG A 516 -9.00 30.85 -3.62
C ARG A 516 -8.38 31.95 -2.77
N VAL A 517 -7.26 31.65 -2.12
CA VAL A 517 -6.52 32.66 -1.38
C VAL A 517 -5.08 32.66 -1.87
N ARG A 518 -4.59 33.84 -2.26
CA ARG A 518 -3.22 33.95 -2.75
C ARG A 518 -2.42 34.99 -1.96
N ALA A 519 -1.10 34.81 -1.96
CA ALA A 519 -0.21 35.69 -1.22
C ALA A 519 1.12 35.83 -1.94
N ASP A 520 1.79 36.96 -1.72
CA ASP A 520 3.15 37.16 -2.22
C ASP A 520 4.15 37.05 -1.08
N VAL A 521 5.16 36.21 -1.25
CA VAL A 521 6.20 36.06 -0.25
C VAL A 521 7.56 36.37 -0.86
N THR A 522 8.27 37.31 -0.23
CA THR A 522 9.58 37.73 -0.73
C THR A 522 10.70 37.17 0.15
N ILE A 523 11.73 36.62 -0.49
CA ILE A 523 12.94 36.23 0.22
C ILE A 523 14.15 36.94 -0.36
N ASN A 524 15.22 37.03 0.42
CA ASN A 524 16.48 37.60 -0.04
C ASN A 524 17.54 36.51 -0.16
N LEU A 525 17.82 36.11 -1.39
CA LEU A 525 18.77 35.03 -1.64
C LEU A 525 20.21 35.51 -1.48
N ASN A 526 20.54 35.93 -0.26
CA ASN A 526 21.90 36.30 0.09
C ASN A 526 22.69 35.04 0.46
N VAL A 527 22.80 34.14 -0.50
CA VAL A 527 23.33 32.80 -0.24
C VAL A 527 24.30 32.30 -1.30
N ARG A 528 24.85 31.12 -1.06
CA ARG A 528 25.69 30.44 -2.04
C ARG A 528 24.90 30.15 -3.30
N ASP A 529 25.55 30.29 -4.45
CA ASP A 529 24.87 30.19 -5.75
C ASP A 529 24.14 28.86 -5.94
N HIS A 530 24.66 27.81 -5.29
CA HIS A 530 24.02 26.51 -5.33
C HIS A 530 22.63 26.59 -4.69
N ILE A 531 22.56 27.31 -3.57
CA ILE A 531 21.31 27.48 -2.83
C ILE A 531 20.38 28.45 -3.53
N LYS A 532 20.95 29.50 -4.13
CA LYS A 532 20.18 30.45 -4.90
C LYS A 532 19.49 29.76 -6.07
N ASP A 533 20.20 28.83 -6.69
CA ASP A 533 19.68 28.07 -7.83
C ASP A 533 18.53 27.15 -7.40
N GLU A 534 18.68 26.53 -6.23
CA GLU A 534 17.67 25.60 -5.74
C GLU A 534 16.38 26.32 -5.37
N TRP A 535 16.49 27.47 -4.73
CA TRP A 535 15.32 28.27 -4.39
C TRP A 535 14.63 28.81 -5.64
N GLU A 536 15.43 29.17 -6.64
CA GLU A 536 14.89 29.60 -7.93
C GLU A 536 14.37 28.39 -8.72
N GLY A 537 14.66 27.19 -8.22
CA GLY A 537 14.21 25.96 -8.85
C GLY A 537 12.79 25.58 -8.46
N LEU A 538 12.19 26.35 -7.56
CA LEU A 538 10.81 26.12 -7.15
C LEU A 538 9.87 26.26 -8.34
N ARG A 539 8.90 25.35 -8.42
CA ARG A 539 7.98 25.34 -9.55
C ARG A 539 6.53 25.31 -9.08
N LYS A 540 5.61 25.51 -10.01
CA LYS A 540 4.19 25.45 -9.71
C LYS A 540 3.83 24.13 -9.04
N HIS A 541 2.95 24.20 -8.05
CA HIS A 541 2.47 23.06 -7.25
C HIS A 541 3.45 22.59 -6.18
N ASP A 542 4.63 23.19 -6.11
CA ASP A 542 5.55 22.89 -5.01
C ASP A 542 4.99 23.43 -3.70
N VAL A 543 5.02 22.60 -2.66
CA VAL A 543 4.46 23.00 -1.37
C VAL A 543 5.56 23.52 -0.44
N CYS A 544 5.30 24.68 0.14
CA CYS A 544 6.21 25.27 1.12
C CYS A 544 5.47 25.52 2.42
N PHE A 545 6.20 25.69 3.51
CA PHE A 545 5.57 25.99 4.78
C PHE A 545 5.96 27.36 5.31
N LEU A 546 4.93 28.09 5.77
CA LEU A 546 5.10 29.43 6.32
C LEU A 546 5.12 29.33 7.83
N ILE A 547 6.19 29.83 8.45
CA ILE A 547 6.46 29.58 9.86
C ILE A 547 6.65 30.87 10.64
N THR A 548 6.06 30.92 11.84
CA THR A 548 6.23 32.04 12.74
C THR A 548 6.95 31.65 14.01
N VAL A 549 8.15 32.20 14.21
CA VAL A 549 8.84 32.00 15.49
C VAL A 549 8.95 33.30 16.26
N ARG A 550 8.70 33.23 17.55
CA ARG A 550 8.98 34.33 18.46
C ARG A 550 9.97 33.80 19.48
N PRO A 551 11.26 33.85 19.12
CA PRO A 551 12.36 33.20 19.84
C PRO A 551 12.33 33.46 21.34
N THR A 552 12.72 32.46 22.11
CA THR A 552 12.66 32.53 23.57
C THR A 552 14.04 32.78 24.17
N LYS A 553 15.08 32.43 23.42
CA LYS A 553 16.45 32.51 23.93
C LYS A 553 17.16 33.79 23.54
N PRO A 554 18.01 34.30 24.44
CA PRO A 554 18.93 35.40 24.14
C PRO A 554 19.95 34.99 23.10
N TYR A 555 20.61 35.98 22.47
CA TYR A 555 21.62 35.74 21.45
C TYR A 555 22.75 34.85 21.97
N GLY A 556 23.18 33.90 21.15
CA GLY A 556 24.31 33.06 21.50
C GLY A 556 23.93 31.78 22.24
N THR A 557 22.67 31.68 22.64
CA THR A 557 22.21 30.53 23.41
C THR A 557 22.24 29.26 22.56
N LYS A 558 22.91 28.23 23.07
CA LYS A 558 23.01 26.95 22.36
C LYS A 558 21.66 26.26 22.25
N PHE A 559 21.44 25.59 21.13
CA PHE A 559 20.24 24.79 20.93
C PHE A 559 20.52 23.32 21.21
N ASP A 560 19.53 22.64 21.78
CA ASP A 560 19.62 21.22 22.07
C ASP A 560 18.48 20.50 21.36
N ARG A 561 18.81 19.67 20.38
CA ARG A 561 17.80 18.99 19.58
C ARG A 561 17.02 17.96 20.40
N ARG A 562 17.61 17.50 21.50
CA ARG A 562 16.94 16.54 22.38
C ARG A 562 15.77 17.19 23.13
N ARG A 563 15.83 18.51 23.28
CA ARG A 563 14.83 19.24 24.05
C ARG A 563 13.64 19.61 23.17
N PRO A 564 12.46 19.79 23.79
CA PRO A 564 11.23 20.22 23.10
C PRO A 564 11.47 21.36 22.11
N PHE A 565 11.24 21.08 20.83
CA PHE A 565 11.54 22.03 19.75
C PHE A 565 10.80 23.35 19.88
N ILE A 566 9.52 23.29 20.21
CA ILE A 566 8.67 24.47 20.23
C ILE A 566 9.17 25.54 21.20
N GLU A 567 9.55 25.12 22.40
CA GLU A 567 10.09 26.07 23.38
C GLU A 567 11.48 26.54 22.97
N GLN A 568 12.24 25.65 22.34
CA GLN A 568 13.60 25.97 21.92
C GLN A 568 13.65 27.17 20.96
N VAL A 569 12.77 27.19 19.96
CA VAL A 569 12.83 28.25 18.96
C VAL A 569 11.68 29.26 19.08
N GLY A 570 10.72 28.96 19.94
CA GLY A 570 9.58 29.84 20.10
C GLY A 570 8.58 29.69 18.96
N LEU A 571 8.32 28.44 18.58
CA LEU A 571 7.39 28.12 17.51
C LEU A 571 5.98 28.59 17.85
N VAL A 572 5.40 29.42 16.99
CA VAL A 572 4.04 29.92 17.21
C VAL A 572 3.05 29.40 16.17
N TYR A 573 3.39 29.53 14.88
CA TYR A 573 2.48 29.11 13.82
C TYR A 573 3.17 28.33 12.72
N VAL A 574 2.43 27.38 12.14
CA VAL A 574 2.82 26.75 10.89
C VAL A 574 1.63 26.73 9.94
N ARG A 575 1.83 27.24 8.74
CA ARG A 575 0.83 27.18 7.68
C ARG A 575 1.49 26.67 6.42
N GLY A 576 0.73 25.93 5.61
CA GLY A 576 1.23 25.44 4.34
C GLY A 576 0.89 26.41 3.21
N CYS A 577 1.56 26.25 2.09
CA CYS A 577 1.20 26.98 0.89
C CYS A 577 1.69 26.24 -0.34
N GLU A 578 1.19 26.62 -1.49
CA GLU A 578 1.55 25.99 -2.74
C GLU A 578 2.01 27.04 -3.75
N ILE A 579 3.20 26.85 -4.30
CA ILE A 579 3.75 27.80 -5.25
C ILE A 579 2.89 27.89 -6.51
N GLN A 580 2.47 29.10 -6.85
CA GLN A 580 1.87 29.35 -8.16
C GLN A 580 3.00 29.63 -9.14
N GLY A 581 3.89 30.54 -8.75
CA GLY A 581 5.05 30.86 -9.56
C GLY A 581 5.84 32.02 -8.98
N LEU A 583 7.69 35.66 -9.39
CA LEU A 583 7.40 36.86 -10.16
C LEU A 583 8.63 37.31 -10.93
N ASP A 584 8.41 37.89 -12.11
CA ASP A 584 9.50 38.54 -12.84
C ASP A 584 9.43 40.05 -12.64
N ASP A 585 10.38 40.78 -13.22
CA ASP A 585 10.48 42.21 -12.95
C ASP A 585 9.41 43.03 -13.69
N LYS A 586 8.47 42.32 -14.33
CA LYS A 586 7.31 42.98 -14.94
C LYS A 586 6.05 42.64 -14.16
N GLY A 587 6.24 41.97 -13.01
CA GLY A 587 5.14 41.61 -12.14
C GLY A 587 4.33 40.42 -12.63
N ARG A 588 4.92 39.64 -13.53
CA ARG A 588 4.22 38.50 -14.11
C ARG A 588 4.66 37.19 -13.45
N VAL A 589 3.69 36.32 -13.20
CA VAL A 589 3.97 34.99 -12.68
C VAL A 589 4.66 34.17 -13.76
N ILE A 590 5.89 33.74 -13.48
CA ILE A 590 6.66 32.93 -14.43
C ILE A 590 6.09 31.52 -14.53
N GLU A 591 5.81 31.08 -15.76
CA GLU A 591 5.29 29.74 -16.00
C GLU A 591 6.42 28.74 -16.26
N PRO A 596 12.56 29.28 -21.74
CA PRO A 596 12.92 30.69 -21.94
C PRO A 596 12.80 31.49 -20.65
N ARG A 597 13.03 30.84 -19.51
CA ARG A 597 12.92 31.49 -18.21
C ARG A 597 13.95 32.61 -18.10
N PRO A 598 13.55 33.73 -17.47
CA PRO A 598 14.38 34.94 -17.43
C PRO A 598 15.58 34.83 -16.47
N ASN A 599 16.54 35.72 -16.66
CA ASN A 599 17.61 35.93 -15.70
C ASN A 599 17.27 37.14 -14.83
N LEU A 600 16.79 36.88 -13.62
CA LEU A 600 16.43 37.96 -12.71
C LEU A 600 17.68 38.60 -12.11
N ARG A 601 17.56 39.88 -11.77
CA ARG A 601 18.68 40.61 -11.20
C ARG A 601 18.47 40.88 -9.71
N GLY A 602 19.56 41.17 -9.01
CA GLY A 602 19.50 41.37 -7.57
C GLY A 602 19.39 40.03 -6.86
N GLU A 603 19.14 40.07 -5.55
CA GLU A 603 19.06 38.86 -4.75
C GLU A 603 17.68 38.66 -4.13
N SER A 604 16.77 39.58 -4.41
CA SER A 604 15.40 39.47 -3.91
C SER A 604 14.52 38.67 -4.86
N ARG A 605 13.70 37.78 -4.30
CA ARG A 605 12.79 36.97 -5.10
C ARG A 605 11.42 36.92 -4.45
N THR A 606 10.38 37.10 -5.25
CA THR A 606 9.02 37.02 -4.75
C THR A 606 8.27 35.87 -5.41
N PHE A 607 7.59 35.07 -4.59
CA PHE A 607 6.77 33.98 -5.08
C PHE A 607 5.30 34.25 -4.78
N ARG A 608 4.44 34.03 -5.77
CA ARG A 608 3.01 34.05 -5.51
C ARG A 608 2.57 32.64 -5.16
N VAL A 609 1.82 32.52 -4.06
CA VAL A 609 1.43 31.20 -3.55
C VAL A 609 -0.06 31.10 -3.24
N PHE A 610 -0.57 29.88 -3.23
CA PHE A 610 -1.94 29.61 -2.81
C PHE A 610 -1.95 29.22 -1.35
N LEU A 611 -2.88 29.80 -0.59
CA LEU A 611 -3.10 29.38 0.79
C LEU A 611 -4.33 28.47 0.85
N ASP A 612 -4.34 27.52 1.77
CA ASP A 612 -5.51 26.67 1.94
C ASP A 612 -6.70 27.52 2.36
N PRO A 613 -7.75 27.53 1.53
CA PRO A 613 -8.89 28.42 1.76
C PRO A 613 -9.69 28.06 3.01
N ASN A 614 -9.78 26.78 3.35
CA ASN A 614 -10.46 26.38 4.57
C ASN A 614 -9.69 26.84 5.81
N GLN A 615 -8.38 26.67 5.78
CA GLN A 615 -7.53 27.13 6.88
C GLN A 615 -7.63 28.65 7.00
N TYR A 616 -7.68 29.34 5.86
CA TYR A 616 -7.77 30.79 5.88
C TYR A 616 -9.07 31.26 6.54
N GLN A 617 -10.17 30.62 6.20
CA GLN A 617 -11.46 31.01 6.74
C GLN A 617 -11.51 30.78 8.25
N GLN A 618 -11.01 29.63 8.69
CA GLN A 618 -10.98 29.31 10.12
C GLN A 618 -10.16 30.32 10.91
N ASP A 619 -9.01 30.70 10.36
CA ASP A 619 -8.16 31.69 11.00
C ASP A 619 -8.83 33.05 11.05
N THR A 621 -12.13 33.63 10.86
CA THR A 621 -13.23 33.47 11.80
C THR A 621 -12.75 33.60 13.23
N ASN A 622 -11.63 32.93 13.52
CA ASN A 622 -11.03 32.99 14.85
C ASN A 622 -10.63 34.41 15.21
N THR A 623 -10.10 35.14 14.23
CA THR A 623 -9.69 36.53 14.43
C THR A 623 -10.88 37.44 14.68
N ILE A 624 -11.87 37.36 13.79
CA ILE A 624 -13.05 38.20 13.87
C ILE A 624 -13.89 37.91 15.11
N GLN A 625 -14.13 36.63 15.39
CA GLN A 625 -14.98 36.24 16.51
C GLN A 625 -14.30 36.33 17.87
N ASN A 626 -13.03 35.96 17.95
CA ASN A 626 -12.37 35.79 19.24
C ASN A 626 -11.16 36.71 19.47
N GLY A 627 -10.96 37.67 18.57
CA GLY A 627 -9.88 38.63 18.72
C GLY A 627 -8.48 38.05 18.57
N ALA A 628 -8.40 36.84 18.04
CA ALA A 628 -7.11 36.22 17.76
C ALA A 628 -6.33 37.05 16.75
N GLU A 629 -5.01 37.13 16.92
CA GLU A 629 -4.19 37.91 16.01
C GLU A 629 -4.25 37.32 14.60
N ASP A 630 -4.06 38.17 13.60
CA ASP A 630 -4.02 37.69 12.22
C ASP A 630 -2.72 36.92 11.98
N VAL A 631 -2.85 35.61 11.87
CA VAL A 631 -1.71 34.72 11.66
C VAL A 631 -0.86 35.13 10.46
N TYR A 632 -1.52 35.67 9.44
CA TYR A 632 -0.89 35.90 8.13
C TYR A 632 -0.10 37.20 8.07
N GLU A 633 0.04 37.88 9.21
CA GLU A 633 0.89 39.06 9.28
C GLU A 633 2.13 38.78 10.13
N THR A 634 2.35 37.51 10.45
CA THR A 634 3.37 37.14 11.43
C THR A 634 4.51 36.26 10.90
N PHE A 635 4.30 35.60 9.76
CA PHE A 635 5.29 34.68 9.21
C PHE A 635 6.66 35.33 9.06
N ASN A 636 7.72 34.64 9.51
CA ASN A 636 9.08 35.14 9.32
C ASN A 636 10.05 34.09 8.79
N ILE A 637 9.55 32.89 8.55
CA ILE A 637 10.35 31.83 7.93
C ILE A 637 9.55 31.12 6.85
N ILE A 638 10.20 30.82 5.72
CA ILE A 638 9.59 29.94 4.73
C ILE A 638 10.50 28.75 4.47
N ARG A 640 11.16 25.16 2.25
CA ARG A 640 10.85 24.30 1.11
C ARG A 640 11.24 22.87 1.46
N ARG A 641 10.86 21.92 0.59
CA ARG A 641 11.15 20.51 0.82
C ARG A 641 11.70 19.84 -0.45
N LYS A 642 12.22 18.63 -0.29
CA LYS A 642 12.58 17.80 -1.43
C LYS A 642 11.33 17.44 -2.21
N PRO A 643 11.30 17.73 -3.51
CA PRO A 643 10.13 17.49 -4.35
C PRO A 643 9.63 16.05 -4.31
N LYS A 644 10.54 15.08 -4.28
CA LYS A 644 10.17 13.67 -4.32
C LYS A 644 9.55 13.18 -3.02
N GLU A 645 9.72 13.96 -1.95
CA GLU A 645 9.17 13.61 -0.65
C GLU A 645 8.00 14.51 -0.28
N ASN A 646 7.51 15.28 -1.25
CA ASN A 646 6.60 16.38 -0.97
C ASN A 646 5.33 16.36 -1.82
N ASN A 647 4.78 15.17 -2.06
CA ASN A 647 3.57 15.05 -2.87
C ASN A 647 2.30 14.90 -2.05
N PHE A 648 2.41 15.03 -0.74
CA PHE A 648 1.30 14.69 0.17
C PHE A 648 0.03 15.48 -0.14
N LYS A 649 0.18 16.77 -0.41
CA LYS A 649 -0.97 17.64 -0.63
C LYS A 649 -1.73 17.24 -1.90
N ALA A 650 -0.99 16.95 -2.96
CA ALA A 650 -1.59 16.58 -4.23
C ALA A 650 -2.31 15.23 -4.13
N VAL A 651 -1.74 14.30 -3.36
CA VAL A 651 -2.36 13.00 -3.17
C VAL A 651 -3.65 13.13 -2.35
N LEU A 652 -3.60 13.94 -1.29
CA LEU A 652 -4.78 14.20 -0.47
C LEU A 652 -5.90 14.82 -1.29
N GLU A 653 -5.52 15.75 -2.17
CA GLU A 653 -6.48 16.43 -3.03
C GLU A 653 -7.15 15.44 -3.97
N THR A 654 -6.35 14.54 -4.53
CA THR A 654 -6.85 13.50 -5.41
C THR A 654 -7.83 12.60 -4.69
N ILE A 655 -7.48 12.22 -3.46
CA ILE A 655 -8.33 11.35 -2.65
C ILE A 655 -9.63 12.05 -2.30
N ARG A 656 -9.56 13.34 -1.99
CA ARG A 656 -10.77 14.10 -1.66
C ARG A 656 -11.67 14.28 -2.89
N ASN A 657 -11.07 14.51 -4.06
CA ASN A 657 -11.83 14.60 -5.30
CA ASN A 657 -11.88 14.61 -5.27
C ASN A 657 -12.58 13.30 -5.56
N LEU A 658 -11.87 12.19 -5.33
CA LEU A 658 -12.47 10.86 -5.49
C LEU A 658 -13.71 10.76 -4.63
N ASN A 660 -15.55 12.98 -3.77
CA ASN A 660 -16.58 13.90 -4.25
C ASN A 660 -17.16 13.49 -5.60
N THR A 661 -16.59 12.45 -6.20
CA THR A 661 -17.18 11.87 -7.40
C THR A 661 -18.04 10.68 -7.00
N ASP A 662 -18.74 10.10 -7.96
CA ASP A 662 -19.57 8.93 -7.67
C ASP A 662 -18.74 7.65 -7.54
N CYS A 663 -17.43 7.79 -7.71
CA CYS A 663 -16.49 6.66 -7.56
C CYS A 663 -16.91 5.41 -8.32
N VAL A 664 -17.21 5.56 -9.60
CA VAL A 664 -17.77 4.43 -10.32
C VAL A 664 -16.70 3.39 -10.67
N VAL A 665 -16.56 2.40 -9.79
CA VAL A 665 -15.72 1.24 -10.05
C VAL A 665 -16.63 0.12 -10.56
N PRO A 666 -16.05 -0.86 -11.28
CA PRO A 666 -16.87 -1.99 -11.76
C PRO A 666 -17.69 -2.63 -10.63
N ASP A 667 -18.95 -2.94 -10.92
CA ASP A 667 -19.85 -3.51 -9.93
C ASP A 667 -19.36 -4.88 -9.45
N TRP A 668 -18.53 -5.52 -10.26
CA TRP A 668 -17.96 -6.81 -9.87
C TRP A 668 -16.69 -6.62 -9.05
N LEU A 669 -16.33 -5.37 -8.78
CA LEU A 669 -15.16 -5.06 -7.96
C LEU A 669 -15.51 -4.42 -6.63
N HIS A 670 -16.62 -3.69 -6.60
CA HIS A 670 -16.99 -2.88 -5.43
C HIS A 670 -16.96 -3.63 -4.11
N ASP A 671 -17.63 -4.79 -4.07
CA ASP A 671 -17.71 -5.58 -2.85
C ASP A 671 -16.35 -6.13 -2.41
N ILE A 672 -15.57 -6.61 -3.38
CA ILE A 672 -14.25 -7.15 -3.09
C ILE A 672 -13.32 -6.06 -2.56
N ILE A 673 -13.38 -4.89 -3.19
CA ILE A 673 -12.60 -3.73 -2.74
C ILE A 673 -12.91 -3.39 -1.28
N LEU A 674 -14.18 -3.45 -0.91
CA LEU A 674 -14.59 -3.19 0.46
C LEU A 674 -14.32 -4.39 1.37
N GLY A 675 -13.94 -5.51 0.75
CA GLY A 675 -13.47 -6.66 1.52
C GLY A 675 -14.54 -7.62 2.01
N TYR A 676 -15.78 -7.43 1.58
CA TYR A 676 -16.82 -8.38 1.95
C TYR A 676 -17.46 -9.03 0.71
N GLY A 677 -18.25 -10.07 0.94
CA GLY A 677 -18.81 -10.82 -0.17
C GLY A 677 -17.83 -11.84 -0.71
N ASP A 678 -18.28 -12.61 -1.68
CA ASP A 678 -17.51 -13.70 -2.28
C ASP A 678 -16.20 -13.20 -2.90
N PRO A 679 -15.05 -13.54 -2.30
CA PRO A 679 -13.75 -13.12 -2.82
C PRO A 679 -13.41 -13.67 -4.21
N SER A 680 -14.15 -14.69 -4.65
CA SER A 680 -13.89 -15.32 -5.94
C SER A 680 -14.84 -14.87 -7.04
N SER A 681 -15.73 -13.93 -6.72
CA SER A 681 -16.80 -13.55 -7.64
C SER A 681 -16.34 -12.74 -8.85
N ALA A 682 -15.06 -12.38 -8.87
CA ALA A 682 -14.51 -11.65 -10.01
C ALA A 682 -13.52 -12.51 -10.79
N HIS A 683 -13.40 -13.77 -10.39
CA HIS A 683 -12.59 -14.74 -11.13
C HIS A 683 -13.22 -14.93 -12.52
N TYR A 684 -12.41 -15.26 -13.51
CA TYR A 684 -12.91 -15.31 -14.89
C TYR A 684 -13.97 -16.39 -15.07
N SER A 685 -13.85 -17.48 -14.31
CA SER A 685 -14.79 -18.59 -14.40
C SER A 685 -16.18 -18.21 -13.90
N LYS A 686 -16.28 -17.09 -13.20
CA LYS A 686 -17.55 -16.64 -12.65
C LYS A 686 -18.05 -15.34 -13.27
N PRO A 688 -19.88 -13.34 -16.13
CA PRO A 688 -20.93 -13.69 -17.09
C PRO A 688 -20.50 -13.45 -18.53
N ASN A 689 -19.56 -12.53 -18.72
CA ASN A 689 -19.08 -12.19 -20.05
C ASN A 689 -17.78 -12.91 -20.40
N GLN A 690 -17.56 -14.07 -19.78
CA GLN A 690 -16.38 -14.87 -20.09
C GLN A 690 -16.38 -15.23 -21.57
N ILE A 691 -15.22 -15.06 -22.21
CA ILE A 691 -15.09 -15.30 -23.63
C ILE A 691 -14.78 -16.76 -23.93
N ALA A 692 -15.54 -17.35 -24.83
CA ALA A 692 -15.40 -18.76 -25.15
C ALA A 692 -14.12 -19.04 -25.94
N THR A 693 -13.90 -18.27 -27.00
CA THR A 693 -12.78 -18.52 -27.91
C THR A 693 -11.75 -17.40 -27.86
N LEU A 694 -10.50 -17.76 -27.62
CA LEU A 694 -9.40 -16.79 -27.56
C LEU A 694 -8.28 -17.15 -28.53
N ASP A 695 -7.71 -16.15 -29.18
CA ASP A 695 -6.51 -16.36 -29.98
C ASP A 695 -5.30 -16.22 -29.07
N PHE A 696 -4.58 -17.33 -28.89
CA PHE A 696 -3.41 -17.32 -28.02
C PHE A 696 -2.17 -16.94 -28.80
N ASN A 697 -2.33 -16.77 -30.11
CA ASN A 697 -1.27 -16.22 -30.96
C ASN A 697 0.06 -16.99 -30.82
N ASP A 698 1.07 -16.32 -30.30
CA ASP A 698 2.41 -16.89 -30.19
C ASP A 698 2.73 -17.38 -28.79
N THR A 699 1.70 -17.60 -27.97
CA THR A 699 1.89 -18.01 -26.59
C THR A 699 2.54 -19.40 -26.52
N PHE A 700 2.03 -20.32 -27.32
CA PHE A 700 2.57 -21.68 -27.35
C PHE A 700 3.55 -21.84 -28.51
N LEU A 701 4.68 -22.47 -28.23
CA LEU A 701 5.74 -22.63 -29.23
C LEU A 701 5.42 -23.75 -30.20
N SER A 702 4.55 -24.67 -29.76
CA SER A 702 4.15 -25.80 -30.57
C SER A 702 2.89 -26.43 -30.00
N ILE A 703 2.29 -27.38 -30.74
CA ILE A 703 1.11 -28.07 -30.27
C ILE A 703 1.45 -28.93 -29.05
N GLU A 704 2.71 -29.38 -28.98
CA GLU A 704 3.18 -30.15 -27.83
C GLU A 704 3.22 -29.28 -26.58
N HIS A 705 3.71 -28.05 -26.73
CA HIS A 705 3.75 -27.09 -25.64
C HIS A 705 2.34 -26.80 -25.14
N LEU A 706 1.41 -26.68 -26.08
CA LEU A 706 0.02 -26.38 -25.74
C LEU A 706 -0.61 -27.52 -24.93
N LYS A 707 -0.46 -28.74 -25.42
CA LYS A 707 -1.01 -29.92 -24.75
C LYS A 707 -0.46 -30.06 -23.34
N ALA A 708 0.83 -29.75 -23.18
CA ALA A 708 1.48 -29.84 -21.89
C ALA A 708 1.06 -28.70 -20.98
N SER A 709 0.43 -27.67 -21.55
CA SER A 709 0.03 -26.49 -20.80
C SER A 709 -1.31 -26.66 -20.09
N PHE A 710 -2.05 -27.69 -20.47
CA PHE A 710 -3.35 -27.94 -19.83
C PHE A 710 -3.49 -29.38 -19.32
N PRO A 711 -2.74 -29.72 -18.26
CA PRO A 711 -2.66 -31.08 -17.69
C PRO A 711 -4.02 -31.79 -17.50
N GLY A 712 -5.03 -31.06 -17.02
CA GLY A 712 -6.30 -31.68 -16.69
C GLY A 712 -7.32 -31.68 -17.81
N HIS A 713 -6.91 -31.32 -19.02
CA HIS A 713 -7.86 -31.18 -20.13
C HIS A 713 -7.58 -32.16 -21.26
N ASN A 714 -8.62 -32.43 -22.06
CA ASN A 714 -8.49 -33.18 -23.30
C ASN A 714 -8.46 -32.24 -24.49
N VAL A 715 -7.35 -32.23 -25.21
CA VAL A 715 -7.17 -31.31 -26.33
C VAL A 715 -7.60 -31.92 -27.65
N LYS A 716 -8.54 -31.26 -28.33
CA LYS A 716 -9.00 -31.68 -29.64
C LYS A 716 -8.69 -30.64 -30.71
N VAL A 717 -7.93 -31.02 -31.72
CA VAL A 717 -7.52 -30.10 -32.77
C VAL A 717 -8.48 -30.18 -33.96
N THR A 718 -8.79 -29.03 -34.55
CA THR A 718 -9.74 -28.95 -35.66
C THR A 718 -9.16 -29.47 -36.97
N VAL A 719 -7.87 -29.82 -36.94
CA VAL A 719 -7.16 -30.31 -38.12
C VAL A 719 -6.23 -31.46 -37.75
N GLU A 720 -6.34 -32.57 -38.49
CA GLU A 720 -5.63 -33.80 -38.13
C GLU A 720 -4.16 -33.81 -38.55
N ASP A 721 -3.85 -33.21 -39.69
CA ASP A 721 -2.48 -33.17 -40.20
C ASP A 721 -1.53 -32.52 -39.19
N PRO A 722 -0.57 -33.31 -38.68
CA PRO A 722 0.40 -32.85 -37.68
C PRO A 722 1.26 -31.67 -38.17
N ALA A 723 1.37 -31.51 -39.47
CA ALA A 723 2.17 -30.43 -40.06
C ALA A 723 1.41 -29.10 -40.03
N LEU A 724 0.10 -29.18 -39.86
CA LEU A 724 -0.73 -27.98 -39.79
C LEU A 724 -0.98 -27.60 -38.33
N GLN A 725 -0.58 -28.47 -37.42
CA GLN A 725 -0.73 -28.22 -35.99
C GLN A 725 0.46 -27.44 -35.45
N ILE A 726 0.63 -26.23 -36.01
CA ILE A 726 1.69 -25.32 -35.60
C ILE A 726 1.06 -23.98 -35.21
N PRO A 727 1.75 -23.19 -34.38
CA PRO A 727 1.18 -21.89 -33.97
C PRO A 727 1.04 -20.92 -35.15
N PRO A 728 0.17 -19.90 -35.02
CA PRO A 728 -0.64 -19.56 -33.85
C PRO A 728 -1.83 -20.48 -33.62
N PHE A 729 -2.32 -20.51 -32.39
CA PHE A 729 -3.46 -21.34 -32.01
C PHE A 729 -4.61 -20.54 -31.41
N ARG A 730 -5.83 -20.86 -31.83
CA ARG A 730 -7.02 -20.40 -31.11
C ARG A 730 -7.50 -21.52 -30.22
N ILE A 731 -7.96 -21.18 -29.02
CA ILE A 731 -8.51 -22.17 -28.11
C ILE A 731 -9.91 -21.79 -27.68
N THR A 732 -10.84 -22.74 -27.78
CA THR A 732 -12.21 -22.54 -27.33
C THR A 732 -12.45 -23.29 -26.02
N PHE A 733 -12.98 -22.58 -25.03
CA PHE A 733 -13.25 -23.16 -23.72
C PHE A 733 -14.74 -23.43 -23.56
N PRO A 734 -15.09 -24.55 -22.90
CA PRO A 734 -16.48 -24.96 -22.75
C PRO A 734 -17.28 -24.07 -21.80
N VAL A 735 -18.54 -24.44 -21.59
CA VAL A 735 -19.41 -23.78 -20.62
C VAL A 735 -20.31 -24.81 -19.94
N GLU A 755 -15.25 -34.22 -21.20
CA GLU A 755 -16.52 -33.78 -21.81
C GLU A 755 -16.69 -32.28 -21.65
N ALA A 756 -16.48 -31.78 -20.43
CA ALA A 756 -16.41 -30.35 -20.17
C ALA A 756 -14.95 -30.03 -19.84
N LYS A 757 -14.12 -31.06 -19.93
CA LYS A 757 -12.68 -30.93 -19.77
C LYS A 757 -12.01 -30.87 -21.14
N THR A 758 -12.80 -30.56 -22.17
CA THR A 758 -12.30 -30.59 -23.54
C THR A 758 -12.00 -29.20 -24.09
N LEU A 759 -10.79 -29.05 -24.63
CA LEU A 759 -10.39 -27.82 -25.30
C LEU A 759 -10.33 -28.04 -26.80
N ILE A 760 -10.95 -27.15 -27.56
CA ILE A 760 -10.89 -27.22 -29.01
C ILE A 760 -9.84 -26.26 -29.54
N VAL A 761 -8.76 -26.82 -30.11
CA VAL A 761 -7.66 -26.02 -30.60
C VAL A 761 -7.70 -25.86 -32.12
N GLU A 762 -7.75 -24.62 -32.58
CA GLU A 762 -7.70 -24.34 -34.01
C GLU A 762 -6.42 -23.62 -34.40
N PRO A 763 -5.54 -24.31 -35.13
CA PRO A 763 -4.39 -23.62 -35.71
C PRO A 763 -4.86 -22.66 -36.80
N HIS A 764 -4.21 -21.52 -36.95
CA HIS A 764 -4.55 -20.62 -38.03
C HIS A 764 -3.30 -19.93 -38.56
N VAL A 765 -3.44 -19.26 -39.69
CA VAL A 765 -2.30 -18.65 -40.36
C VAL A 765 -2.32 -17.14 -40.22
N ILE A 766 -1.19 -16.58 -39.79
CA ILE A 766 -1.02 -15.13 -39.75
C ILE A 766 -1.17 -14.57 -41.15
N PRO A 767 -2.06 -13.57 -41.30
CA PRO A 767 -2.22 -12.92 -42.60
C PRO A 767 -0.91 -12.33 -43.12
N ASN A 768 -0.56 -12.68 -44.35
CA ASN A 768 0.62 -12.14 -45.03
C ASN A 768 0.65 -10.61 -44.91
N ARG A 769 1.81 -10.06 -44.57
CA ARG A 769 1.94 -8.62 -44.36
C ARG A 769 2.72 -7.92 -45.45
N GLY A 770 2.95 -8.61 -46.57
CA GLY A 770 3.70 -8.03 -47.66
C GLY A 770 4.85 -8.92 -48.11
N PRO A 771 5.54 -8.50 -49.18
CA PRO A 771 6.57 -9.28 -49.88
C PRO A 771 7.97 -9.15 -49.26
N TYR A 772 8.08 -8.43 -48.15
CA TYR A 772 9.33 -8.35 -47.42
C TYR A 772 9.27 -9.31 -46.24
N PRO A 773 9.91 -10.47 -46.36
CA PRO A 773 9.87 -11.49 -45.30
C PRO A 773 10.32 -10.99 -43.93
N TYR A 774 11.06 -9.88 -43.89
CA TYR A 774 11.50 -9.34 -42.61
C TYR A 774 10.34 -8.67 -41.86
N ASN A 775 9.25 -8.42 -42.58
CA ASN A 775 8.07 -7.82 -41.96
C ASN A 775 7.15 -8.88 -41.36
N GLN A 776 7.60 -10.12 -41.34
CA GLN A 776 6.96 -11.14 -40.53
C GLN A 776 7.13 -10.78 -39.07
N PRO A 777 6.15 -11.09 -38.22
CA PRO A 777 6.15 -10.58 -36.85
C PRO A 777 7.19 -11.23 -35.95
N LYS A 778 7.67 -10.47 -34.96
CA LYS A 778 8.46 -11.05 -33.88
C LYS A 778 7.57 -12.03 -33.12
N ARG A 779 8.18 -13.00 -32.45
CA ARG A 779 7.42 -14.02 -31.76
C ARG A 779 7.95 -14.31 -30.36
N ASN A 780 7.05 -14.72 -29.47
CA ASN A 780 7.43 -15.16 -28.13
C ASN A 780 8.33 -16.39 -28.18
N THR A 781 9.36 -16.40 -27.34
CA THR A 781 10.28 -17.53 -27.29
C THR A 781 10.20 -18.28 -25.96
N ILE A 782 9.42 -17.74 -25.01
CA ILE A 782 9.33 -18.34 -23.68
C ILE A 782 8.38 -19.52 -23.67
N GLN A 783 8.89 -20.68 -23.30
CA GLN A 783 8.05 -21.86 -23.14
C GLN A 783 7.38 -21.81 -21.77
N PHE A 784 6.27 -21.07 -21.69
CA PHE A 784 5.54 -20.88 -20.43
C PHE A 784 5.10 -22.20 -19.81
N THR A 785 5.22 -22.29 -18.50
CA THR A 785 4.72 -23.45 -17.77
C THR A 785 3.20 -23.46 -17.79
N HIS A 786 2.59 -24.55 -17.35
CA HIS A 786 1.14 -24.66 -17.37
C HIS A 786 0.54 -23.68 -16.37
N THR A 787 1.30 -23.35 -15.32
CA THR A 787 0.85 -22.38 -14.32
C THR A 787 0.91 -20.96 -14.88
N GLN A 788 2.01 -20.63 -15.55
CA GLN A 788 2.15 -19.34 -16.21
C GLN A 788 1.04 -19.16 -17.25
N ILE A 789 0.68 -20.26 -17.91
CA ILE A 789 -0.39 -20.26 -18.90
C ILE A 789 -1.73 -19.93 -18.27
N GLU A 790 -1.97 -20.46 -17.07
CA GLU A 790 -3.20 -20.17 -16.33
C GLU A 790 -3.31 -18.67 -16.04
N ALA A 791 -2.17 -18.05 -15.72
CA ALA A 791 -2.12 -16.61 -15.48
C ALA A 791 -2.43 -15.84 -16.75
N ILE A 792 -1.80 -16.24 -17.84
CA ILE A 792 -1.99 -15.58 -19.14
C ILE A 792 -3.44 -15.74 -19.60
N ARG A 793 -3.98 -16.94 -19.46
CA ARG A 793 -5.37 -17.22 -19.78
C ARG A 793 -6.32 -16.33 -18.98
N ALA A 794 -6.07 -16.21 -17.69
CA ALA A 794 -6.91 -15.41 -16.80
C ALA A 794 -6.83 -13.93 -17.17
N GLY A 795 -5.62 -13.45 -17.48
CA GLY A 795 -5.41 -12.07 -17.82
C GLY A 795 -6.09 -11.65 -19.11
N GLN A 797 -9.03 -12.78 -19.98
CA GLN A 797 -10.46 -12.80 -19.72
C GLN A 797 -10.89 -11.59 -18.91
N PRO A 798 -12.16 -11.18 -19.05
CA PRO A 798 -12.74 -10.18 -18.15
C PRO A 798 -12.60 -10.59 -16.70
N GLY A 799 -12.50 -9.60 -15.80
CA GLY A 799 -12.51 -9.88 -14.39
C GLY A 799 -11.19 -9.59 -13.68
N LEU A 800 -11.08 -10.08 -12.46
CA LEU A 800 -9.92 -9.87 -11.62
C LEU A 800 -8.96 -11.04 -11.70
N THR A 801 -7.73 -10.76 -12.11
CA THR A 801 -6.68 -11.77 -12.17
C THR A 801 -5.55 -11.42 -11.22
N VAL A 803 -1.89 -12.67 -9.65
CA VAL A 803 -0.75 -13.56 -9.85
C VAL A 803 0.27 -13.38 -8.73
N VAL A 804 0.51 -14.44 -7.97
CA VAL A 804 1.58 -14.45 -6.99
C VAL A 804 2.85 -14.99 -7.65
N GLY A 805 3.86 -14.13 -7.78
CA GLY A 805 5.09 -14.51 -8.44
C GLY A 805 6.30 -14.42 -7.53
N PRO A 806 6.71 -15.56 -6.95
CA PRO A 806 7.91 -15.69 -6.13
C PRO A 806 9.16 -15.19 -6.88
N PRO A 807 10.28 -15.00 -6.17
CA PRO A 807 11.50 -14.50 -6.83
C PRO A 807 11.87 -15.30 -8.09
N GLY A 808 11.98 -14.60 -9.20
CA GLY A 808 12.45 -15.18 -10.45
C GLY A 808 11.54 -16.17 -11.14
N THR A 809 10.24 -16.09 -10.89
CA THR A 809 9.30 -17.03 -11.48
C THR A 809 8.73 -16.54 -12.81
N GLY A 810 9.27 -15.45 -13.33
CA GLY A 810 8.88 -14.94 -14.63
C GLY A 810 7.66 -14.04 -14.63
N LYS A 811 7.53 -13.20 -13.61
CA LYS A 811 6.44 -12.22 -13.53
C LYS A 811 6.38 -11.33 -14.77
N THR A 812 7.55 -10.90 -15.23
CA THR A 812 7.62 -9.95 -16.33
C THR A 812 7.22 -10.59 -17.66
N ASP A 813 7.66 -11.83 -17.89
CA ASP A 813 7.30 -12.55 -19.12
C ASP A 813 5.80 -12.83 -19.18
N VAL A 814 5.22 -13.18 -18.03
CA VAL A 814 3.77 -13.37 -17.94
C VAL A 814 3.05 -12.08 -18.27
N ALA A 815 3.56 -10.97 -17.72
CA ALA A 815 2.95 -9.66 -17.91
C ALA A 815 2.91 -9.25 -19.38
N VAL A 816 4.04 -9.31 -20.07
CA VAL A 816 4.10 -8.83 -21.44
C VAL A 816 3.34 -9.76 -22.39
N GLN A 817 3.22 -11.03 -22.02
CA GLN A 817 2.45 -11.96 -22.85
C GLN A 817 0.97 -11.65 -22.74
N ILE A 818 0.53 -11.33 -21.53
CA ILE A 818 -0.85 -10.89 -21.31
C ILE A 818 -1.11 -9.62 -22.10
N ILE A 819 -0.20 -8.65 -21.98
CA ILE A 819 -0.30 -7.39 -22.69
C ILE A 819 -0.34 -7.61 -24.20
N SER A 820 0.53 -8.50 -24.69
CA SER A 820 0.58 -8.79 -26.11
C SER A 820 -0.69 -9.46 -26.61
N ASN A 821 -1.18 -10.44 -25.84
CA ASN A 821 -2.39 -11.15 -26.20
C ASN A 821 -3.62 -10.25 -26.23
N ILE A 822 -3.72 -9.34 -25.28
CA ILE A 822 -4.80 -8.36 -25.24
C ILE A 822 -4.69 -7.39 -26.42
N TYR A 823 -3.46 -6.98 -26.71
CA TYR A 823 -3.16 -6.10 -27.84
C TYR A 823 -3.68 -6.65 -29.16
N HIS A 824 -3.45 -7.95 -29.40
CA HIS A 824 -3.83 -8.57 -30.66
C HIS A 824 -5.29 -9.01 -30.70
N ASN A 825 -5.80 -9.51 -29.58
CA ASN A 825 -7.19 -9.99 -29.52
C ASN A 825 -8.20 -8.85 -29.52
N PHE A 826 -7.86 -7.76 -28.84
CA PHE A 826 -8.81 -6.66 -28.67
C PHE A 826 -8.17 -5.34 -29.06
N PRO A 827 -7.98 -5.14 -30.37
CA PRO A 827 -7.24 -3.98 -30.90
C PRO A 827 -7.93 -2.64 -30.64
N GLU A 828 -9.19 -2.67 -30.21
CA GLU A 828 -9.97 -1.47 -29.95
CA GLU A 828 -9.91 -1.42 -29.96
C GLU A 828 -9.89 -1.06 -28.48
N GLN A 829 -9.23 -1.88 -27.67
CA GLN A 829 -9.10 -1.61 -26.25
C GLN A 829 -7.74 -0.99 -25.91
N ARG A 830 -7.69 -0.29 -24.78
CA ARG A 830 -6.44 0.33 -24.32
C ARG A 830 -6.02 -0.25 -22.99
N THR A 831 -4.72 -0.49 -22.83
CA THR A 831 -4.21 -1.07 -21.58
C THR A 831 -3.39 -0.07 -20.79
N LEU A 832 -3.76 0.10 -19.52
CA LEU A 832 -3.00 0.89 -18.59
C LEU A 832 -2.06 0.00 -17.78
N ILE A 833 -0.76 0.30 -17.81
CA ILE A 833 0.21 -0.42 -17.00
C ILE A 833 0.67 0.45 -15.84
N VAL A 834 0.58 -0.07 -14.63
CA VAL A 834 1.01 0.68 -13.46
C VAL A 834 1.97 -0.15 -12.62
N THR A 835 3.12 0.42 -12.31
CA THR A 835 4.10 -0.27 -11.47
C THR A 835 4.43 0.61 -10.28
N HIS A 836 5.32 0.12 -9.42
CA HIS A 836 5.82 0.94 -8.33
C HIS A 836 7.08 1.69 -8.75
N SER A 837 7.97 1.01 -9.48
CA SER A 837 9.26 1.58 -9.83
C SER A 837 9.44 1.75 -11.33
N ASN A 838 10.34 2.66 -11.70
CA ASN A 838 10.71 2.83 -13.10
C ASN A 838 11.54 1.67 -13.61
N GLN A 839 12.18 0.93 -12.69
CA GLN A 839 12.95 -0.25 -13.08
C GLN A 839 12.04 -1.30 -13.71
N ALA A 840 10.88 -1.52 -13.10
CA ALA A 840 9.92 -2.49 -13.58
C ALA A 840 9.39 -2.10 -14.96
N LEU A 841 9.18 -0.81 -15.15
CA LEU A 841 8.75 -0.29 -16.46
C LEU A 841 9.82 -0.53 -17.52
N ASN A 842 11.09 -0.29 -17.15
CA ASN A 842 12.20 -0.56 -18.05
C ASN A 842 12.21 -2.01 -18.49
N GLN A 843 11.95 -2.91 -17.54
CA GLN A 843 11.95 -4.34 -17.81
C GLN A 843 10.80 -4.75 -18.73
N LEU A 844 9.63 -4.14 -18.51
CA LEU A 844 8.46 -4.45 -19.32
C LEU A 844 8.64 -3.98 -20.77
N PHE A 845 9.14 -2.76 -20.95
CA PHE A 845 9.32 -2.20 -22.28
C PHE A 845 10.44 -2.90 -23.03
N GLU A 846 11.45 -3.37 -22.31
CA GLU A 846 12.52 -4.15 -22.91
C GLU A 846 11.97 -5.42 -23.55
N LYS A 847 11.13 -6.14 -22.81
CA LYS A 847 10.55 -7.39 -23.31
C LYS A 847 9.45 -7.13 -24.34
N ILE A 848 8.74 -6.01 -24.21
CA ILE A 848 7.72 -5.62 -25.17
C ILE A 848 8.35 -5.42 -26.55
N ALA A 850 10.67 -6.96 -27.92
CA ALA A 850 11.02 -8.22 -28.58
C ALA A 850 9.77 -8.93 -29.09
N LEU A 851 8.61 -8.31 -28.90
CA LEU A 851 7.35 -8.91 -29.33
C LEU A 851 6.70 -8.14 -30.47
N ASP A 852 5.64 -8.70 -31.03
CA ASP A 852 4.96 -8.13 -32.18
C ASP A 852 4.03 -6.97 -31.77
N ILE A 853 4.61 -5.89 -31.28
CA ILE A 853 3.84 -4.73 -30.86
C ILE A 853 4.41 -3.46 -31.48
N ASP A 854 3.59 -2.74 -32.24
CA ASP A 854 4.04 -1.54 -32.93
C ASP A 854 4.35 -0.43 -31.92
N GLU A 855 5.52 0.18 -32.05
CA GLU A 855 6.00 1.14 -31.07
C GLU A 855 5.22 2.46 -31.12
N ARG A 856 4.36 2.63 -32.14
CA ARG A 856 3.53 3.82 -32.21
C ARG A 856 2.36 3.70 -31.22
N HIS A 857 2.09 2.47 -30.77
CA HIS A 857 1.01 2.22 -29.83
C HIS A 857 1.49 2.22 -28.38
N LEU A 858 2.77 2.53 -28.18
CA LEU A 858 3.36 2.51 -26.85
C LEU A 858 3.57 3.91 -26.29
N LEU A 859 3.29 4.09 -25.01
CA LEU A 859 3.50 5.37 -24.36
C LEU A 859 3.85 5.19 -22.89
N ARG A 860 4.81 5.98 -22.43
CA ARG A 860 5.27 5.94 -21.04
C ARG A 860 5.24 7.34 -20.43
N LEU A 861 4.49 7.48 -19.35
CA LEU A 861 4.39 8.77 -18.65
C LEU A 861 5.35 8.80 -17.47
N GLY A 862 5.85 10.00 -17.15
CA GLY A 862 6.76 10.16 -16.03
C GLY A 862 7.11 11.61 -15.76
N HIS A 863 7.48 11.91 -14.53
CA HIS A 863 7.90 13.26 -14.15
C HIS A 863 9.42 13.36 -14.17
N GLY A 864 9.97 13.54 -15.37
CA GLY A 864 11.40 13.67 -15.54
C GLY A 864 11.79 13.98 -16.99
N GLU A 865 13.06 14.11 -17.33
CA GLU A 865 14.26 13.98 -16.47
C GLU A 865 14.37 12.65 -15.72
N GLU A 866 14.19 11.56 -16.44
CA GLU A 866 14.49 10.23 -15.94
C GLU A 866 15.48 9.60 -16.91
N GLU A 867 16.47 8.88 -16.39
CA GLU A 867 17.49 8.28 -17.24
C GLU A 867 16.88 7.22 -18.16
N LEU A 868 17.06 7.41 -19.46
CA LEU A 868 16.56 6.46 -20.45
C LEU A 868 17.36 5.16 -20.36
N GLU A 869 16.66 4.06 -20.10
CA GLU A 869 17.33 2.79 -19.88
C GLU A 869 16.98 1.75 -20.95
N THR A 870 16.01 2.06 -21.79
CA THR A 870 15.62 1.13 -22.84
C THR A 870 16.21 1.57 -24.17
N GLU A 871 16.31 0.61 -25.09
CA GLU A 871 16.88 0.82 -26.40
C GLU A 871 16.15 1.90 -27.19
N LYS A 872 14.85 2.03 -26.94
CA LYS A 872 14.03 3.08 -27.55
C LYS A 872 13.38 3.98 -26.50
N ASP A 873 13.01 5.19 -26.90
CA ASP A 873 12.47 6.19 -25.99
C ASP A 873 10.93 6.25 -26.06
N PHE A 874 10.27 5.83 -24.99
CA PHE A 874 8.82 5.71 -24.99
C PHE A 874 8.13 6.83 -24.22
N SER A 875 8.89 7.84 -23.84
CA SER A 875 8.31 9.04 -23.24
C SER A 875 7.52 9.81 -24.29
N ARG A 876 6.73 10.78 -23.84
CA ARG A 876 5.99 11.65 -24.76
C ARG A 876 6.94 12.23 -25.79
N TYR A 877 8.11 12.64 -25.33
CA TYR A 877 9.13 13.22 -26.19
C TYR A 877 9.63 12.23 -27.24
N GLY A 878 9.97 11.02 -26.80
CA GLY A 878 10.45 10.00 -27.68
C GLY A 878 9.41 9.56 -28.71
N ARG A 879 8.15 9.55 -28.28
CA ARG A 879 7.06 9.08 -29.14
C ARG A 879 6.64 10.14 -30.15
N VAL A 880 6.64 11.41 -29.74
CA VAL A 880 6.37 12.48 -30.68
C VAL A 880 7.45 12.49 -31.75
N ASN A 881 8.70 12.30 -31.33
CA ASN A 881 9.83 12.27 -32.25
C ASN A 881 9.77 11.10 -33.22
N TYR A 882 9.37 9.93 -32.73
CA TYR A 882 9.21 8.76 -33.60
C TYR A 882 8.16 9.03 -34.67
N VAL A 883 7.00 9.54 -34.25
CA VAL A 883 5.91 9.85 -35.16
C VAL A 883 6.37 10.83 -36.24
N LEU A 884 7.05 11.89 -35.81
CA LEU A 884 7.55 12.90 -36.75
C LEU A 884 8.51 12.31 -37.77
N ALA A 885 9.41 11.44 -37.31
CA ALA A 885 10.40 10.84 -38.19
C ALA A 885 9.76 9.78 -39.09
N ARG A 886 8.76 9.07 -38.57
CA ARG A 886 8.09 8.03 -39.33
C ARG A 886 7.16 8.63 -40.38
N ARG A 887 6.56 9.77 -40.04
CA ARG A 887 5.72 10.50 -40.98
C ARG A 887 6.50 10.90 -42.22
N ILE A 888 7.73 11.36 -42.01
CA ILE A 888 8.60 11.79 -43.10
C ILE A 888 8.89 10.62 -44.05
N GLU A 889 9.25 9.48 -43.48
CA GLU A 889 9.60 8.30 -44.26
C GLU A 889 8.40 7.77 -45.03
N LEU A 890 7.22 7.80 -44.41
CA LEU A 890 6.02 7.26 -45.04
C LEU A 890 5.49 8.15 -46.16
N LEU A 891 5.59 9.46 -45.98
CA LEU A 891 5.19 10.40 -47.02
C LEU A 891 6.11 10.24 -48.24
N GLU A 892 7.34 9.82 -48.00
CA GLU A 892 8.29 9.56 -49.07
C GLU A 892 7.92 8.28 -49.82
N GLU A 893 7.31 7.34 -49.11
CA GLU A 893 6.84 6.10 -49.74
C GLU A 893 5.65 6.39 -50.65
N VAL A 894 4.78 7.30 -50.21
CA VAL A 894 3.64 7.72 -51.01
C VAL A 894 4.12 8.37 -52.31
N LYS A 895 5.15 9.21 -52.20
CA LYS A 895 5.77 9.83 -53.37
C LYS A 895 6.31 8.78 -54.33
N ARG A 896 6.97 7.75 -53.77
CA ARG A 896 7.51 6.66 -54.59
C ARG A 896 6.39 5.85 -55.23
N LEU A 897 5.28 5.68 -54.49
CA LEU A 897 4.12 4.98 -55.01
C LEU A 897 3.49 5.77 -56.17
N GLN A 898 3.33 7.07 -55.97
CA GLN A 898 2.81 7.97 -56.99
C GLN A 898 3.57 7.81 -58.32
N LYS A 899 4.89 7.84 -58.24
CA LYS A 899 5.74 7.78 -59.41
C LYS A 899 5.72 6.40 -60.07
N SER A 900 5.63 5.35 -59.26
CA SER A 900 5.60 3.99 -59.79
C SER A 900 4.31 3.74 -60.57
N LEU A 901 3.30 4.58 -60.31
CA LEU A 901 2.01 4.46 -60.97
C LEU A 901 1.89 5.40 -62.18
N GLY A 902 2.92 6.20 -62.41
CA GLY A 902 2.93 7.13 -63.53
C GLY A 902 2.03 8.33 -63.33
N VAL A 903 1.76 8.67 -62.07
CA VAL A 903 1.01 9.87 -61.76
C VAL A 903 1.96 11.06 -61.62
N PRO A 904 1.75 12.10 -62.43
CA PRO A 904 2.61 13.30 -62.38
C PRO A 904 2.30 14.17 -61.18
N GLY A 905 3.24 15.05 -60.82
CA GLY A 905 3.08 15.92 -59.67
C GLY A 905 4.35 15.97 -58.85
N ASP A 906 4.93 17.15 -58.74
CA ASP A 906 6.21 17.32 -58.05
C ASP A 906 6.05 17.68 -56.58
N ALA A 907 4.85 18.12 -56.21
CA ALA A 907 4.57 18.47 -54.82
C ALA A 907 4.73 17.25 -53.92
N SER A 908 5.22 17.48 -52.70
CA SER A 908 5.28 16.41 -51.72
C SER A 908 3.91 16.20 -51.11
N TYR A 909 3.69 15.04 -50.50
CA TYR A 909 2.41 14.76 -49.86
C TYR A 909 2.42 15.17 -48.40
N THR A 910 1.24 15.56 -47.91
CA THR A 910 1.01 15.68 -46.49
C THR A 910 0.19 14.46 -46.09
N CYS A 911 -0.09 14.32 -44.80
CA CYS A 911 -1.01 13.27 -44.35
C CYS A 911 -2.38 13.46 -45.00
N GLU A 912 -2.77 14.72 -45.18
CA GLU A 912 -4.05 15.04 -45.81
C GLU A 912 -4.12 14.56 -47.25
N THR A 913 -3.14 14.96 -48.07
CA THR A 913 -3.15 14.60 -49.49
C THR A 913 -2.82 13.12 -49.69
N ALA A 914 -2.14 12.52 -48.71
CA ALA A 914 -1.88 11.09 -48.76
C ALA A 914 -3.20 10.32 -48.64
N GLY A 915 -4.08 10.81 -47.76
CA GLY A 915 -5.40 10.23 -47.58
C GLY A 915 -6.21 10.30 -48.87
N TYR A 916 -6.21 11.46 -49.51
CA TYR A 916 -6.88 11.64 -50.79
C TYR A 916 -6.33 10.67 -51.81
N PHE A 917 -5.00 10.54 -51.84
CA PHE A 917 -4.32 9.67 -52.79
C PHE A 917 -4.71 8.21 -52.62
N PHE A 918 -4.84 7.77 -51.37
CA PHE A 918 -5.19 6.38 -51.08
C PHE A 918 -6.57 6.02 -51.65
N LEU A 919 -7.55 6.87 -51.40
CA LEU A 919 -8.91 6.63 -51.87
C LEU A 919 -9.02 6.74 -53.38
N TYR A 920 -8.34 7.72 -53.95
CA TYR A 920 -8.49 8.07 -55.35
C TYR A 920 -7.60 7.26 -56.30
N GLN A 921 -6.37 6.96 -55.87
CA GLN A 921 -5.41 6.29 -56.73
C GLN A 921 -5.18 4.84 -56.32
N VAL A 922 -5.21 4.56 -55.01
CA VAL A 922 -4.85 3.24 -54.52
C VAL A 922 -6.05 2.30 -54.41
N SER A 924 -9.03 2.59 -55.68
CA SER A 924 -9.63 2.41 -56.99
C SER A 924 -8.95 1.29 -57.77
N ARG A 925 -7.62 1.37 -57.87
CA ARG A 925 -6.83 0.36 -58.57
C ARG A 925 -7.01 -1.02 -57.94
N TRP A 926 -7.07 -1.07 -56.61
CA TRP A 926 -7.21 -2.34 -55.91
C TRP A 926 -8.59 -2.95 -56.14
N GLU A 927 -9.62 -2.12 -56.06
CA GLU A 927 -10.99 -2.57 -56.25
C GLU A 927 -11.22 -3.11 -57.66
N GLU A 928 -10.63 -2.44 -58.65
CA GLU A 928 -10.70 -2.90 -60.03
C GLU A 928 -10.02 -4.25 -60.18
N TYR A 929 -8.87 -4.37 -59.51
CA TYR A 929 -8.07 -5.59 -59.52
C TYR A 929 -8.83 -6.76 -58.90
N ILE A 930 -9.37 -6.54 -57.70
CA ILE A 930 -10.15 -7.57 -57.01
C ILE A 930 -11.38 -7.96 -57.83
N SER A 931 -11.95 -6.98 -58.52
CA SER A 931 -13.10 -7.23 -59.39
C SER A 931 -12.76 -8.23 -60.50
N LYS A 932 -11.52 -8.18 -60.97
CA LYS A 932 -11.08 -9.04 -62.06
C LYS A 932 -10.68 -10.44 -61.59
N VAL A 933 -9.90 -10.52 -60.51
CA VAL A 933 -9.30 -11.78 -60.12
C VAL A 933 -9.96 -12.44 -58.90
N LYS A 934 -10.95 -11.77 -58.32
CA LYS A 934 -11.67 -12.35 -57.18
C LYS A 934 -13.17 -12.21 -57.35
N ASN A 935 -13.66 -12.59 -58.53
CA ASN A 935 -15.08 -12.54 -58.85
C ASN A 935 -15.39 -13.23 -60.17
N PRO A 941 -10.17 -17.20 -63.56
CA PRO A 941 -9.51 -17.08 -62.26
C PRO A 941 -8.19 -17.84 -62.22
N ASP A 942 -7.23 -17.42 -63.04
CA ASP A 942 -5.97 -18.13 -63.16
C ASP A 942 -4.85 -17.57 -62.29
N VAL A 943 -3.84 -18.39 -62.07
CA VAL A 943 -2.63 -17.98 -61.36
C VAL A 943 -1.93 -16.83 -62.09
N THR A 944 -2.02 -16.85 -63.41
CA THR A 944 -1.32 -15.89 -64.25
C THR A 944 -1.96 -14.50 -64.15
N GLU A 945 -3.28 -14.47 -63.98
CA GLU A 945 -4.00 -13.21 -63.94
C GLU A 945 -3.88 -12.53 -62.58
N VAL A 946 -3.42 -13.26 -61.58
CA VAL A 946 -3.13 -12.67 -60.27
C VAL A 946 -1.97 -11.70 -60.42
N SER A 947 -0.99 -12.09 -61.23
CA SER A 947 0.22 -11.31 -61.42
C SER A 947 0.10 -10.34 -62.58
N THR A 948 -0.60 -10.75 -63.63
CA THR A 948 -0.76 -9.94 -64.84
C THR A 948 -1.52 -8.65 -64.55
N PHE A 949 -2.53 -8.73 -63.68
CA PHE A 949 -3.36 -7.57 -63.37
C PHE A 949 -3.00 -6.90 -62.05
N PHE A 950 -1.96 -7.39 -61.38
CA PHE A 950 -1.49 -6.78 -60.13
C PHE A 950 -1.04 -5.35 -60.37
N PRO A 951 -1.73 -4.39 -59.72
CA PRO A 951 -1.54 -2.97 -60.02
C PRO A 951 -0.29 -2.33 -59.42
N PHE A 952 0.51 -3.05 -58.64
CA PHE A 952 1.62 -2.42 -57.93
C PHE A 952 2.98 -3.09 -58.12
N HIS A 953 3.25 -3.62 -59.32
CA HIS A 953 4.52 -4.28 -59.61
C HIS A 953 5.72 -3.37 -59.39
N GLU A 954 5.66 -2.16 -59.95
CA GLU A 954 6.79 -1.25 -59.91
C GLU A 954 7.13 -0.77 -58.50
N TYR A 955 6.10 -0.55 -57.68
CA TYR A 955 6.32 -0.11 -56.31
C TYR A 955 7.09 -1.16 -55.51
N PHE A 956 6.81 -2.43 -55.78
CA PHE A 956 7.43 -3.52 -55.05
C PHE A 956 8.61 -4.14 -55.80
N ALA A 957 9.20 -3.40 -56.73
CA ALA A 957 10.33 -3.89 -57.51
C ALA A 957 11.55 -4.12 -56.63
N ASN A 958 11.66 -3.31 -55.58
CA ASN A 958 12.77 -3.40 -54.63
C ASN A 958 12.71 -4.63 -53.75
N ALA A 959 11.51 -5.21 -53.63
CA ALA A 959 11.31 -6.41 -52.82
C ALA A 959 11.92 -7.64 -53.50
N PRO A 960 12.23 -8.68 -52.70
CA PRO A 960 12.78 -9.91 -53.27
C PRO A 960 11.89 -10.52 -54.36
N GLN A 961 12.50 -10.76 -55.52
CA GLN A 961 11.76 -11.23 -56.70
C GLN A 961 11.92 -12.75 -56.85
N PRO A 962 10.91 -13.41 -57.46
CA PRO A 962 9.65 -12.82 -57.92
C PRO A 962 8.64 -12.67 -56.79
N ILE A 963 7.74 -11.69 -56.91
CA ILE A 963 6.70 -11.49 -55.92
C ILE A 963 5.76 -12.68 -55.91
N PHE A 964 5.29 -13.07 -57.10
CA PHE A 964 4.38 -14.19 -57.22
C PHE A 964 5.12 -15.45 -57.64
N LYS A 965 4.58 -16.61 -57.25
CA LYS A 965 5.29 -17.87 -57.43
C LYS A 965 4.75 -18.67 -58.60
N GLY A 966 3.51 -18.39 -59.00
CA GLY A 966 2.90 -19.06 -60.13
C GLY A 966 2.60 -20.52 -59.87
N ARG A 967 2.60 -20.92 -58.61
CA ARG A 967 2.31 -22.30 -58.24
C ARG A 967 0.80 -22.53 -58.17
N SER A 968 0.13 -21.79 -57.30
CA SER A 968 -1.33 -21.91 -57.18
C SER A 968 -1.99 -20.54 -57.05
N TYR A 969 -3.28 -20.49 -57.37
CA TYR A 969 -4.06 -19.26 -57.29
C TYR A 969 -4.11 -18.76 -55.86
N GLU A 970 -4.52 -19.65 -54.97
CA GLU A 970 -4.69 -19.34 -53.56
C GLU A 970 -3.45 -18.70 -52.95
N GLU A 971 -2.28 -19.23 -53.30
CA GLU A 971 -1.02 -18.72 -52.77
C GLU A 971 -0.71 -17.32 -53.28
N ASP A 972 -0.74 -17.15 -54.61
CA ASP A 972 -0.41 -15.86 -55.20
C ASP A 972 -1.45 -14.79 -54.87
N GLU A 974 -3.10 -14.59 -52.05
CA GLU A 974 -2.79 -14.16 -50.69
C GLU A 974 -1.52 -13.33 -50.65
N ILE A 975 -0.59 -13.61 -51.56
CA ILE A 975 0.61 -12.79 -51.70
C ILE A 975 0.24 -11.38 -52.16
N ALA A 976 -0.71 -11.30 -53.08
CA ALA A 976 -1.23 -10.02 -53.56
C ALA A 976 -1.96 -9.28 -52.43
N GLU A 977 -2.80 -10.02 -51.70
CA GLU A 977 -3.51 -9.47 -50.55
C GLU A 977 -2.54 -8.86 -49.54
N GLY A 978 -1.44 -9.56 -49.29
CA GLY A 978 -0.44 -9.10 -48.34
C GLY A 978 0.25 -7.83 -48.80
N CYS A 979 0.42 -7.69 -50.11
CA CYS A 979 1.01 -6.49 -50.68
C CYS A 979 0.11 -5.29 -50.45
N PHE A 980 -1.20 -5.51 -50.57
CA PHE A 980 -2.16 -4.43 -50.34
C PHE A 980 -2.22 -4.06 -48.87
N ARG A 981 -2.12 -5.06 -47.99
CA ARG A 981 -2.06 -4.79 -46.56
C ARG A 981 -0.85 -3.94 -46.21
N HIS A 982 0.28 -4.25 -46.86
CA HIS A 982 1.51 -3.48 -46.68
C HIS A 982 1.30 -2.01 -47.03
N ILE A 983 0.69 -1.77 -48.18
CA ILE A 983 0.44 -0.40 -48.65
C ILE A 983 -0.59 0.30 -47.76
N LYS A 984 -1.64 -0.43 -47.39
CA LYS A 984 -2.69 0.13 -46.56
C LYS A 984 -2.18 0.55 -45.18
N LYS A 985 -1.24 -0.23 -44.64
CA LYS A 985 -0.65 0.07 -43.33
C LYS A 985 0.07 1.41 -43.37
N ILE A 986 0.71 1.71 -44.50
CA ILE A 986 1.37 2.99 -44.70
C ILE A 986 0.40 4.15 -44.55
N PHE A 987 -0.78 4.01 -45.14
CA PHE A 987 -1.78 5.07 -45.13
C PHE A 987 -2.59 5.09 -43.84
N THR A 988 -2.67 3.94 -43.16
CA THR A 988 -3.33 3.90 -41.86
C THR A 988 -2.51 4.69 -40.86
N GLN A 989 -1.20 4.52 -40.92
CA GLN A 989 -0.29 5.24 -40.03
C GLN A 989 -0.31 6.74 -40.31
N LEU A 990 -0.28 7.10 -41.59
CA LEU A 990 -0.29 8.51 -41.98
C LEU A 990 -1.56 9.22 -41.54
N GLU A 991 -2.68 8.49 -41.55
CA GLU A 991 -3.94 9.05 -41.08
C GLU A 991 -3.89 9.28 -39.57
N GLU A 992 -3.23 8.38 -38.86
CA GLU A 992 -3.02 8.54 -37.43
C GLU A 992 -2.07 9.71 -37.15
N PHE A 993 -1.13 9.92 -38.07
CA PHE A 993 -0.08 10.92 -37.87
C PHE A 993 -0.50 12.32 -38.33
N ARG A 994 -1.68 12.44 -38.93
CA ARG A 994 -2.19 13.74 -39.38
C ARG A 994 -2.28 14.72 -38.22
N ALA A 995 -2.54 14.21 -37.03
CA ALA A 995 -2.66 15.02 -35.82
C ALA A 995 -1.42 15.87 -35.57
N SER A 996 -0.25 15.37 -35.97
CA SER A 996 1.00 16.10 -35.77
C SER A 996 1.12 17.27 -36.74
N GLU A 997 0.28 17.28 -37.77
CA GLU A 997 0.22 18.40 -38.71
C GLU A 997 -0.78 19.44 -38.22
N LEU A 998 -1.71 19.00 -37.37
CA LEU A 998 -2.75 19.88 -36.85
C LEU A 998 -2.39 20.42 -35.48
N LEU A 999 -1.39 19.80 -34.86
CA LEU A 999 -0.92 20.21 -33.54
C LEU A 999 0.58 20.46 -33.59
N ARG A 1000 0.99 21.71 -33.44
CA ARG A 1000 2.39 22.09 -33.60
C ARG A 1000 3.23 21.82 -32.35
N SER A 1001 2.72 22.22 -31.19
CA SER A 1001 3.47 22.08 -29.95
C SER A 1001 3.63 20.62 -29.53
N GLY A 1002 4.77 20.30 -28.93
CA GLY A 1002 5.04 18.95 -28.47
C GLY A 1002 4.08 18.49 -27.39
N LEU A 1003 3.49 19.46 -26.67
CA LEU A 1003 2.57 19.13 -25.59
C LEU A 1003 1.22 18.69 -26.13
N ASP A 1004 0.72 19.40 -27.13
CA ASP A 1004 -0.53 19.00 -27.77
C ASP A 1004 -0.36 17.69 -28.51
N ARG A 1005 0.81 17.50 -29.11
CA ARG A 1005 1.14 16.27 -29.83
C ARG A 1005 1.17 15.08 -28.88
N SER A 1006 1.72 15.30 -27.69
CA SER A 1006 1.78 14.24 -26.68
C SER A 1006 0.38 13.91 -26.16
N LYS A 1007 -0.47 14.92 -26.08
CA LYS A 1007 -1.86 14.73 -25.65
C LYS A 1007 -2.58 13.80 -26.62
N TYR A 1008 -2.33 13.96 -27.91
CA TYR A 1008 -2.96 13.12 -28.92
C TYR A 1008 -2.56 11.66 -28.76
N LEU A 1009 -1.29 11.42 -28.44
CA LEU A 1009 -0.80 10.06 -28.25
C LEU A 1009 -1.43 9.42 -27.02
N LEU A 1010 -1.61 10.23 -25.98
CA LEU A 1010 -2.12 9.76 -24.69
C LEU A 1010 -3.61 9.45 -24.75
N VAL A 1011 -4.36 10.32 -25.40
CA VAL A 1011 -5.81 10.22 -25.45
C VAL A 1011 -6.29 9.28 -26.57
N LYS A 1012 -5.54 9.22 -27.66
CA LYS A 1012 -6.02 8.54 -28.85
C LYS A 1012 -5.11 7.44 -29.41
N GLU A 1013 -3.85 7.77 -29.68
CA GLU A 1013 -2.99 6.90 -30.48
C GLU A 1013 -2.47 5.66 -29.75
N ALA A 1014 -1.94 5.84 -28.54
CA ALA A 1014 -1.35 4.72 -27.80
C ALA A 1014 -2.42 3.68 -27.45
N LYS A 1015 -2.02 2.41 -27.44
CA LYS A 1015 -2.89 1.33 -27.00
C LYS A 1015 -2.38 0.74 -25.71
N ILE A 1016 -1.15 1.10 -25.37
CA ILE A 1016 -0.50 0.65 -24.15
C ILE A 1016 0.14 1.86 -23.46
N ILE A 1017 -0.39 2.23 -22.30
CA ILE A 1017 0.09 3.40 -21.59
C ILE A 1017 0.60 3.04 -20.19
N ALA A 1018 1.84 3.39 -19.91
CA ALA A 1018 2.49 2.96 -18.68
C ALA A 1018 2.96 4.13 -17.81
N THR A 1020 4.18 4.98 -13.23
CA THR A 1020 4.26 4.51 -11.85
C THR A 1020 2.98 4.88 -11.13
N CYS A 1021 2.69 4.17 -10.04
CA CYS A 1021 1.53 4.47 -9.21
C CYS A 1021 1.65 5.88 -8.62
N THR A 1022 2.89 6.28 -8.35
CA THR A 1022 3.16 7.63 -7.88
C THR A 1022 2.71 8.66 -8.90
N HIS A 1023 3.14 8.50 -10.14
CA HIS A 1023 2.77 9.41 -11.22
C HIS A 1023 1.26 9.42 -11.43
N ALA A 1024 0.65 8.24 -11.36
CA ALA A 1024 -0.78 8.10 -11.55
C ALA A 1024 -1.56 8.92 -10.51
N ALA A 1025 -1.05 8.92 -9.28
CA ALA A 1025 -1.69 9.67 -8.19
C ALA A 1025 -1.58 11.17 -8.41
N LEU A 1026 -0.41 11.62 -8.86
CA LEU A 1026 -0.17 13.03 -9.10
C LEU A 1026 -0.97 13.56 -10.30
N LYS A 1027 -1.10 12.73 -11.32
CA LYS A 1027 -1.64 13.17 -12.60
C LYS A 1027 -3.10 12.82 -12.86
N ARG A 1028 -3.79 12.24 -11.86
CA ARG A 1028 -5.16 11.78 -12.09
C ARG A 1028 -6.08 12.91 -12.56
N HIS A 1029 -5.95 14.07 -11.94
CA HIS A 1029 -6.80 15.22 -12.28
C HIS A 1029 -6.62 15.61 -13.74
N ASP A 1030 -5.37 15.75 -14.18
CA ASP A 1030 -5.09 16.11 -15.56
C ASP A 1030 -5.58 15.04 -16.54
N LEU A 1031 -5.40 13.77 -16.16
CA LEU A 1031 -5.80 12.66 -17.02
C LEU A 1031 -7.31 12.62 -17.24
N VAL A 1032 -8.08 12.84 -16.17
CA VAL A 1032 -9.53 12.86 -16.28
C VAL A 1032 -10.00 14.05 -17.14
N LYS A 1033 -9.35 15.19 -16.96
CA LYS A 1033 -9.68 16.39 -17.72
C LYS A 1033 -9.40 16.21 -19.20
N LEU A 1034 -8.32 15.49 -19.52
CA LEU A 1034 -7.95 15.22 -20.90
C LEU A 1034 -8.93 14.28 -21.60
N GLY A 1035 -9.66 13.50 -20.81
CA GLY A 1035 -10.54 12.49 -21.36
C GLY A 1035 -9.81 11.19 -21.61
N PHE A 1036 -8.79 10.95 -20.80
CA PHE A 1036 -8.04 9.69 -20.83
C PHE A 1036 -8.98 8.51 -20.64
N LYS A 1037 -8.86 7.50 -21.50
CA LYS A 1037 -9.71 6.32 -21.43
C LYS A 1037 -8.87 5.06 -21.50
N TYR A 1038 -9.33 4.01 -20.83
CA TYR A 1038 -8.65 2.71 -20.87
C TYR A 1038 -9.60 1.59 -20.44
N ASP A 1039 -9.33 0.39 -20.92
CA ASP A 1039 -10.21 -0.76 -20.70
C ASP A 1039 -9.62 -1.74 -19.69
N ASN A 1040 -8.29 -1.88 -19.72
CA ASN A 1040 -7.61 -2.91 -18.95
C ASN A 1040 -6.45 -2.34 -18.12
N ILE A 1041 -6.33 -2.81 -16.89
CA ILE A 1041 -5.20 -2.43 -16.03
C ILE A 1041 -4.34 -3.64 -15.70
N LEU A 1042 -3.03 -3.52 -15.93
CA LEU A 1042 -2.08 -4.49 -15.43
C LEU A 1042 -1.11 -3.81 -14.48
N GLU A 1044 2.42 -4.42 -11.87
CA GLU A 1044 3.52 -5.21 -11.34
C GLU A 1044 3.93 -4.62 -10.00
N GLU A 1045 4.71 -5.38 -9.24
CA GLU A 1045 5.15 -4.96 -7.90
C GLU A 1045 3.97 -4.60 -7.02
N ALA A 1046 2.86 -5.29 -7.21
CA ALA A 1046 1.58 -4.91 -6.62
C ALA A 1046 1.61 -4.94 -5.09
N ALA A 1047 2.40 -5.83 -4.50
CA ALA A 1047 2.48 -5.92 -3.05
C ALA A 1047 3.47 -4.92 -2.47
N GLN A 1048 4.03 -4.07 -3.34
CA GLN A 1048 4.90 -2.98 -2.90
C GLN A 1048 4.17 -1.64 -2.93
N ILE A 1049 2.92 -1.67 -3.41
CA ILE A 1049 2.15 -0.45 -3.61
C ILE A 1049 1.14 -0.24 -2.50
N LEU A 1050 1.15 0.96 -1.92
CA LEU A 1050 0.17 1.31 -0.88
C LEU A 1050 -1.26 1.06 -1.32
N GLU A 1051 -2.12 0.75 -0.37
CA GLU A 1051 -3.54 0.48 -0.63
C GLU A 1051 -4.16 1.55 -1.51
N ILE A 1052 -4.07 2.80 -1.08
CA ILE A 1052 -4.76 3.89 -1.77
C ILE A 1052 -4.14 4.18 -3.13
N GLU A 1053 -2.84 3.92 -3.27
CA GLU A 1053 -2.16 4.15 -4.54
C GLU A 1053 -2.40 2.98 -5.49
N THR A 1054 -3.02 1.93 -4.99
CA THR A 1054 -3.46 0.82 -5.84
C THR A 1054 -4.87 1.13 -6.35
N PHE A 1055 -5.68 1.75 -5.50
CA PHE A 1055 -7.06 2.08 -5.82
C PHE A 1055 -7.19 3.20 -6.85
N ILE A 1056 -6.38 4.25 -6.70
CA ILE A 1056 -6.45 5.43 -7.56
C ILE A 1056 -6.36 5.13 -9.07
N PRO A 1057 -5.42 4.24 -9.50
CA PRO A 1057 -5.39 3.92 -10.93
C PRO A 1057 -6.68 3.30 -11.49
N LEU A 1058 -7.63 2.90 -10.64
CA LEU A 1058 -8.90 2.39 -11.12
C LEU A 1058 -9.78 3.53 -11.66
N LEU A 1059 -9.44 4.76 -11.28
CA LEU A 1059 -10.29 5.91 -11.57
C LEU A 1059 -9.57 7.04 -12.30
N LEU A 1060 -8.73 6.70 -13.27
CA LEU A 1060 -8.04 7.73 -14.05
C LEU A 1060 -8.90 8.17 -15.25
N GLN A 1061 -10.15 7.75 -15.25
CA GLN A 1061 -11.09 8.08 -16.31
C GLN A 1061 -12.48 8.36 -15.77
N ASN A 1062 -13.35 8.91 -16.61
CA ASN A 1062 -14.75 9.13 -16.26
C ASN A 1062 -15.56 7.87 -16.52
N PRO A 1063 -16.71 7.73 -15.84
CA PRO A 1063 -17.60 6.59 -16.12
C PRO A 1063 -18.15 6.65 -17.54
N GLN A 1064 -18.60 5.51 -18.07
CA GLN A 1064 -19.19 5.49 -19.40
C GLN A 1064 -20.63 5.01 -19.35
N ASP A 1065 -21.55 5.92 -19.65
CA ASP A 1065 -22.99 5.66 -19.59
C ASP A 1065 -23.41 5.21 -18.19
N GLY A 1066 -22.69 5.69 -17.18
CA GLY A 1066 -23.01 5.40 -15.80
C GLY A 1066 -22.24 4.24 -15.20
N PHE A 1067 -21.42 3.58 -16.03
CA PHE A 1067 -20.65 2.44 -15.57
C PHE A 1067 -19.16 2.59 -15.87
N SER A 1068 -18.34 1.89 -15.09
CA SER A 1068 -16.90 1.89 -15.32
C SER A 1068 -16.60 1.16 -16.63
N ARG A 1069 -15.66 1.71 -17.40
CA ARG A 1069 -15.24 1.13 -18.66
C ARG A 1069 -14.28 -0.05 -18.44
N LEU A 1070 -13.79 -0.16 -17.22
CA LEU A 1070 -12.79 -1.17 -16.87
C LEU A 1070 -13.29 -2.59 -17.12
N LYS A 1071 -12.57 -3.33 -17.94
CA LYS A 1071 -12.95 -4.70 -18.28
C LYS A 1071 -12.09 -5.74 -17.57
N ARG A 1072 -10.82 -5.38 -17.32
CA ARG A 1072 -9.89 -6.31 -16.69
C ARG A 1072 -9.02 -5.62 -15.64
N TRP A 1073 -8.72 -6.35 -14.57
CA TRP A 1073 -7.76 -5.90 -13.58
C TRP A 1073 -6.78 -7.01 -13.28
N ILE A 1074 -5.55 -6.86 -13.78
CA ILE A 1074 -4.51 -7.84 -13.53
C ILE A 1074 -3.48 -7.28 -12.56
N ILE A 1076 0.04 -8.33 -10.48
CA ILE A 1076 1.14 -9.26 -10.31
C ILE A 1076 2.05 -8.76 -9.21
N GLY A 1077 2.31 -9.61 -8.21
CA GLY A 1077 3.14 -9.23 -7.09
C GLY A 1077 3.48 -10.38 -6.17
N ASP A 1078 4.11 -10.06 -5.05
CA ASP A 1078 4.51 -11.06 -4.06
C ASP A 1078 4.39 -10.51 -2.66
N HIS A 1079 3.35 -10.95 -1.94
CA HIS A 1079 3.10 -10.48 -0.58
C HIS A 1079 4.04 -11.15 0.43
N HIS A 1080 4.80 -12.15 -0.03
CA HIS A 1080 5.79 -12.80 0.81
C HIS A 1080 7.15 -12.09 0.74
N GLN A 1081 7.20 -11.03 -0.07
CA GLN A 1081 8.35 -10.14 -0.07
C GLN A 1081 7.94 -8.81 0.55
N LEU A 1082 8.86 -7.84 0.53
CA LEU A 1082 8.70 -6.62 1.33
C LEU A 1082 7.52 -5.74 0.90
N PRO A 1083 6.89 -5.09 1.89
CA PRO A 1083 5.71 -4.23 1.70
C PRO A 1083 6.10 -2.79 1.34
N PRO A 1084 5.10 -1.96 0.99
CA PRO A 1084 5.33 -0.52 0.81
C PRO A 1084 6.08 0.10 1.98
N VAL A 1085 6.93 1.08 1.70
CA VAL A 1085 7.76 1.69 2.74
C VAL A 1085 7.00 2.76 3.52
N ILE A 1086 6.95 2.57 4.83
CA ILE A 1086 6.36 3.55 5.72
C ILE A 1086 7.46 4.22 6.55
N LYS A 1087 7.73 5.49 6.24
CA LYS A 1087 8.83 6.25 6.84
C LYS A 1087 8.84 6.15 8.37
N ASN A 1088 7.67 6.32 8.97
CA ASN A 1088 7.50 6.24 10.42
C ASN A 1088 6.76 4.95 10.77
N ALA A 1090 5.61 3.64 13.26
CA ALA A 1090 4.53 3.69 14.24
C ALA A 1090 3.19 3.53 13.54
N PHE A 1091 3.10 4.00 12.30
CA PHE A 1091 1.88 3.91 11.51
C PHE A 1091 1.67 2.49 11.00
N GLN A 1092 2.75 1.72 10.95
CA GLN A 1092 2.63 0.31 10.64
C GLN A 1092 2.21 -0.46 11.88
N LYS A 1093 2.89 -0.17 12.98
CA LYS A 1093 2.65 -0.87 14.24
C LYS A 1093 1.19 -0.75 14.69
N TYR A 1094 0.67 0.47 14.69
CA TYR A 1094 -0.71 0.66 15.15
C TYR A 1094 -1.74 0.45 14.04
N SER A 1095 -1.45 0.93 12.84
CA SER A 1095 -2.48 1.02 11.81
C SER A 1095 -2.35 0.03 10.65
N ASN A 1096 -1.23 -0.68 10.58
CA ASN A 1096 -0.96 -1.59 9.47
C ASN A 1096 -1.01 -0.84 8.13
N GLU A 1098 1.19 -0.15 6.04
CA GLU A 1098 2.04 -0.68 4.97
C GLU A 1098 1.30 -1.68 4.10
N GLN A 1099 0.17 -2.20 4.60
CA GLN A 1099 -0.52 -3.28 3.91
C GLN A 1099 -1.03 -2.84 2.54
N SER A 1100 -0.55 -3.51 1.50
CA SER A 1100 -0.99 -3.23 0.13
C SER A 1100 -2.40 -3.76 -0.12
N LEU A 1101 -3.03 -3.28 -1.19
CA LEU A 1101 -4.32 -3.80 -1.58
C LEU A 1101 -4.18 -5.24 -2.03
N PHE A 1102 -3.08 -5.52 -2.74
CA PHE A 1102 -2.76 -6.88 -3.19
C PHE A 1102 -2.78 -7.84 -2.01
N THR A 1103 -2.05 -7.49 -0.96
CA THR A 1103 -1.94 -8.33 0.23
C THR A 1103 -3.28 -8.50 0.92
N ARG A 1104 -4.05 -7.42 1.00
CA ARG A 1104 -5.37 -7.48 1.62
C ARG A 1104 -6.28 -8.43 0.85
N PHE A 1105 -6.21 -8.37 -0.48
CA PHE A 1105 -7.02 -9.25 -1.34
C PHE A 1105 -6.65 -10.72 -1.16
N VAL A 1106 -5.36 -11.03 -1.04
CA VAL A 1106 -4.93 -12.39 -0.78
C VAL A 1106 -5.50 -12.86 0.56
N ARG A 1107 -5.38 -12.00 1.58
CA ARG A 1107 -5.90 -12.29 2.91
C ARG A 1107 -7.42 -12.48 2.89
N VAL A 1108 -8.10 -11.65 2.12
CA VAL A 1108 -9.55 -11.72 1.99
C VAL A 1108 -9.96 -13.06 1.38
N GLY A 1109 -9.11 -13.60 0.51
CA GLY A 1109 -9.35 -14.92 -0.05
C GLY A 1109 -9.55 -14.92 -1.55
N VAL A 1110 -9.22 -13.82 -2.21
CA VAL A 1110 -9.28 -13.77 -3.66
C VAL A 1110 -8.36 -14.85 -4.23
N PRO A 1111 -8.87 -15.67 -5.17
CA PRO A 1111 -8.04 -16.74 -5.71
C PRO A 1111 -6.84 -16.19 -6.48
N THR A 1112 -5.69 -16.82 -6.29
CA THR A 1112 -4.46 -16.36 -6.91
C THR A 1112 -3.85 -17.43 -7.80
N VAL A 1113 -3.12 -17.00 -8.83
CA VAL A 1113 -2.32 -17.91 -9.63
C VAL A 1113 -0.89 -17.84 -9.11
N ASP A 1114 -0.41 -18.94 -8.54
CA ASP A 1114 0.89 -18.96 -7.88
C ASP A 1114 1.97 -19.58 -8.77
N LEU A 1115 2.76 -18.71 -9.40
CA LEU A 1115 3.87 -19.14 -10.24
C LEU A 1115 4.82 -20.01 -9.43
N ASP A 1116 5.26 -21.13 -10.01
CA ASP A 1116 5.88 -22.19 -9.22
C ASP A 1116 7.22 -22.71 -9.75
N ALA A 1117 7.88 -21.94 -10.60
CA ALA A 1117 9.15 -22.39 -11.17
C ALA A 1117 10.07 -21.20 -11.45
N GLN A 1118 11.11 -21.06 -10.62
CA GLN A 1118 12.03 -19.94 -10.73
C GLN A 1118 13.17 -20.26 -11.68
N GLY A 1119 13.79 -19.23 -12.27
CA GLY A 1119 14.81 -19.46 -13.27
C GLY A 1119 16.05 -18.59 -13.22
N ARG A 1120 16.39 -18.07 -12.03
CA ARG A 1120 17.53 -17.16 -11.93
C ARG A 1120 18.59 -17.60 -10.92
N ALA A 1121 18.28 -18.57 -10.07
CA ALA A 1121 19.22 -18.97 -9.03
C ALA A 1121 19.33 -20.49 -8.88
N ARG A 1122 20.42 -20.94 -8.27
CA ARG A 1122 20.62 -22.35 -7.96
C ARG A 1122 19.42 -22.93 -7.21
N ALA A 1123 19.14 -24.20 -7.46
CA ALA A 1123 18.08 -24.89 -6.71
C ALA A 1123 18.42 -24.92 -5.23
N SER A 1124 19.70 -25.04 -4.92
CA SER A 1124 20.16 -25.10 -3.53
C SER A 1124 19.86 -23.81 -2.79
N LEU A 1125 20.03 -22.68 -3.48
CA LEU A 1125 19.74 -21.38 -2.89
C LEU A 1125 18.23 -21.16 -2.78
N CYS A 1126 17.50 -21.68 -3.77
CA CYS A 1126 16.04 -21.55 -3.81
C CYS A 1126 15.38 -22.20 -2.60
N ASN A 1127 16.02 -23.23 -2.04
CA ASN A 1127 15.48 -23.92 -0.88
C ASN A 1127 15.41 -23.01 0.35
N LEU A 1128 16.27 -22.00 0.37
CA LEU A 1128 16.33 -21.08 1.51
C LEU A 1128 15.09 -20.20 1.59
N TYR A 1129 14.25 -20.19 0.56
CA TYR A 1129 13.04 -19.40 0.60
C TYR A 1129 11.80 -20.05 -0.03
N ASN A 1130 11.96 -21.16 -0.74
CA ASN A 1130 10.81 -21.76 -1.43
C ASN A 1130 9.83 -22.44 -0.46
N TRP A 1131 10.24 -22.60 0.79
CA TRP A 1131 9.38 -23.15 1.83
C TRP A 1131 8.20 -22.20 2.10
N ARG A 1132 8.41 -20.92 1.79
CA ARG A 1132 7.42 -19.89 2.08
C ARG A 1132 6.27 -19.91 1.08
N TYR A 1133 6.46 -20.56 -0.05
CA TYR A 1133 5.50 -20.46 -1.15
C TYR A 1133 4.80 -21.78 -1.42
N LYS A 1134 3.73 -21.72 -2.21
CA LYS A 1134 3.01 -22.91 -2.62
C LYS A 1134 3.71 -23.60 -3.78
N ASN A 1135 4.38 -24.71 -3.48
CA ASN A 1135 4.94 -25.60 -4.50
C ASN A 1135 5.97 -24.91 -5.41
N LEU A 1136 6.80 -24.04 -4.83
CA LEU A 1136 7.80 -23.33 -5.63
C LEU A 1136 9.02 -24.20 -5.92
N GLY A 1137 9.14 -24.62 -7.18
CA GLY A 1137 10.28 -25.41 -7.61
C GLY A 1137 11.17 -24.63 -8.56
N ASN A 1138 11.82 -25.34 -9.48
CA ASN A 1138 12.76 -24.71 -10.40
C ASN A 1138 12.47 -25.05 -11.86
N LEU A 1139 12.77 -24.10 -12.74
CA LEU A 1139 12.68 -24.32 -14.17
C LEU A 1139 13.78 -25.27 -14.64
N PRO A 1140 13.54 -25.98 -15.76
CA PRO A 1140 14.50 -26.91 -16.34
C PRO A 1140 15.93 -26.37 -16.48
N HIS A 1141 16.11 -25.16 -17.01
CA HIS A 1141 17.46 -24.67 -17.27
C HIS A 1141 18.23 -24.44 -15.98
N VAL A 1142 17.52 -24.16 -14.89
CA VAL A 1142 18.15 -24.08 -13.58
C VAL A 1142 18.56 -25.48 -13.11
N GLN A 1143 17.73 -26.46 -13.43
CA GLN A 1143 18.00 -27.84 -13.03
C GLN A 1143 19.14 -28.48 -13.83
N LEU A 1144 19.33 -28.04 -15.07
CA LEU A 1144 20.14 -28.81 -16.02
C LEU A 1144 21.39 -28.09 -16.55
N LEU A 1145 21.36 -26.77 -16.64
CA LEU A 1145 22.52 -26.03 -17.16
C LEU A 1145 23.71 -26.12 -16.22
N PRO A 1146 24.91 -26.31 -16.79
CA PRO A 1146 26.17 -26.39 -16.05
C PRO A 1146 26.44 -25.19 -15.14
N GLU A 1147 26.01 -24.01 -15.56
CA GLU A 1147 26.33 -22.78 -14.83
C GLU A 1147 25.70 -22.74 -13.45
N PHE A 1148 24.75 -23.63 -13.19
CA PHE A 1148 24.08 -23.67 -11.89
C PHE A 1148 24.59 -24.82 -11.03
N SER A 1149 25.44 -25.66 -11.61
CA SER A 1149 26.02 -26.78 -10.87
C SER A 1149 27.54 -26.62 -10.69
N THR A 1150 28.08 -25.52 -11.19
CA THR A 1150 29.49 -25.22 -11.03
C THR A 1150 29.74 -24.53 -9.69
N ALA A 1151 30.66 -25.07 -8.90
CA ALA A 1151 30.95 -24.54 -7.57
C ALA A 1151 31.58 -23.14 -7.62
N ASN A 1152 31.58 -22.47 -6.47
CA ASN A 1152 32.23 -21.18 -6.34
C ASN A 1152 33.67 -21.35 -5.88
N ALA A 1153 34.61 -20.87 -6.69
CA ALA A 1153 36.04 -21.11 -6.49
C ALA A 1153 36.51 -20.65 -5.10
N GLY A 1154 37.30 -21.50 -4.45
CA GLY A 1154 37.90 -21.17 -3.18
C GLY A 1154 36.95 -21.25 -2.00
N LEU A 1155 35.74 -21.75 -2.27
CA LEU A 1155 34.73 -21.93 -1.23
C LEU A 1155 34.04 -23.28 -1.41
N LEU A 1156 34.17 -24.14 -0.40
CA LEU A 1156 33.62 -25.49 -0.45
C LEU A 1156 32.12 -25.49 -0.73
N TYR A 1157 31.38 -24.68 0.01
CA TYR A 1157 29.92 -24.62 -0.10
C TYR A 1157 29.43 -23.42 -0.90
N ASP A 1158 28.34 -23.60 -1.64
CA ASP A 1158 27.76 -22.52 -2.42
C ASP A 1158 26.98 -21.55 -1.53
N PHE A 1159 26.69 -21.98 -0.30
CA PHE A 1159 26.19 -21.06 0.71
C PHE A 1159 26.56 -21.52 2.11
N GLN A 1160 26.86 -20.56 2.97
CA GLN A 1160 27.16 -20.84 4.37
C GLN A 1160 26.60 -19.77 5.30
N LEU A 1161 26.17 -20.20 6.47
CA LEU A 1161 25.91 -19.30 7.58
C LEU A 1161 27.15 -19.35 8.47
N ILE A 1162 27.74 -18.20 8.76
CA ILE A 1162 29.00 -18.15 9.48
C ILE A 1162 28.85 -17.49 10.84
N ASN A 1163 29.08 -18.26 11.89
CA ASN A 1163 28.98 -17.72 13.25
C ASN A 1163 30.10 -16.75 13.54
N VAL A 1164 29.74 -15.60 14.08
CA VAL A 1164 30.70 -14.56 14.41
C VAL A 1164 30.52 -14.11 15.85
N GLU A 1165 31.39 -14.60 16.73
CA GLU A 1165 31.34 -14.22 18.14
C GLU A 1165 31.86 -12.81 18.35
N ASP A 1166 32.15 -12.47 19.60
CA ASP A 1166 32.60 -11.12 19.94
C ASP A 1166 33.97 -10.80 19.38
N PHE A 1167 34.19 -9.53 19.08
CA PHE A 1167 35.52 -9.05 18.71
C PHE A 1167 35.93 -7.93 19.65
N GLN A 1168 36.98 -8.19 20.42
CA GLN A 1168 37.46 -7.26 21.45
C GLN A 1168 36.35 -6.94 22.45
N GLY A 1169 35.62 -7.96 22.87
CA GLY A 1169 34.59 -7.83 23.87
C GLY A 1169 33.28 -7.25 23.38
N VAL A 1170 33.22 -6.88 22.10
CA VAL A 1170 32.02 -6.28 21.54
C VAL A 1170 31.37 -7.18 20.50
N GLY A 1171 30.05 -7.20 20.47
CA GLY A 1171 29.30 -7.82 19.41
C GLY A 1171 28.68 -6.71 18.57
N GLU A 1172 27.38 -6.50 18.74
CA GLU A 1172 26.71 -5.38 18.08
C GLU A 1172 27.07 -4.09 18.83
N SER A 1173 27.19 -3.00 18.08
CA SER A 1173 27.52 -1.71 18.68
C SER A 1173 26.63 -0.62 18.10
N GLU A 1174 26.63 0.54 18.73
CA GLU A 1174 25.70 1.61 18.38
C GLU A 1174 26.33 2.98 18.58
N PRO A 1175 27.31 3.34 17.73
CA PRO A 1175 28.07 4.59 17.85
C PRO A 1175 27.15 5.82 17.86
N ASN A 1176 26.04 5.70 17.15
CA ASN A 1176 24.95 6.65 17.25
C ASN A 1176 23.68 5.86 17.53
N PRO A 1177 22.69 6.46 18.20
CA PRO A 1177 21.45 5.73 18.51
C PRO A 1177 20.81 5.11 17.28
N TYR A 1178 20.57 3.80 17.34
CA TYR A 1178 19.90 3.01 16.29
C TYR A 1178 20.77 2.82 15.04
N PHE A 1179 22.01 3.28 15.09
CA PHE A 1179 22.93 3.12 13.97
C PHE A 1179 23.72 1.82 14.13
N TYR A 1180 22.98 0.71 14.17
CA TYR A 1180 23.55 -0.60 14.52
C TYR A 1180 24.69 -1.05 13.63
N GLN A 1181 25.76 -1.55 14.26
CA GLN A 1181 26.92 -2.06 13.55
C GLN A 1181 27.45 -3.33 14.21
N ASN A 1182 28.41 -3.97 13.56
CA ASN A 1182 29.06 -5.16 14.11
C ASN A 1182 30.44 -5.32 13.49
N LEU A 1183 31.46 -4.78 14.17
CA LEU A 1183 32.82 -4.72 13.64
C LEU A 1183 33.36 -6.10 13.29
N GLY A 1184 33.07 -7.09 14.13
CA GLY A 1184 33.50 -8.45 13.88
C GLY A 1184 32.94 -9.00 12.58
N GLU A 1185 31.65 -8.75 12.35
CA GLU A 1185 31.00 -9.21 11.13
C GLU A 1185 31.48 -8.43 9.92
N ALA A 1186 31.54 -7.10 10.04
CA ALA A 1186 31.96 -6.23 8.96
C ALA A 1186 33.36 -6.61 8.46
N GLU A 1187 34.31 -6.67 9.38
CA GLU A 1187 35.69 -7.04 9.04
C GLU A 1187 35.77 -8.40 8.36
N TYR A 1188 34.98 -9.35 8.84
CA TYR A 1188 34.95 -10.69 8.27
C TYR A 1188 34.41 -10.66 6.84
N VAL A 1189 33.34 -9.90 6.63
CA VAL A 1189 32.73 -9.79 5.31
C VAL A 1189 33.69 -9.18 4.30
N VAL A 1190 34.31 -8.07 4.68
CA VAL A 1190 35.29 -7.39 3.84
C VAL A 1190 36.47 -8.31 3.54
N ALA A 1191 36.91 -9.05 4.56
CA ALA A 1191 38.02 -9.98 4.40
C ALA A 1191 37.68 -11.09 3.41
N LEU A 1192 36.43 -11.54 3.43
CA LEU A 1192 35.97 -12.55 2.49
C LEU A 1192 35.92 -11.98 1.08
N PHE A 1193 35.45 -10.75 0.96
CA PHE A 1193 35.41 -10.05 -0.32
C PHE A 1193 36.81 -9.92 -0.90
N TYR A 1195 39.43 -11.86 -0.06
CA TYR A 1195 39.81 -13.23 -0.38
C TYR A 1195 39.38 -13.62 -1.79
N CYS A 1197 38.45 -11.58 -4.31
CA CYS A 1197 39.14 -10.75 -5.30
C CYS A 1197 40.56 -11.27 -5.56
N LEU A 1198 41.24 -11.69 -4.50
CA LEU A 1198 42.59 -12.22 -4.61
C LEU A 1198 42.60 -13.59 -5.28
N LEU A 1199 41.45 -14.25 -5.31
CA LEU A 1199 41.31 -15.52 -6.03
C LEU A 1199 41.04 -15.28 -7.51
N GLY A 1200 40.62 -14.07 -7.83
CA GLY A 1200 40.36 -13.71 -9.22
C GLY A 1200 38.89 -13.56 -9.54
N TYR A 1201 38.05 -13.48 -8.52
CA TYR A 1201 36.62 -13.22 -8.71
C TYR A 1201 36.40 -11.89 -9.41
N PRO A 1202 35.36 -11.81 -10.24
CA PRO A 1202 34.99 -10.50 -10.77
C PRO A 1202 34.35 -9.69 -9.65
N ALA A 1203 35.07 -8.69 -9.13
CA ALA A 1203 34.60 -7.92 -7.98
C ALA A 1203 33.20 -7.34 -8.19
N ASP A 1204 32.88 -7.04 -9.44
CA ASP A 1204 31.58 -6.48 -9.79
C ASP A 1204 30.44 -7.50 -9.64
N LYS A 1205 30.79 -8.79 -9.71
CA LYS A 1205 29.81 -9.86 -9.56
C LYS A 1205 29.48 -10.13 -8.09
N ILE A 1206 30.12 -9.40 -7.21
CA ILE A 1206 29.87 -9.52 -5.78
C ILE A 1206 29.19 -8.27 -5.25
N SER A 1207 28.07 -8.45 -4.57
CA SER A 1207 27.41 -7.35 -3.87
C SER A 1207 27.32 -7.68 -2.39
N ILE A 1208 27.41 -6.64 -1.56
CA ILE A 1208 27.40 -6.84 -0.12
C ILE A 1208 26.14 -6.24 0.50
N LEU A 1209 25.42 -7.08 1.24
CA LEU A 1209 24.15 -6.66 1.83
C LEU A 1209 24.17 -6.76 3.35
N THR A 1210 23.36 -5.94 4.00
CA THR A 1210 23.20 -5.98 5.43
C THR A 1210 21.82 -5.45 5.79
N THR A 1211 21.36 -5.71 7.01
CA THR A 1211 19.99 -5.34 7.39
C THR A 1211 19.91 -3.96 8.04
N TYR A 1212 21.06 -3.32 8.25
CA TYR A 1212 21.09 -2.03 8.91
C TYR A 1212 22.01 -1.04 8.20
N ASN A 1213 21.56 0.21 8.11
CA ASN A 1213 22.32 1.25 7.44
C ASN A 1213 23.62 1.55 8.16
N GLY A 1214 23.60 1.43 9.48
CA GLY A 1214 24.79 1.63 10.29
C GLY A 1214 25.91 0.70 9.87
N GLN A 1215 25.56 -0.56 9.63
CA GLN A 1215 26.55 -1.56 9.22
C GLN A 1215 26.97 -1.32 7.77
N LYS A 1216 26.06 -0.80 6.96
CA LYS A 1216 26.36 -0.50 5.57
C LYS A 1216 27.50 0.50 5.45
N HIS A 1217 27.38 1.60 6.17
CA HIS A 1217 28.39 2.64 6.17
C HIS A 1217 29.71 2.14 6.75
N LEU A 1218 29.62 1.24 7.73
CA LEU A 1218 30.81 0.69 8.36
C LEU A 1218 31.57 -0.26 7.43
N ILE A 1219 30.82 -1.08 6.69
CA ILE A 1219 31.44 -1.97 5.71
C ILE A 1219 32.11 -1.15 4.61
N ARG A 1220 31.42 -0.09 4.16
CA ARG A 1220 31.99 0.84 3.19
C ARG A 1220 33.27 1.48 3.73
N ASP A 1221 33.20 1.90 5.00
CA ASP A 1221 34.34 2.51 5.68
C ASP A 1221 35.56 1.60 5.64
N ILE A 1222 35.32 0.31 5.91
CA ILE A 1222 36.38 -0.69 5.93
C ILE A 1222 36.87 -1.02 4.52
N ILE A 1223 35.95 -0.99 3.56
CA ILE A 1223 36.32 -1.21 2.16
C ILE A 1223 37.36 -0.19 1.71
N ASN A 1224 37.11 1.08 2.01
CA ASN A 1224 38.02 2.16 1.64
C ASN A 1224 39.32 2.15 2.44
N ARG A 1225 39.25 1.71 3.69
CA ARG A 1225 40.41 1.77 4.58
C ARG A 1225 41.27 0.50 4.56
N ARG A 1226 40.79 -0.56 3.90
CA ARG A 1226 41.56 -1.79 3.83
C ARG A 1226 41.92 -2.13 2.39
N CYS A 1227 40.99 -1.94 1.46
CA CYS A 1227 41.29 -2.10 0.05
C CYS A 1227 42.01 -0.85 -0.45
N GLY A 1228 41.29 0.28 -0.44
CA GLY A 1228 41.88 1.56 -0.79
C GLY A 1228 42.44 1.65 -2.18
N ASN A 1229 43.76 1.79 -2.27
CA ASN A 1229 44.44 1.88 -3.56
C ASN A 1229 45.12 0.56 -3.91
N ASN A 1230 44.37 -0.53 -3.75
CA ASN A 1230 44.88 -1.87 -4.04
C ASN A 1230 44.52 -2.29 -5.46
N PRO A 1231 45.54 -2.57 -6.29
CA PRO A 1231 45.31 -2.96 -7.68
C PRO A 1231 44.67 -4.34 -7.81
N LEU A 1232 44.95 -5.22 -6.86
CA LEU A 1232 44.47 -6.60 -6.91
C LEU A 1232 43.03 -6.73 -6.44
N ILE A 1233 42.49 -5.65 -5.86
CA ILE A 1233 41.17 -5.68 -5.26
C ILE A 1233 40.26 -4.59 -5.81
N GLY A 1234 39.18 -4.99 -6.46
CA GLY A 1234 38.23 -4.05 -7.02
C GLY A 1234 37.21 -3.59 -5.98
N ARG A 1235 36.06 -3.15 -6.47
CA ARG A 1235 34.97 -2.75 -5.59
C ARG A 1235 33.74 -3.60 -5.90
N PRO A 1236 32.97 -3.95 -4.86
CA PRO A 1236 31.75 -4.71 -5.10
C PRO A 1236 30.75 -3.83 -5.85
N ASN A 1237 29.86 -4.43 -6.63
CA ASN A 1237 28.89 -3.64 -7.39
C ASN A 1237 28.12 -2.68 -6.48
N LYS A 1238 27.65 -3.20 -5.35
CA LYS A 1238 26.98 -2.38 -4.35
C LYS A 1238 27.31 -2.82 -2.93
N VAL A 1239 27.31 -1.84 -2.03
CA VAL A 1239 27.28 -2.09 -0.60
C VAL A 1239 26.05 -1.38 -0.07
N THR A 1240 25.00 -2.14 0.22
CA THR A 1240 23.73 -1.54 0.60
C THR A 1240 22.90 -2.46 1.51
N THR A 1241 21.72 -1.97 1.89
CA THR A 1241 20.83 -2.75 2.74
C THR A 1241 19.93 -3.67 1.92
N VAL A 1242 19.43 -4.72 2.57
CA VAL A 1242 18.54 -5.68 1.92
C VAL A 1242 17.27 -4.99 1.41
N ASP A 1243 16.78 -4.03 2.18
CA ASP A 1243 15.58 -3.28 1.80
C ASP A 1243 15.78 -2.45 0.54
N ARG A 1244 17.03 -2.06 0.27
CA ARG A 1244 17.34 -1.24 -0.90
C ARG A 1244 17.80 -2.10 -2.07
N PHE A 1245 17.68 -3.42 -1.93
CA PHE A 1245 18.14 -4.34 -2.95
C PHE A 1245 16.98 -5.18 -3.48
N GLN A 1246 15.76 -4.72 -3.23
CA GLN A 1246 14.57 -5.39 -3.74
C GLN A 1246 14.56 -5.40 -5.26
N GLY A 1247 14.21 -6.55 -5.84
CA GLY A 1247 14.16 -6.69 -7.28
C GLY A 1247 15.53 -6.75 -7.93
N GLN A 1248 16.58 -6.66 -7.11
CA GLN A 1248 17.95 -6.72 -7.61
C GLN A 1248 18.63 -8.02 -7.22
N GLN A 1249 19.76 -8.30 -7.86
CA GLN A 1249 20.50 -9.53 -7.62
C GLN A 1249 21.94 -9.39 -8.09
N ASN A 1250 22.79 -10.28 -7.60
CA ASN A 1250 24.12 -10.45 -8.14
C ASN A 1250 24.49 -11.92 -8.04
N ASP A 1251 25.61 -12.31 -8.65
CA ASP A 1251 26.02 -13.70 -8.60
C ASP A 1251 26.36 -14.12 -7.17
N TYR A 1252 27.07 -13.25 -6.46
CA TYR A 1252 27.49 -13.55 -5.10
C TYR A 1252 27.10 -12.44 -4.14
N ILE A 1253 26.47 -12.85 -3.04
CA ILE A 1253 26.01 -11.92 -2.03
C ILE A 1253 26.67 -12.20 -0.69
N LEU A 1254 27.25 -11.16 -0.09
CA LEU A 1254 27.82 -11.27 1.24
C LEU A 1254 26.89 -10.55 2.21
N LEU A 1255 26.35 -11.29 3.17
CA LEU A 1255 25.27 -10.78 4.01
C LEU A 1255 25.66 -10.72 5.49
N SER A 1256 25.45 -9.55 6.09
CA SER A 1256 25.73 -9.35 7.52
C SER A 1256 24.44 -9.02 8.27
N LEU A 1257 24.13 -9.83 9.29
CA LEU A 1257 22.86 -9.69 10.02
C LEU A 1257 23.01 -8.82 11.28
N VAL A 1258 24.26 -8.54 11.65
CA VAL A 1258 24.62 -7.49 12.60
C VAL A 1258 24.26 -7.74 14.08
N ARG A 1259 23.02 -8.13 14.34
CA ARG A 1259 22.50 -8.13 15.70
C ARG A 1259 23.03 -9.24 16.60
N THR A 1260 23.23 -8.91 17.88
CA THR A 1260 23.66 -9.88 18.88
C THR A 1260 22.78 -9.84 20.14
N ARG A 1261 22.13 -8.69 20.37
CA ARG A 1261 21.28 -8.52 21.54
C ARG A 1261 19.84 -8.95 21.28
N ALA A 1262 19.27 -8.44 20.19
CA ALA A 1262 17.89 -8.75 19.82
C ALA A 1262 17.78 -8.98 18.32
N VAL A 1263 16.79 -9.76 17.89
CA VAL A 1263 16.67 -10.16 16.49
C VAL A 1263 16.34 -8.98 15.57
N GLY A 1264 15.48 -8.08 16.02
CA GLY A 1264 15.15 -6.90 15.25
C GLY A 1264 14.27 -7.20 14.05
N HIS A 1265 14.25 -6.29 13.07
CA HIS A 1265 13.25 -6.33 12.02
C HIS A 1265 13.44 -7.45 10.99
N LEU A 1266 14.46 -8.29 11.18
CA LEU A 1266 14.61 -9.47 10.33
C LEU A 1266 13.57 -10.53 10.70
N ARG A 1267 12.94 -10.37 11.86
CA ARG A 1267 11.91 -11.30 12.30
C ARG A 1267 10.72 -11.29 11.33
N ASP A 1268 10.56 -10.17 10.62
CA ASP A 1268 9.61 -10.09 9.51
C ASP A 1268 10.08 -11.04 8.42
N VAL A 1269 9.36 -12.14 8.26
CA VAL A 1269 9.74 -13.21 7.33
C VAL A 1269 9.87 -12.70 5.89
N ARG A 1270 9.16 -11.63 5.55
CA ARG A 1270 9.26 -11.04 4.22
C ARG A 1270 10.66 -10.48 3.98
N ARG A 1271 11.23 -9.85 5.01
CA ARG A 1271 12.59 -9.35 4.93
C ARG A 1271 13.57 -10.51 4.82
N LEU A 1272 13.25 -11.61 5.50
CA LEU A 1272 14.05 -12.83 5.42
C LEU A 1272 14.08 -13.39 4.01
N VAL A 1273 12.90 -13.54 3.41
CA VAL A 1273 12.77 -14.11 2.07
C VAL A 1273 13.54 -13.29 1.04
N VAL A 1274 13.43 -11.97 1.12
CA VAL A 1274 14.16 -11.10 0.22
C VAL A 1274 15.67 -11.28 0.41
N ALA A 1275 16.09 -11.36 1.67
CA ALA A 1275 17.50 -11.54 2.01
C ALA A 1275 18.04 -12.88 1.52
N SER A 1277 17.17 -14.43 -1.19
CA SER A 1277 16.95 -14.63 -2.62
C SER A 1277 17.61 -13.59 -3.53
N ARG A 1278 18.65 -12.92 -3.04
CA ARG A 1278 19.34 -11.92 -3.84
C ARG A 1278 20.52 -12.50 -4.61
N ALA A 1279 20.84 -13.76 -4.35
CA ALA A 1279 22.03 -14.38 -4.93
C ALA A 1279 21.69 -15.40 -6.00
N ARG A 1280 22.41 -15.34 -7.12
CA ARG A 1280 22.26 -16.31 -8.19
C ARG A 1280 23.05 -17.58 -7.91
N LEU A 1281 24.27 -17.42 -7.41
CA LEU A 1281 25.23 -18.51 -7.34
C LEU A 1281 25.87 -18.71 -5.96
N GLY A 1282 25.96 -17.64 -5.17
CA GLY A 1282 26.63 -17.71 -3.89
C GLY A 1282 26.09 -16.80 -2.83
N LEU A 1283 25.78 -17.37 -1.67
CA LEU A 1283 25.27 -16.59 -0.54
C LEU A 1283 26.07 -16.92 0.74
N TYR A 1284 26.71 -15.92 1.31
CA TYR A 1284 27.49 -16.14 2.52
C TYR A 1284 27.10 -15.16 3.60
N ILE A 1285 26.60 -15.72 4.69
CA ILE A 1285 25.93 -14.94 5.72
C ILE A 1285 26.74 -14.94 7.02
N PHE A 1286 26.87 -13.76 7.62
CA PHE A 1286 27.62 -13.61 8.86
C PHE A 1286 26.72 -13.10 9.96
N ALA A 1287 26.57 -13.90 11.01
CA ALA A 1287 25.65 -13.59 12.09
C ALA A 1287 25.98 -14.30 13.38
N ARG A 1288 25.42 -13.80 14.48
CA ARG A 1288 25.39 -14.54 15.73
C ARG A 1288 24.30 -15.58 15.59
N VAL A 1289 24.70 -16.79 15.21
CA VAL A 1289 23.76 -17.85 14.82
C VAL A 1289 22.76 -18.21 15.92
N SER A 1290 23.19 -18.20 17.16
CA SER A 1290 22.34 -18.58 18.28
C SER A 1290 21.13 -17.67 18.44
N LEU A 1291 21.34 -16.37 18.25
CA LEU A 1291 20.28 -15.39 18.40
C LEU A 1291 19.12 -15.63 17.43
N PHE A 1292 19.44 -15.93 16.18
CA PHE A 1292 18.44 -16.07 15.13
C PHE A 1292 17.84 -17.47 15.09
N GLN A 1293 18.58 -18.44 15.61
CA GLN A 1293 18.08 -19.80 15.73
C GLN A 1293 16.89 -19.87 16.69
N ASN A 1294 16.92 -19.01 17.71
CA ASN A 1294 15.88 -19.00 18.73
C ASN A 1294 14.58 -18.37 18.25
N CYS A 1295 14.63 -17.70 17.11
CA CYS A 1295 13.45 -17.02 16.57
C CYS A 1295 12.58 -17.99 15.78
N PHE A 1296 11.36 -18.22 16.28
CA PHE A 1296 10.47 -19.23 15.71
C PHE A 1296 10.12 -18.98 14.24
N GLU A 1297 9.89 -17.72 13.89
CA GLU A 1297 9.48 -17.38 12.54
C GLU A 1297 10.57 -17.62 11.51
N LEU A 1298 11.83 -17.61 11.96
CA LEU A 1298 12.97 -17.73 11.05
C LEU A 1298 13.47 -19.17 10.91
N THR A 1299 12.83 -20.08 11.64
CA THR A 1299 13.27 -21.47 11.71
C THR A 1299 13.37 -22.22 10.36
N PRO A 1300 12.38 -22.07 9.46
CA PRO A 1300 12.49 -22.83 8.21
C PRO A 1300 13.72 -22.49 7.36
N ALA A 1301 14.25 -21.28 7.52
CA ALA A 1301 15.47 -20.90 6.80
C ALA A 1301 16.72 -21.34 7.55
N PHE A 1302 16.76 -21.03 8.84
CA PHE A 1302 17.96 -21.25 9.64
C PHE A 1302 18.20 -22.72 9.99
N SER A 1303 17.15 -23.53 9.99
CA SER A 1303 17.33 -24.97 10.21
C SER A 1303 18.04 -25.57 9.00
N GLN A 1304 17.87 -24.94 7.84
CA GLN A 1304 18.58 -25.33 6.63
C GLN A 1304 20.02 -24.82 6.65
N LEU A 1305 20.19 -23.58 7.13
CA LEU A 1305 21.50 -22.94 7.16
C LEU A 1305 22.44 -23.59 8.17
N THR A 1306 21.88 -24.12 9.26
CA THR A 1306 22.69 -24.77 10.29
C THR A 1306 22.87 -26.26 10.00
N ALA A 1307 22.40 -26.70 8.85
CA ALA A 1307 22.65 -28.06 8.40
C ALA A 1307 24.05 -28.17 7.81
N ARG A 1308 24.67 -27.00 7.64
CA ARG A 1308 26.04 -26.90 7.15
C ARG A 1308 26.90 -26.27 8.25
N PRO A 1309 28.23 -26.42 8.19
CA PRO A 1309 29.10 -25.86 9.23
C PRO A 1309 28.93 -24.36 9.41
N LEU A 1310 29.22 -23.88 10.62
CA LEU A 1310 29.13 -22.45 10.92
C LEU A 1310 30.53 -21.83 10.92
N HIS A 1311 31.50 -22.60 10.45
CA HIS A 1311 32.85 -22.10 10.23
C HIS A 1311 33.15 -22.15 8.73
N LEU A 1312 33.62 -21.02 8.19
CA LEU A 1312 33.85 -20.88 6.76
C LEU A 1312 34.86 -21.88 6.21
N HIS A 1313 34.42 -22.69 5.25
CA HIS A 1313 35.30 -23.66 4.58
C HIS A 1313 35.89 -23.07 3.31
N ILE A 1314 37.20 -22.83 3.31
CA ILE A 1314 37.86 -22.24 2.16
C ILE A 1314 38.75 -23.24 1.43
N ILE A 1315 39.02 -22.96 0.17
CA ILE A 1315 39.91 -23.77 -0.65
C ILE A 1315 40.85 -22.82 -1.41
N PRO A 1316 41.83 -22.25 -0.69
CA PRO A 1316 42.62 -21.11 -1.17
C PRO A 1316 43.55 -21.39 -2.35
N THR A 1317 43.71 -22.66 -2.73
CA THR A 1317 44.56 -22.98 -3.87
C THR A 1317 43.75 -23.18 -5.14
N GLU A 1318 42.46 -22.84 -5.05
CA GLU A 1318 41.57 -22.95 -6.21
C GLU A 1318 41.15 -21.57 -6.69
N PRO A 1319 41.78 -21.09 -7.77
CA PRO A 1319 41.53 -19.75 -8.31
C PRO A 1319 40.20 -19.63 -9.02
N PHE A 1320 39.68 -18.41 -9.14
CA PHE A 1320 38.50 -18.16 -9.95
C PHE A 1320 38.93 -18.02 -11.42
N PRO A 1321 38.18 -18.66 -12.33
CA PRO A 1321 37.06 -19.55 -12.04
C PRO A 1321 37.48 -21.01 -11.94
N THR A 1322 36.59 -21.86 -11.44
CA THR A 1322 36.87 -23.28 -11.31
C THR A 1322 35.91 -24.12 -12.14
N THR A 1323 36.28 -25.37 -12.38
CA THR A 1323 35.40 -26.30 -13.09
C THR A 1323 34.91 -27.39 -12.13
N ARG A 1324 35.24 -27.23 -10.85
CA ARG A 1324 34.75 -28.14 -9.82
C ARG A 1324 33.23 -28.04 -9.72
N LYS A 1325 32.56 -29.19 -9.65
CA LYS A 1325 31.11 -29.24 -9.59
C LYS A 1325 30.62 -29.21 -8.13
N ASN A 1326 29.35 -28.83 -7.96
CA ASN A 1326 28.77 -28.61 -6.64
C ASN A 1326 28.87 -29.79 -5.68
N GLY A 1327 28.77 -31.00 -6.21
CA GLY A 1327 28.71 -32.19 -5.37
C GLY A 1327 30.01 -32.95 -5.19
N GLU A 1328 30.94 -32.77 -6.12
CA GLU A 1328 32.16 -33.57 -6.12
C GLU A 1328 33.19 -33.11 -5.09
N ARG A 1329 33.81 -34.08 -4.44
CA ARG A 1329 34.89 -33.84 -3.47
C ARG A 1329 36.07 -33.13 -4.14
N PRO A 1330 36.52 -32.01 -3.55
CA PRO A 1330 37.51 -31.14 -4.17
C PRO A 1330 38.91 -31.75 -4.26
N SER A 1331 39.62 -31.43 -5.35
CA SER A 1331 40.98 -31.90 -5.55
C SER A 1331 42.00 -30.89 -5.03
N HIS A 1332 41.65 -30.22 -3.94
CA HIS A 1332 42.55 -29.31 -3.26
C HIS A 1332 42.38 -29.46 -1.75
N GLU A 1333 43.19 -28.72 -0.98
CA GLU A 1333 43.07 -28.73 0.46
C GLU A 1333 41.90 -27.86 0.93
N VAL A 1334 41.12 -28.38 1.87
CA VAL A 1334 40.06 -27.60 2.50
C VAL A 1334 40.49 -27.14 3.88
N GLN A 1335 40.67 -25.84 4.05
CA GLN A 1335 41.00 -25.28 5.35
C GLN A 1335 39.77 -24.65 6.00
N ILE A 1336 39.67 -24.78 7.31
CA ILE A 1336 38.52 -24.27 8.04
C ILE A 1336 38.91 -23.03 8.85
N ILE A 1337 38.37 -21.88 8.46
CA ILE A 1337 38.57 -20.64 9.20
C ILE A 1337 37.58 -20.58 10.36
N LYS A 1338 38.09 -20.54 11.58
CA LYS A 1338 37.21 -20.64 12.74
C LYS A 1338 36.76 -19.28 13.30
N ASN A 1339 37.34 -18.19 12.80
CA ASN A 1339 36.90 -16.85 13.20
C ASN A 1339 37.41 -15.75 12.28
N PRO A 1341 39.40 -12.94 13.02
CA PRO A 1341 40.82 -12.60 13.06
C PRO A 1341 41.71 -13.59 12.31
N GLN A 1342 41.36 -14.87 12.36
CA GLN A 1342 42.08 -15.89 11.61
C GLN A 1342 41.97 -15.64 10.11
N ALA A 1344 41.27 -12.56 8.66
CA ALA A 1344 41.97 -11.31 8.37
C ALA A 1344 43.48 -11.53 8.35
N ASN A 1345 43.95 -12.48 9.15
CA ASN A 1345 45.34 -12.93 9.10
C ASN A 1345 45.64 -13.57 7.76
N PHE A 1346 44.83 -14.57 7.42
CA PHE A 1346 45.00 -15.35 6.19
C PHE A 1346 45.01 -14.47 4.94
N VAL A 1347 44.08 -13.53 4.88
CA VAL A 1347 43.96 -12.65 3.72
C VAL A 1347 45.16 -11.72 3.62
N TYR A 1348 45.68 -11.30 4.77
CA TYR A 1348 46.87 -10.45 4.78
C TYR A 1348 48.08 -11.20 4.23
N ASN A 1349 48.29 -12.41 4.74
CA ASN A 1349 49.38 -13.26 4.27
C ASN A 1349 49.24 -13.63 2.81
N TYR A 1351 47.69 -11.91 0.53
CA TYR A 1351 47.92 -10.71 -0.26
C TYR A 1351 49.40 -10.34 -0.32
N HIS A 1353 51.75 -12.31 -0.21
CA HIS A 1353 52.37 -13.30 -1.09
C HIS A 1353 52.07 -12.96 -2.54
N LEU A 1354 50.93 -12.33 -2.77
CA LEU A 1354 50.50 -11.96 -4.13
C LEU A 1354 51.12 -10.63 -4.57
N ILE A 1355 51.51 -9.80 -3.62
CA ILE A 1355 52.14 -8.53 -3.95
C ILE A 1355 53.59 -8.79 -4.36
N GLN A 1356 54.19 -9.84 -3.81
CA GLN A 1356 55.56 -10.20 -4.12
C GLN A 1356 55.65 -10.98 -5.42
N THR A 1357 54.60 -11.73 -5.73
CA THR A 1357 54.62 -12.63 -6.88
C THR A 1357 53.91 -12.06 -8.11
N THR A 1358 53.11 -11.01 -7.93
CA THR A 1358 52.45 -10.36 -9.06
C THR A 1358 52.53 -8.84 -8.97
N HIS A 1359 52.08 -8.17 -10.03
CA HIS A 1359 52.07 -6.72 -10.09
C HIS A 1359 51.17 -6.23 -11.23
N HIS A 1360 50.01 -5.70 -10.88
CA HIS A 1360 49.08 -5.18 -11.88
C HIS A 1360 49.15 -3.65 -11.87
N TYR A 1361 48.51 -2.98 -12.85
CA TYR A 1361 48.99 -1.65 -13.25
C TYR A 1361 48.05 -0.47 -13.48
N HIS A 1362 46.80 -0.50 -13.03
CA HIS A 1362 45.88 0.59 -13.39
C HIS A 1362 46.32 1.98 -12.90
N GLN A 1363 46.26 2.96 -13.80
CA GLN A 1363 46.45 4.36 -13.41
C GLN A 1363 45.47 5.29 -14.13
#